data_3W3J
#
_entry.id   3W3J
#
_cell.length_a   71.380
_cell.length_b   148.750
_cell.length_c   85.770
_cell.angle_alpha   90.000
_cell.angle_beta   103.390
_cell.angle_gamma   90.000
#
_symmetry.space_group_name_H-M   'P 1 21 1'
#
loop_
_entity.id
_entity.type
_entity.pdbx_description
1 polymer 'Toll-like receptor 8'
2 branched alpha-D-mannopyranose-(1-3)-beta-D-mannopyranose-(1-4)-2-acetamido-2-deoxy-beta-D-glucopyranose-(1-4)-2-acetamido-2-deoxy-beta-D-glucopyranose
3 branched 2-acetamido-2-deoxy-beta-D-glucopyranose-(1-4)-2-acetamido-2-deoxy-beta-D-glucopyranose
4 branched beta-D-mannopyranose-(1-4)-2-acetamido-2-deoxy-beta-D-glucopyranose-(1-4)-2-acetamido-2-deoxy-beta-D-glucopyranose
5 non-polymer 2-acetamido-2-deoxy-beta-D-glucopyranose
6 non-polymer 2-(ethoxymethyl)-1H-imidazo[4,5-c]quinolin-4-amine
7 non-polymer 'SULFATE ION'
8 non-polymer GLYCEROL
9 water water
#
_entity_poly.entity_id   1
_entity_poly.type   'polypeptide(L)'
_entity_poly.pdbx_seq_one_letter_code
;RSPWEENFSRSYPCDEKKQNDSVIAECSNRRLQEVPQTVGKYVTELDLSDNFITHITNESFQGLQNLTKINLNHNPNVQH
QNGNPGIQSNGLNITDGAFLNLKNLRELLLEDNQLPQIPSGLPESLTELSLIQNNIYNITKEGISRLINLKNLYLAWNCY
FNKVCEKTNIEDGVFETLTNLELLSLSFNSLSHVPPKLPSSLRKLFLSNTQIKYISEEDFKGLINLTLLDLSGNCPRCFN
APFPCVPCDGGASINIDRFAFQNLTQLRYLNLSSTSLRKINAAWFKNMPHLKVLDLEFNYLVGEIASGAFLTMLPRLEIL
DLSFNYIKGSYPQHINISRNFSKLLSLRALHLRGYVFQELREDDFQPLMQLPNLSTINLGINFIKQIDFKLFQNFSNLEI
IYLSENRISPLVKDTRQSYANSSSFQRHIRKRRSTDFEFDPHSNFYHFTRPLIKPQCAAYGKALDLSLNSIFFIGPNQFE
NLPDIACLNLSANSNAQVLSGTEFSAIPHVKYLDLTNNRLDFDNASALTELSDLEVLDLSYNSHYFRIAGVTHHLEFIQN
FTNLKVLNLSHNNIYTLTDKYNLESKSLVELVFSGNRLDILWNDDDNRYISIFKGLKNLTRLDLSLNRLKHIPNEAFLNL
PASLTELHINDNMLKFFNWTLLQQFPRLELLDLRGNKLLFLTDSLSDFTSSLRTLLLSHNRISHLPSGFLSEVSSLKHLD
LSSNLLKTINKSALETKTTTKLSMLELHGNPFECTCDIGDFRRWMDEHLNVKIPRLVDVICASPGDQRGKSIVSLELTTC
VSDVTEFLVPR
;
_entity_poly.pdbx_strand_id   A,B
#
# COMPACT_ATOMS: atom_id res chain seq x y z
N SER A 9 26.35 -10.30 34.81
CA SER A 9 26.40 -11.07 33.57
C SER A 9 25.08 -10.97 32.79
N ARG A 10 25.18 -10.69 31.50
CA ARG A 10 24.03 -10.50 30.63
C ARG A 10 23.16 -11.73 30.50
N SER A 11 21.86 -11.56 30.69
CA SER A 11 20.92 -12.69 30.60
C SER A 11 20.77 -13.18 29.15
N TYR A 12 20.96 -14.47 28.95
CA TYR A 12 20.80 -15.08 27.64
C TYR A 12 20.30 -16.52 27.79
N PRO A 13 19.32 -16.91 26.95
CA PRO A 13 18.75 -16.15 25.83
C PRO A 13 17.61 -15.23 26.24
N CYS A 14 17.07 -15.41 27.44
CA CYS A 14 15.92 -14.61 27.87
C CYS A 14 16.29 -13.18 28.24
N ASP A 15 15.42 -12.23 27.91
CA ASP A 15 15.55 -10.86 28.40
C ASP A 15 14.92 -10.79 29.79
N GLU A 16 15.75 -10.72 30.83
CA GLU A 16 15.23 -10.70 32.18
C GLU A 16 15.02 -9.27 32.71
N LYS A 17 13.82 -9.03 33.25
CA LYS A 17 13.46 -7.73 33.80
C LYS A 17 12.78 -7.92 35.15
N LYS A 18 13.07 -7.02 36.09
CA LYS A 18 12.68 -7.23 37.49
C LYS A 18 11.33 -6.61 37.89
N GLN A 19 10.44 -6.41 36.93
CA GLN A 19 9.10 -5.90 37.22
C GLN A 19 8.32 -6.83 38.16
N VAL A 23 10.28 -10.70 39.20
CA VAL A 23 11.37 -11.03 38.29
C VAL A 23 10.86 -11.89 37.12
N ILE A 24 10.75 -11.28 35.95
CA ILE A 24 10.23 -11.98 34.78
C ILE A 24 11.36 -12.28 33.81
N ALA A 25 11.28 -13.45 33.17
CA ALA A 25 12.23 -13.82 32.14
C ALA A 25 11.50 -13.93 30.83
N GLU A 26 11.33 -12.81 30.14
CA GLU A 26 10.76 -12.84 28.81
C GLU A 26 11.73 -13.55 27.88
N CYS A 27 11.31 -14.70 27.39
CA CYS A 27 12.17 -15.54 26.56
C CYS A 27 11.36 -16.06 25.39
N SER A 28 10.39 -15.27 24.98
CA SER A 28 9.45 -15.67 23.93
C SER A 28 10.03 -15.49 22.52
N ASN A 29 9.60 -16.37 21.61
CA ASN A 29 9.93 -16.24 20.19
C ASN A 29 11.43 -16.20 19.91
N ARG A 30 12.20 -16.97 20.68
CA ARG A 30 13.66 -16.98 20.53
C ARG A 30 14.18 -18.30 19.99
N ARG A 31 13.40 -18.91 19.10
CA ARG A 31 13.78 -20.15 18.40
C ARG A 31 14.34 -21.24 19.31
N LEU A 32 14.03 -21.16 20.60
CA LEU A 32 14.51 -22.13 21.56
C LEU A 32 13.94 -23.51 21.23
N GLN A 33 14.80 -24.52 21.22
CA GLN A 33 14.34 -25.87 20.94
C GLN A 33 14.16 -26.67 22.22
N GLU A 34 14.48 -26.05 23.34
CA GLU A 34 14.27 -26.66 24.66
C GLU A 34 14.30 -25.60 25.75
N VAL A 35 13.90 -26.01 26.96
CA VAL A 35 13.95 -25.13 28.11
C VAL A 35 15.38 -24.72 28.41
N PRO A 36 15.65 -23.41 28.43
CA PRO A 36 17.01 -22.89 28.64
C PRO A 36 17.57 -23.26 30.00
N GLN A 37 18.72 -23.94 30.01
CA GLN A 37 19.40 -24.27 31.26
C GLN A 37 20.36 -23.13 31.65
N THR A 38 20.14 -21.97 31.05
CA THR A 38 20.93 -20.78 31.34
C THR A 38 20.05 -19.66 31.91
N VAL A 39 18.91 -20.04 32.50
CA VAL A 39 17.99 -19.06 33.09
C VAL A 39 18.51 -18.60 34.45
N GLY A 40 18.45 -17.30 34.69
CA GLY A 40 18.82 -16.74 35.99
C GLY A 40 18.01 -17.38 37.11
N LYS A 41 18.68 -17.61 38.23
CA LYS A 41 18.07 -18.34 39.35
C LYS A 41 16.85 -17.64 39.95
N TYR A 42 16.96 -16.33 40.15
CA TYR A 42 15.90 -15.57 40.83
C TYR A 42 14.66 -15.31 39.96
N VAL A 43 14.53 -16.01 38.84
CA VAL A 43 13.35 -15.89 38.01
C VAL A 43 12.17 -16.61 38.68
N THR A 44 10.99 -16.01 38.61
CA THR A 44 9.78 -16.60 39.17
C THR A 44 8.73 -16.70 38.08
N GLU A 45 8.86 -15.82 37.09
CA GLU A 45 7.92 -15.82 35.98
C GLU A 45 8.69 -16.01 34.67
N LEU A 46 8.40 -17.12 34.00
CA LEU A 46 9.16 -17.55 32.83
C LEU A 46 8.24 -17.69 31.63
N ASP A 47 8.47 -16.85 30.62
CA ASP A 47 7.67 -16.89 29.41
C ASP A 47 8.44 -17.56 28.28
N LEU A 48 7.95 -18.72 27.84
CA LEU A 48 8.64 -19.54 26.85
C LEU A 48 7.78 -19.71 25.60
N SER A 49 6.82 -18.81 25.42
CA SER A 49 5.86 -18.94 24.33
C SER A 49 6.52 -18.77 22.97
N ASP A 50 5.90 -19.35 21.94
CA ASP A 50 6.35 -19.21 20.56
C ASP A 50 7.78 -19.70 20.27
N ASN A 51 8.24 -20.71 20.99
CA ASN A 51 9.54 -21.32 20.68
C ASN A 51 9.39 -22.67 19.98
N PHE A 52 10.38 -23.55 20.12
CA PHE A 52 10.34 -24.84 19.46
C PHE A 52 10.44 -25.99 20.45
N ILE A 53 10.03 -25.75 21.69
CA ILE A 53 10.03 -26.80 22.70
C ILE A 53 9.09 -27.93 22.29
N THR A 54 9.63 -29.14 22.24
CA THR A 54 8.89 -30.33 21.85
C THR A 54 8.78 -31.29 23.03
N HIS A 55 9.72 -31.19 23.95
CA HIS A 55 9.73 -32.05 25.13
C HIS A 55 9.75 -31.28 26.44
N ILE A 56 8.89 -31.67 27.37
CA ILE A 56 8.94 -31.15 28.74
C ILE A 56 9.14 -32.30 29.72
N THR A 57 10.28 -32.31 30.41
CA THR A 57 10.61 -33.39 31.32
C THR A 57 10.71 -32.84 32.74
N ASN A 58 10.92 -33.72 33.71
CA ASN A 58 11.07 -33.30 35.09
C ASN A 58 12.47 -32.72 35.34
N GLU A 59 13.28 -32.71 34.29
CA GLU A 59 14.60 -32.09 34.31
C GLU A 59 14.59 -30.79 33.53
N SER A 60 13.44 -30.47 32.93
CA SER A 60 13.33 -29.27 32.11
C SER A 60 13.43 -28.00 32.95
N PHE A 61 12.80 -28.03 34.12
CA PHE A 61 12.90 -26.93 35.07
C PHE A 61 13.51 -27.42 36.39
N GLN A 62 14.81 -27.70 36.37
CA GLN A 62 15.46 -28.28 37.55
C GLN A 62 15.96 -27.22 38.54
N GLY A 63 16.77 -26.27 38.07
CA GLY A 63 17.32 -25.24 38.93
C GLY A 63 16.44 -24.01 38.87
N LEU A 64 15.14 -24.23 38.85
CA LEU A 64 14.16 -23.16 38.73
C LEU A 64 13.00 -23.40 39.70
N GLN A 65 13.29 -23.99 40.85
CA GLN A 65 12.26 -24.34 41.83
C GLN A 65 11.43 -23.14 42.31
N ASN A 66 12.00 -21.93 42.17
CA ASN A 66 11.32 -20.72 42.64
C ASN A 66 10.22 -20.23 41.69
N LEU A 67 10.12 -20.85 40.52
CA LEU A 67 9.15 -20.45 39.48
C LEU A 67 7.70 -20.44 39.97
N THR A 68 6.98 -19.36 39.65
CA THR A 68 5.56 -19.28 39.98
C THR A 68 4.70 -19.24 38.72
N LYS A 69 5.27 -18.76 37.63
CA LYS A 69 4.54 -18.69 36.37
C LYS A 69 5.38 -19.19 35.21
N ILE A 70 4.80 -20.08 34.41
CA ILE A 70 5.40 -20.54 33.16
C ILE A 70 4.39 -20.31 32.05
N ASN A 71 4.85 -19.74 30.94
CA ASN A 71 4.02 -19.63 29.75
C ASN A 71 4.66 -20.48 28.65
N LEU A 72 3.99 -21.57 28.31
CA LEU A 72 4.47 -22.48 27.28
C LEU A 72 3.56 -22.48 26.06
N ASN A 73 2.79 -21.39 25.91
CA ASN A 73 1.88 -21.26 24.77
C ASN A 73 2.59 -21.37 23.43
N HIS A 74 1.90 -21.99 22.46
CA HIS A 74 2.40 -22.08 21.09
C HIS A 74 3.78 -22.75 20.99
N ASN A 75 3.89 -23.91 21.61
CA ASN A 75 5.09 -24.75 21.51
C ASN A 75 4.71 -26.17 21.11
N PRO A 76 5.32 -26.69 20.02
CA PRO A 76 6.28 -25.99 19.16
C PRO A 76 5.59 -25.02 18.21
N ASN A 77 6.16 -23.82 18.08
CA ASN A 77 5.59 -22.76 17.25
C ASN A 77 5.53 -23.15 15.78
N VAL A 78 4.32 -23.19 15.23
CA VAL A 78 4.07 -23.63 13.86
C VAL A 78 4.44 -25.09 13.66
N GLY A 91 4.48 -31.35 17.88
CA GLY A 91 3.49 -31.15 18.94
C GLY A 91 4.07 -31.48 20.31
N LEU A 92 3.72 -30.67 21.32
CA LEU A 92 4.39 -30.73 22.62
C LEU A 92 4.19 -32.04 23.38
N ASN A 93 5.28 -32.58 23.90
CA ASN A 93 5.26 -33.78 24.73
C ASN A 93 5.60 -33.45 26.18
N ILE A 94 4.71 -33.79 27.10
CA ILE A 94 4.92 -33.50 28.51
C ILE A 94 4.78 -34.77 29.34
N THR A 95 5.90 -35.21 29.93
CA THR A 95 5.92 -36.42 30.74
C THR A 95 5.03 -36.27 31.96
N ASP A 96 4.57 -37.40 32.48
CA ASP A 96 3.75 -37.41 33.69
C ASP A 96 4.55 -36.87 34.88
N GLY A 97 4.08 -35.76 35.45
CA GLY A 97 4.69 -35.22 36.65
C GLY A 97 5.88 -34.32 36.36
N ALA A 98 6.00 -33.90 35.10
CA ALA A 98 7.08 -33.00 34.70
C ALA A 98 7.13 -31.71 35.53
N PHE A 99 5.95 -31.16 35.86
CA PHE A 99 5.87 -29.92 36.62
C PHE A 99 5.64 -30.14 38.13
N LEU A 100 5.61 -31.39 38.56
CA LEU A 100 5.18 -31.70 39.92
C LEU A 100 6.19 -31.30 41.01
N ASN A 101 7.44 -31.08 40.62
CA ASN A 101 8.47 -30.65 41.56
C ASN A 101 8.61 -29.13 41.65
N LEU A 102 7.56 -28.42 41.25
CA LEU A 102 7.52 -26.95 41.37
C LEU A 102 6.41 -26.55 42.34
N LYS A 103 6.75 -26.45 43.62
CA LYS A 103 5.77 -26.19 44.69
C LYS A 103 5.23 -24.76 44.67
N ASN A 104 5.87 -23.89 43.90
CA ASN A 104 5.43 -22.50 43.83
C ASN A 104 4.72 -22.18 42.53
N LEU A 105 4.48 -23.20 41.71
CA LEU A 105 3.84 -22.98 40.41
C LEU A 105 2.36 -22.66 40.59
N ARG A 106 1.99 -21.43 40.22
CA ARG A 106 0.63 -20.96 40.38
C ARG A 106 -0.09 -20.88 39.05
N GLU A 107 0.63 -20.43 38.05
CA GLU A 107 0.05 -20.22 36.72
C GLU A 107 0.81 -21.02 35.68
N LEU A 108 0.07 -21.83 34.93
CA LEU A 108 0.63 -22.68 33.88
C LEU A 108 -0.20 -22.50 32.62
N LEU A 109 0.45 -22.02 31.55
CA LEU A 109 -0.24 -21.77 30.30
C LEU A 109 0.25 -22.72 29.21
N LEU A 110 -0.59 -23.69 28.87
CA LEU A 110 -0.26 -24.66 27.84
C LEU A 110 -1.20 -24.52 26.65
N GLU A 111 -1.28 -23.31 26.09
CA GLU A 111 -2.18 -23.07 24.96
C GLU A 111 -1.53 -23.39 23.62
N ASP A 112 -2.34 -23.90 22.69
CA ASP A 112 -1.90 -24.14 21.32
C ASP A 112 -0.69 -25.08 21.26
N ASN A 113 -0.75 -26.16 22.03
CA ASN A 113 0.37 -27.09 22.09
C ASN A 113 0.02 -28.45 21.51
N GLN A 114 -1.13 -28.53 20.86
CA GLN A 114 -1.62 -29.77 20.28
C GLN A 114 -1.62 -30.92 21.30
N LEU A 115 -2.00 -30.61 22.53
CA LEU A 115 -2.05 -31.63 23.58
C LEU A 115 -3.19 -32.62 23.35
N PRO A 116 -2.86 -33.93 23.31
CA PRO A 116 -3.83 -35.01 23.10
C PRO A 116 -4.59 -35.34 24.38
N GLN A 117 -4.01 -34.97 25.52
CA GLN A 117 -4.57 -35.26 26.83
C GLN A 117 -4.17 -34.16 27.81
N ILE A 118 -4.93 -34.03 28.90
CA ILE A 118 -4.52 -33.17 30.00
C ILE A 118 -3.28 -33.78 30.62
N PRO A 119 -2.20 -32.99 30.74
CA PRO A 119 -0.97 -33.46 31.39
C PRO A 119 -1.27 -34.05 32.77
N SER A 120 -0.71 -35.22 33.04
CA SER A 120 -0.96 -35.93 34.30
C SER A 120 0.10 -35.60 35.34
N GLY A 121 -0.30 -35.58 36.61
CA GLY A 121 0.62 -35.27 37.68
C GLY A 121 0.97 -33.79 37.73
N LEU A 122 -0.01 -32.94 37.44
CA LEU A 122 0.17 -31.49 37.60
C LEU A 122 0.23 -31.14 39.07
N PRO A 123 1.02 -30.10 39.42
CA PRO A 123 1.24 -29.73 40.83
C PRO A 123 0.01 -29.12 41.51
N GLU A 124 -0.16 -29.45 42.79
CA GLU A 124 -1.28 -29.01 43.60
C GLU A 124 -1.32 -27.49 43.79
N SER A 125 -0.18 -26.83 43.59
CA SER A 125 -0.07 -25.40 43.85
C SER A 125 -0.80 -24.56 42.80
N LEU A 126 -1.15 -25.17 41.68
CA LEU A 126 -1.77 -24.42 40.57
C LEU A 126 -3.05 -23.69 40.97
N THR A 127 -3.11 -22.40 40.63
CA THR A 127 -4.32 -21.60 40.82
C THR A 127 -4.90 -21.20 39.47
N GLU A 128 -4.05 -21.22 38.44
CA GLU A 128 -4.45 -20.87 37.08
C GLU A 128 -3.91 -21.86 36.06
N LEU A 129 -4.81 -22.43 35.25
CA LEU A 129 -4.42 -23.41 34.25
C LEU A 129 -5.20 -23.18 32.97
N SER A 130 -4.48 -23.03 31.87
CA SER A 130 -5.13 -22.82 30.58
C SER A 130 -4.64 -23.86 29.58
N LEU A 131 -5.58 -24.63 29.06
CA LEU A 131 -5.30 -25.64 28.05
C LEU A 131 -6.05 -25.30 26.77
N ILE A 132 -6.16 -23.99 26.52
CA ILE A 132 -6.88 -23.48 25.36
C ILE A 132 -6.21 -23.94 24.07
N GLN A 133 -7.03 -24.25 23.06
CA GLN A 133 -6.53 -24.59 21.72
C GLN A 133 -5.63 -25.82 21.69
N ASN A 134 -6.14 -26.94 22.20
CA ASN A 134 -5.46 -28.23 22.09
C ASN A 134 -6.40 -29.28 21.52
N ASN A 135 -5.95 -30.54 21.56
CA ASN A 135 -6.76 -31.67 21.13
C ASN A 135 -7.19 -32.54 22.29
N ILE A 136 -7.58 -31.89 23.38
CA ILE A 136 -8.04 -32.59 24.57
C ILE A 136 -9.55 -32.80 24.50
N TYR A 137 -9.97 -34.06 24.44
CA TYR A 137 -11.39 -34.36 24.33
C TYR A 137 -11.87 -35.10 25.56
N ASN A 138 -10.96 -35.26 26.52
CA ASN A 138 -11.26 -35.98 27.73
C ASN A 138 -10.83 -35.21 28.96
N ILE A 139 -11.81 -34.67 29.67
CA ILE A 139 -11.57 -33.97 30.93
C ILE A 139 -11.76 -34.95 32.08
N THR A 140 -10.67 -35.46 32.63
CA THR A 140 -10.74 -36.56 33.60
C THR A 140 -10.50 -36.15 35.05
N LYS A 141 -10.92 -37.02 35.96
CA LYS A 141 -10.62 -36.87 37.38
C LYS A 141 -9.13 -36.95 37.64
N GLU A 142 -8.44 -37.84 36.92
CA GLU A 142 -7.01 -38.06 37.15
C GLU A 142 -6.18 -36.86 36.70
N GLY A 143 -6.72 -36.07 35.79
CA GLY A 143 -6.02 -34.89 35.33
C GLY A 143 -6.29 -33.68 36.20
N ILE A 144 -7.55 -33.47 36.56
CA ILE A 144 -8.01 -32.18 37.09
C ILE A 144 -8.39 -32.19 38.59
N SER A 145 -9.06 -33.25 39.03
CA SER A 145 -9.77 -33.23 40.30
C SER A 145 -8.89 -33.07 41.54
N ARG A 146 -7.60 -33.36 41.42
CA ARG A 146 -6.68 -33.15 42.54
C ARG A 146 -6.29 -31.68 42.69
N LEU A 147 -6.42 -30.93 41.60
CA LEU A 147 -5.98 -29.54 41.57
C LEU A 147 -6.94 -28.60 42.29
N ILE A 148 -7.04 -28.79 43.60
CA ILE A 148 -8.07 -28.16 44.43
C ILE A 148 -7.84 -26.68 44.73
N ASN A 149 -6.67 -26.17 44.41
CA ASN A 149 -6.39 -24.74 44.54
C ASN A 149 -6.70 -23.95 43.26
N LEU A 150 -7.24 -24.64 42.27
CA LEU A 150 -7.58 -24.00 41.00
C LEU A 150 -8.60 -22.88 41.22
N LYS A 151 -8.33 -21.73 40.62
CA LYS A 151 -9.28 -20.61 40.64
C LYS A 151 -9.74 -20.30 39.22
N ASN A 152 -8.82 -20.42 38.27
CA ASN A 152 -9.17 -20.19 36.86
C ASN A 152 -8.84 -21.41 36.02
N LEU A 153 -9.82 -21.94 35.29
CA LEU A 153 -9.59 -23.11 34.46
C LEU A 153 -10.12 -22.88 33.04
N TYR A 154 -9.20 -22.83 32.08
CA TYR A 154 -9.55 -22.57 30.69
C TYR A 154 -9.33 -23.82 29.86
N LEU A 155 -10.43 -24.41 29.39
CA LEU A 155 -10.37 -25.64 28.62
C LEU A 155 -11.03 -25.39 27.28
N ALA A 156 -11.07 -24.13 26.88
CA ALA A 156 -11.82 -23.71 25.70
C ALA A 156 -11.10 -24.01 24.38
N TRP A 157 -11.87 -24.05 23.29
CA TRP A 157 -11.34 -24.20 21.93
C TRP A 157 -10.58 -25.49 21.63
N ASN A 158 -11.07 -26.61 22.11
CA ASN A 158 -10.43 -27.89 21.75
C ASN A 158 -11.13 -28.66 20.64
N CYS A 159 -12.42 -28.39 20.45
CA CYS A 159 -13.18 -29.06 19.39
C CYS A 159 -14.27 -28.12 18.87
N TYR A 160 -14.10 -27.64 17.63
CA TYR A 160 -14.89 -26.53 17.14
C TYR A 160 -14.86 -26.47 15.62
N PHE A 161 -15.83 -25.75 15.05
CA PHE A 161 -15.89 -25.47 13.62
C PHE A 161 -15.85 -26.74 12.79
N ASN A 162 -14.95 -26.80 11.81
CA ASN A 162 -14.80 -28.01 11.01
C ASN A 162 -13.55 -28.81 11.37
N LYS A 163 -12.99 -28.53 12.54
CA LYS A 163 -11.83 -29.27 13.01
C LYS A 163 -12.15 -30.76 13.18
N VAL A 164 -11.23 -31.61 12.78
CA VAL A 164 -11.35 -33.03 13.04
C VAL A 164 -11.07 -33.28 14.51
N CYS A 165 -12.12 -33.59 15.26
CA CYS A 165 -12.03 -33.64 16.72
C CYS A 165 -13.20 -34.42 17.29
N GLU A 166 -13.12 -34.73 18.58
CA GLU A 166 -14.12 -35.58 19.23
C GLU A 166 -15.08 -34.77 20.09
N LYS A 167 -16.23 -35.37 20.38
CA LYS A 167 -17.12 -34.82 21.40
C LYS A 167 -16.33 -34.80 22.69
N THR A 168 -16.49 -33.75 23.48
CA THR A 168 -15.74 -33.63 24.73
C THR A 168 -16.33 -34.51 25.80
N ASN A 169 -15.50 -35.37 26.40
CA ASN A 169 -15.96 -36.20 27.50
C ASN A 169 -15.55 -35.62 28.84
N ILE A 170 -16.54 -35.20 29.63
CA ILE A 170 -16.28 -34.66 30.94
C ILE A 170 -16.74 -35.64 31.99
N GLU A 171 -15.77 -36.29 32.64
CA GLU A 171 -16.02 -37.26 33.69
C GLU A 171 -16.96 -36.67 34.73
N ASP A 172 -17.89 -37.48 35.22
CA ASP A 172 -18.88 -36.99 36.16
C ASP A 172 -18.23 -36.62 37.49
N GLY A 173 -18.41 -35.36 37.89
CA GLY A 173 -17.92 -34.89 39.18
C GLY A 173 -16.52 -34.31 39.15
N VAL A 174 -15.92 -34.21 37.95
CA VAL A 174 -14.54 -33.76 37.82
C VAL A 174 -14.26 -32.38 38.44
N PHE A 175 -15.20 -31.45 38.31
CA PHE A 175 -15.01 -30.09 38.80
C PHE A 175 -15.47 -29.88 40.25
N GLU A 176 -16.23 -30.81 40.78
CA GLU A 176 -16.89 -30.61 42.09
C GLU A 176 -15.94 -30.53 43.28
N THR A 177 -14.73 -31.06 43.14
CA THR A 177 -13.74 -31.01 44.21
C THR A 177 -12.99 -29.68 44.16
N LEU A 178 -13.04 -29.01 43.02
CA LEU A 178 -12.34 -27.75 42.86
C LEU A 178 -13.13 -26.66 43.56
N THR A 179 -13.11 -26.67 44.89
CA THR A 179 -13.97 -25.79 45.67
C THR A 179 -13.52 -24.33 45.72
N ASN A 180 -12.38 -24.02 45.13
CA ASN A 180 -11.93 -22.63 45.01
C ASN A 180 -12.08 -22.07 43.60
N LEU A 181 -12.65 -22.86 42.71
CA LEU A 181 -12.79 -22.46 41.31
C LEU A 181 -13.71 -21.27 41.13
N GLU A 182 -13.17 -20.17 40.59
CA GLU A 182 -13.95 -18.98 40.34
C GLU A 182 -14.29 -18.79 38.86
N LEU A 183 -13.41 -19.27 37.98
CA LEU A 183 -13.64 -19.14 36.53
C LEU A 183 -13.45 -20.48 35.82
N LEU A 184 -14.44 -20.85 35.00
CA LEU A 184 -14.37 -22.06 34.19
C LEU A 184 -14.78 -21.73 32.77
N SER A 185 -13.87 -21.95 31.83
CA SER A 185 -14.21 -21.74 30.43
C SER A 185 -14.18 -23.08 29.68
N LEU A 186 -15.32 -23.47 29.14
CA LEU A 186 -15.42 -24.72 28.36
C LEU A 186 -15.93 -24.43 26.96
N SER A 187 -15.81 -23.17 26.54
CA SER A 187 -16.37 -22.73 25.27
C SER A 187 -15.67 -23.39 24.08
N PHE A 188 -16.39 -23.50 22.97
CA PHE A 188 -15.84 -24.11 21.76
C PHE A 188 -15.32 -25.52 21.99
N ASN A 189 -16.22 -26.36 22.49
CA ASN A 189 -16.04 -27.80 22.62
C ASN A 189 -17.43 -28.37 22.42
N SER A 190 -17.55 -29.63 22.04
CA SER A 190 -18.90 -30.18 21.89
C SER A 190 -19.31 -30.88 23.17
N LEU A 191 -20.10 -30.19 24.00
CA LEU A 191 -20.54 -30.77 25.27
C LEU A 191 -21.95 -31.35 25.18
N SER A 192 -22.80 -30.70 24.38
CA SER A 192 -24.22 -31.04 24.25
C SER A 192 -25.05 -30.91 25.55
N HIS A 193 -24.38 -30.85 26.69
CA HIS A 193 -25.06 -30.62 27.96
C HIS A 193 -24.17 -29.87 28.94
N VAL A 194 -24.78 -29.00 29.75
CA VAL A 194 -24.05 -28.32 30.80
C VAL A 194 -23.62 -29.38 31.80
N PRO A 195 -22.31 -29.47 32.09
CA PRO A 195 -21.82 -30.49 33.03
C PRO A 195 -22.43 -30.29 34.41
N PRO A 196 -22.88 -31.38 35.05
CA PRO A 196 -23.42 -31.29 36.41
C PRO A 196 -22.30 -31.25 37.43
N LYS A 197 -22.66 -31.16 38.71
CA LYS A 197 -21.69 -31.16 39.79
C LYS A 197 -20.60 -30.09 39.63
N LEU A 198 -21.00 -28.87 39.28
CA LEU A 198 -20.08 -27.75 39.22
C LEU A 198 -19.94 -27.13 40.61
N PRO A 199 -18.72 -26.64 40.94
CA PRO A 199 -18.43 -26.04 42.24
C PRO A 199 -19.21 -24.75 42.51
N SER A 200 -19.74 -24.58 43.72
CA SER A 200 -20.58 -23.43 44.03
C SER A 200 -19.77 -22.15 44.17
N SER A 201 -18.44 -22.28 44.12
CA SER A 201 -17.55 -21.13 44.15
C SER A 201 -17.55 -20.35 42.83
N LEU A 202 -18.11 -20.93 41.78
CA LEU A 202 -18.04 -20.32 40.45
C LEU A 202 -18.52 -18.87 40.39
N ARG A 203 -17.69 -18.02 39.81
CA ARG A 203 -18.04 -16.61 39.61
C ARG A 203 -18.30 -16.36 38.13
N LYS A 204 -17.58 -17.08 37.26
CA LYS A 204 -17.71 -16.89 35.82
C LYS A 204 -17.70 -18.22 35.09
N LEU A 205 -18.74 -18.44 34.28
CA LEU A 205 -18.94 -19.72 33.60
C LEU A 205 -19.07 -19.48 32.11
N PHE A 206 -18.07 -19.92 31.36
CA PHE A 206 -18.05 -19.71 29.92
C PHE A 206 -18.39 -21.01 29.20
N LEU A 207 -19.58 -21.03 28.58
CA LEU A 207 -20.07 -22.20 27.89
C LEU A 207 -20.50 -21.85 26.47
N SER A 208 -19.76 -20.97 25.81
CA SER A 208 -20.14 -20.59 24.45
C SER A 208 -19.82 -21.65 23.41
N ASN A 209 -20.65 -21.73 22.38
CA ASN A 209 -20.39 -22.61 21.25
C ASN A 209 -20.09 -24.03 21.71
N THR A 210 -20.92 -24.54 22.63
CA THR A 210 -20.70 -25.87 23.18
C THR A 210 -21.67 -26.92 22.67
N GLN A 211 -22.52 -26.51 21.72
CA GLN A 211 -23.56 -27.38 21.16
C GLN A 211 -24.60 -27.77 22.20
N ILE A 212 -24.77 -26.93 23.21
CA ILE A 212 -25.80 -27.15 24.22
C ILE A 212 -27.09 -26.54 23.68
N LYS A 213 -28.15 -27.34 23.58
CA LYS A 213 -29.37 -26.84 22.96
C LYS A 213 -30.45 -26.63 24.00
N TYR A 214 -30.23 -27.24 25.15
CA TYR A 214 -31.21 -27.23 26.22
C TYR A 214 -30.57 -26.85 27.54
N ILE A 215 -31.20 -25.90 28.22
CA ILE A 215 -30.75 -25.48 29.55
C ILE A 215 -31.87 -25.80 30.53
N SER A 216 -31.56 -26.63 31.53
CA SER A 216 -32.57 -27.13 32.45
C SER A 216 -32.58 -26.34 33.76
N GLU A 217 -33.54 -26.64 34.61
CA GLU A 217 -33.65 -26.00 35.91
C GLU A 217 -32.44 -26.35 36.78
N GLU A 218 -31.90 -27.54 36.57
CA GLU A 218 -30.83 -28.06 37.42
C GLU A 218 -29.42 -27.60 37.01
N ASP A 219 -29.26 -27.19 35.76
CA ASP A 219 -27.94 -26.90 35.22
C ASP A 219 -27.10 -25.88 36.01
N PHE A 220 -27.76 -24.86 36.56
CA PHE A 220 -27.06 -23.83 37.35
C PHE A 220 -27.54 -23.76 38.79
N LYS A 221 -28.22 -24.80 39.24
CA LYS A 221 -28.94 -24.75 40.52
C LYS A 221 -28.10 -24.32 41.73
N GLY A 222 -26.82 -24.73 41.79
CA GLY A 222 -25.99 -24.41 42.93
C GLY A 222 -25.14 -23.14 42.83
N LEU A 223 -25.12 -22.51 41.66
CA LEU A 223 -24.16 -21.44 41.40
C LEU A 223 -24.60 -20.03 41.85
N ILE A 224 -24.84 -19.86 43.15
CA ILE A 224 -25.39 -18.61 43.67
C ILE A 224 -24.43 -17.43 43.70
N ASN A 225 -23.14 -17.68 43.52
CA ASN A 225 -22.16 -16.59 43.41
C ASN A 225 -21.86 -16.18 41.96
N LEU A 226 -22.51 -16.81 41.00
CA LEU A 226 -22.21 -16.56 39.57
C LEU A 226 -22.47 -15.12 39.17
N THR A 227 -21.44 -14.42 38.70
CA THR A 227 -21.58 -13.06 38.22
C THR A 227 -21.62 -12.95 36.68
N LEU A 228 -21.09 -13.97 35.99
CA LEU A 228 -21.14 -14.04 34.52
C LEU A 228 -21.58 -15.41 34.05
N LEU A 229 -22.45 -15.44 33.04
CA LEU A 229 -22.84 -16.67 32.35
C LEU A 229 -22.83 -16.40 30.85
N ASP A 230 -22.01 -17.16 30.13
CA ASP A 230 -21.93 -17.06 28.66
C ASP A 230 -22.47 -18.34 28.01
N LEU A 231 -23.65 -18.25 27.41
CA LEU A 231 -24.25 -19.38 26.72
C LEU A 231 -24.33 -19.09 25.23
N SER A 232 -23.48 -18.20 24.74
CA SER A 232 -23.59 -17.75 23.34
C SER A 232 -23.29 -18.87 22.34
N GLY A 233 -23.80 -18.73 21.11
CA GLY A 233 -23.40 -19.64 20.05
C GLY A 233 -23.97 -21.04 20.18
N ASN A 234 -24.95 -21.19 21.07
CA ASN A 234 -25.68 -22.43 21.24
C ASN A 234 -27.00 -22.29 20.51
N CYS A 235 -27.29 -23.24 19.61
CA CYS A 235 -28.31 -23.03 18.58
C CYS A 235 -28.05 -21.73 17.84
N PRO A 236 -26.89 -21.63 17.17
CA PRO A 236 -26.49 -20.35 16.59
C PRO A 236 -27.38 -19.91 15.43
N ARG A 237 -27.32 -18.61 15.14
CA ARG A 237 -27.90 -18.04 13.95
C ARG A 237 -26.82 -18.09 12.89
N CYS A 238 -26.96 -19.02 11.96
CA CYS A 238 -25.89 -19.33 11.02
C CYS A 238 -25.91 -18.59 9.70
N PHE A 239 -27.00 -17.89 9.39
CA PHE A 239 -27.04 -17.18 8.11
C PHE A 239 -25.91 -16.17 7.98
N ASN A 240 -25.17 -16.27 6.89
CA ASN A 240 -24.02 -15.39 6.62
C ASN A 240 -22.94 -15.49 7.69
N ALA A 241 -22.83 -16.65 8.33
CA ALA A 241 -21.79 -16.85 9.32
C ALA A 241 -20.41 -16.83 8.67
N PRO A 242 -19.46 -16.11 9.28
CA PRO A 242 -18.07 -16.05 8.80
C PRO A 242 -17.21 -17.18 9.38
N PHE A 243 -17.86 -18.24 9.82
CA PHE A 243 -17.21 -19.42 10.35
C PHE A 243 -18.15 -20.58 10.09
N PRO A 244 -17.62 -21.82 10.07
CA PRO A 244 -18.51 -22.98 9.87
C PRO A 244 -19.50 -23.06 11.02
N CYS A 245 -20.78 -23.00 10.68
CA CYS A 245 -21.82 -22.80 11.69
C CYS A 245 -22.93 -23.81 11.45
N VAL A 246 -23.24 -24.64 12.45
CA VAL A 246 -24.28 -25.64 12.33
C VAL A 246 -25.44 -25.28 13.27
N PRO A 247 -26.62 -24.94 12.71
CA PRO A 247 -27.71 -24.53 13.59
C PRO A 247 -28.40 -25.73 14.21
N CYS A 248 -29.32 -25.48 15.15
CA CYS A 248 -30.17 -26.54 15.66
C CYS A 248 -31.24 -26.85 14.63
N ASP A 249 -31.92 -27.97 14.83
CA ASP A 249 -32.95 -28.44 13.90
C ASP A 249 -34.02 -27.38 13.63
N GLY A 250 -34.20 -27.05 12.35
CA GLY A 250 -35.19 -26.06 11.96
C GLY A 250 -34.77 -24.68 12.40
N GLY A 251 -33.46 -24.49 12.59
CA GLY A 251 -32.92 -23.24 13.11
C GLY A 251 -33.57 -22.80 14.42
N ALA A 252 -33.94 -23.78 15.25
CA ALA A 252 -34.63 -23.52 16.50
C ALA A 252 -33.80 -22.69 17.46
N SER A 253 -34.48 -22.00 18.37
CA SER A 253 -33.82 -21.23 19.41
C SER A 253 -33.27 -22.16 20.48
N ILE A 254 -32.33 -21.67 21.27
CA ILE A 254 -31.93 -22.37 22.47
C ILE A 254 -33.18 -22.51 23.34
N ASN A 255 -33.28 -23.62 24.06
CA ASN A 255 -34.43 -23.84 24.91
C ASN A 255 -34.00 -23.64 26.36
N ILE A 256 -34.37 -22.50 26.92
CA ILE A 256 -34.04 -22.20 28.31
C ILE A 256 -35.26 -22.40 29.19
N ASP A 257 -35.14 -23.26 30.20
CA ASP A 257 -36.24 -23.45 31.14
C ASP A 257 -36.58 -22.14 31.83
N ARG A 258 -37.88 -21.92 32.08
CA ARG A 258 -38.37 -20.72 32.74
C ARG A 258 -37.59 -20.43 34.03
N PHE A 259 -37.18 -21.51 34.70
CA PHE A 259 -36.54 -21.40 36.01
C PHE A 259 -35.01 -21.61 35.99
N ALA A 260 -34.39 -21.52 34.81
CA ALA A 260 -32.96 -21.83 34.72
C ALA A 260 -32.06 -20.85 35.50
N PHE A 261 -32.47 -19.60 35.57
CA PHE A 261 -31.64 -18.54 36.14
C PHE A 261 -32.13 -18.14 37.53
N GLN A 262 -33.05 -18.93 38.05
CA GLN A 262 -33.76 -18.61 39.29
C GLN A 262 -32.85 -18.27 40.47
N ASN A 263 -31.73 -18.99 40.59
CA ASN A 263 -30.81 -18.79 41.70
C ASN A 263 -29.58 -17.96 41.36
N LEU A 264 -29.57 -17.36 40.17
CA LEU A 264 -28.44 -16.57 39.70
C LEU A 264 -28.57 -15.10 40.11
N THR A 265 -28.77 -14.86 41.39
CA THR A 265 -29.07 -13.51 41.90
C THR A 265 -27.93 -12.55 41.77
N GLN A 266 -26.71 -13.07 41.66
CA GLN A 266 -25.55 -12.20 41.56
C GLN A 266 -25.12 -11.89 40.13
N LEU A 267 -25.84 -12.40 39.14
CA LEU A 267 -25.43 -12.25 37.74
C LEU A 267 -25.32 -10.77 37.33
N ARG A 268 -24.13 -10.37 36.87
CA ARG A 268 -23.92 -9.04 36.31
C ARG A 268 -23.82 -9.08 34.80
N TYR A 269 -23.35 -10.20 34.26
CA TYR A 269 -23.14 -10.37 32.82
C TYR A 269 -23.86 -11.61 32.28
N LEU A 270 -24.62 -11.42 31.21
CA LEU A 270 -25.29 -12.54 30.56
C LEU A 270 -25.11 -12.43 29.06
N ASN A 271 -24.52 -13.46 28.45
CA ASN A 271 -24.27 -13.43 27.01
C ASN A 271 -25.11 -14.52 26.32
N LEU A 272 -26.21 -14.12 25.69
CA LEU A 272 -27.04 -15.06 24.94
C LEU A 272 -26.94 -14.77 23.43
N SER A 273 -25.80 -14.26 23.01
CA SER A 273 -25.57 -13.99 21.59
C SER A 273 -25.68 -15.26 20.77
N SER A 274 -26.27 -15.12 19.58
CA SER A 274 -26.35 -16.20 18.62
C SER A 274 -26.88 -17.48 19.26
N THR A 275 -28.04 -17.37 19.88
CA THR A 275 -28.73 -18.53 20.43
C THR A 275 -30.08 -18.69 19.75
N SER A 276 -30.24 -17.96 18.63
CA SER A 276 -31.44 -18.01 17.81
C SER A 276 -32.72 -17.63 18.56
N LEU A 277 -32.62 -16.73 19.52
CA LEU A 277 -33.78 -16.34 20.31
C LEU A 277 -34.77 -15.51 19.50
N ARG A 278 -36.04 -15.86 19.59
CA ARG A 278 -37.11 -15.05 19.01
C ARG A 278 -37.87 -14.37 20.12
N LYS A 279 -37.89 -15.05 21.27
CA LYS A 279 -38.67 -14.64 22.42
C LYS A 279 -37.72 -14.53 23.60
N ILE A 280 -37.90 -13.50 24.43
CA ILE A 280 -37.16 -13.42 25.69
C ILE A 280 -38.15 -13.57 26.82
N ASN A 281 -38.00 -14.62 27.63
CA ASN A 281 -38.87 -14.78 28.79
C ASN A 281 -38.48 -13.80 29.89
N ALA A 282 -39.38 -12.89 30.21
CA ALA A 282 -39.14 -11.89 31.25
C ALA A 282 -38.90 -12.54 32.60
N ALA A 283 -39.44 -13.74 32.81
CA ALA A 283 -39.24 -14.45 34.06
C ALA A 283 -37.77 -14.82 34.30
N TRP A 284 -36.98 -14.82 33.22
CA TRP A 284 -35.55 -15.11 33.31
C TRP A 284 -34.83 -14.13 34.21
N PHE A 285 -35.33 -12.91 34.28
CA PHE A 285 -34.65 -11.86 35.01
C PHE A 285 -35.37 -11.52 36.32
N LYS A 286 -36.34 -12.35 36.69
CA LYS A 286 -37.15 -12.11 37.89
C LYS A 286 -36.27 -11.92 39.12
N ASN A 287 -35.25 -12.76 39.25
CA ASN A 287 -34.37 -12.72 40.41
C ASN A 287 -32.93 -12.35 40.05
N MET A 288 -32.80 -11.42 39.09
CA MET A 288 -31.50 -10.99 38.61
C MET A 288 -31.39 -9.46 38.73
N PRO A 289 -31.45 -8.93 39.97
CA PRO A 289 -31.57 -7.48 40.13
C PRO A 289 -30.28 -6.71 39.86
N HIS A 290 -29.15 -7.40 39.74
CA HIS A 290 -27.88 -6.72 39.50
C HIS A 290 -27.43 -6.79 38.05
N LEU A 291 -28.28 -7.32 37.16
CA LEU A 291 -27.86 -7.51 35.77
C LEU A 291 -27.37 -6.21 35.15
N LYS A 292 -26.10 -6.19 34.74
CA LYS A 292 -25.48 -4.96 34.26
C LYS A 292 -25.26 -4.96 32.75
N VAL A 293 -24.89 -6.11 32.21
CA VAL A 293 -24.59 -6.21 30.78
C VAL A 293 -25.34 -7.39 30.17
N LEU A 294 -26.10 -7.12 29.11
CA LEU A 294 -26.88 -8.16 28.46
C LEU A 294 -26.55 -8.18 26.97
N ASP A 295 -26.01 -9.30 26.50
CA ASP A 295 -25.60 -9.41 25.12
C ASP A 295 -26.59 -10.31 24.41
N LEU A 296 -27.29 -9.76 23.42
CA LEU A 296 -28.31 -10.52 22.67
C LEU A 296 -28.09 -10.36 21.17
N GLU A 297 -26.83 -10.25 20.78
CA GLU A 297 -26.48 -10.09 19.37
C GLU A 297 -26.81 -11.34 18.58
N PHE A 298 -27.01 -11.18 17.27
CA PHE A 298 -27.18 -12.32 16.39
C PHE A 298 -28.30 -13.23 16.81
N ASN A 299 -29.41 -12.62 17.18
CA ASN A 299 -30.64 -13.39 17.38
C ASN A 299 -31.71 -12.98 16.39
N TYR A 300 -32.95 -13.31 16.67
CA TYR A 300 -34.04 -12.89 15.80
C TYR A 300 -35.04 -12.08 16.60
N LEU A 301 -34.59 -10.95 17.12
CA LEU A 301 -35.36 -10.26 18.16
C LEU A 301 -36.02 -8.94 17.71
N VAL A 302 -36.18 -8.73 16.41
CA VAL A 302 -36.85 -7.52 15.95
C VAL A 302 -38.24 -7.38 16.60
N GLY A 303 -38.94 -8.51 16.74
CA GLY A 303 -40.25 -8.52 17.36
C GLY A 303 -40.20 -8.24 18.85
N GLU A 304 -39.17 -8.73 19.53
CA GLU A 304 -39.03 -8.50 20.96
C GLU A 304 -38.56 -7.08 21.23
N ILE A 305 -37.84 -6.52 20.26
CA ILE A 305 -37.36 -5.15 20.38
C ILE A 305 -38.53 -4.18 20.28
N ALA A 306 -39.61 -4.62 19.62
CA ALA A 306 -40.79 -3.77 19.41
C ALA A 306 -41.81 -3.88 20.55
N SER A 307 -41.81 -4.99 21.27
CA SER A 307 -42.73 -5.17 22.39
C SER A 307 -41.96 -5.25 23.70
N GLY A 308 -41.21 -6.33 23.86
CA GLY A 308 -40.28 -6.50 24.98
C GLY A 308 -40.81 -6.31 26.40
N ALA A 309 -41.42 -7.34 26.95
CA ALA A 309 -41.81 -7.30 28.36
C ALA A 309 -40.58 -7.39 29.25
N PHE A 310 -39.53 -8.03 28.73
CA PHE A 310 -38.32 -8.30 29.50
C PHE A 310 -37.58 -7.04 29.91
N LEU A 311 -37.73 -5.98 29.12
CA LEU A 311 -37.07 -4.71 29.39
C LEU A 311 -37.48 -4.11 30.71
N THR A 312 -38.70 -4.43 31.14
CA THR A 312 -39.21 -3.96 32.41
C THR A 312 -38.50 -4.61 33.59
N MET A 313 -37.71 -5.64 33.31
CA MET A 313 -37.09 -6.43 34.37
C MET A 313 -35.64 -6.04 34.63
N LEU A 314 -35.15 -5.03 33.92
CA LEU A 314 -33.73 -4.67 33.97
C LEU A 314 -33.45 -3.20 34.35
N PRO A 315 -33.85 -2.77 35.58
CA PRO A 315 -33.66 -1.37 35.96
C PRO A 315 -32.21 -0.98 36.22
N ARG A 316 -31.33 -1.97 36.39
CA ARG A 316 -29.92 -1.67 36.64
C ARG A 316 -29.02 -1.97 35.44
N LEU A 317 -29.61 -2.38 34.32
CA LEU A 317 -28.84 -2.67 33.12
C LEU A 317 -28.09 -1.44 32.63
N GLU A 318 -26.79 -1.57 32.37
CA GLU A 318 -26.01 -0.45 31.86
C GLU A 318 -25.65 -0.61 30.39
N ILE A 319 -25.48 -1.87 29.96
CA ILE A 319 -25.12 -2.17 28.58
C ILE A 319 -26.07 -3.18 27.95
N LEU A 320 -26.58 -2.83 26.77
CA LEU A 320 -27.52 -3.71 26.07
C LEU A 320 -27.08 -3.82 24.62
N ASP A 321 -26.80 -5.04 24.18
CA ASP A 321 -26.35 -5.24 22.82
C ASP A 321 -27.35 -6.10 22.07
N LEU A 322 -27.96 -5.48 21.07
CA LEU A 322 -29.00 -6.12 20.27
C LEU A 322 -28.58 -6.09 18.82
N SER A 323 -27.27 -6.05 18.59
CA SER A 323 -26.75 -5.90 17.24
C SER A 323 -27.02 -7.12 16.38
N PHE A 324 -27.20 -6.90 15.07
CA PHE A 324 -27.34 -7.99 14.13
C PHE A 324 -28.51 -8.93 14.40
N ASN A 325 -29.68 -8.35 14.65
CA ASN A 325 -30.90 -9.12 14.78
C ASN A 325 -31.81 -8.95 13.57
N TYR A 326 -31.25 -8.40 12.49
CA TYR A 326 -32.00 -8.11 11.28
C TYR A 326 -32.76 -9.32 10.75
N ILE A 327 -33.89 -9.05 10.09
CA ILE A 327 -34.62 -10.10 9.40
C ILE A 327 -34.07 -10.22 7.98
N LYS A 328 -33.63 -11.42 7.61
CA LYS A 328 -33.00 -11.61 6.31
C LYS A 328 -33.94 -11.23 5.17
N GLY A 329 -33.42 -10.49 4.21
CA GLY A 329 -34.17 -10.08 3.04
C GLY A 329 -34.97 -8.81 3.28
N SER A 330 -34.94 -8.31 4.51
CA SER A 330 -35.80 -7.18 4.84
C SER A 330 -35.04 -5.85 4.73
N TYR A 331 -35.78 -4.76 4.55
CA TYR A 331 -35.24 -3.40 4.61
C TYR A 331 -36.37 -2.49 5.10
N PRO A 332 -36.77 -2.66 6.37
CA PRO A 332 -37.94 -1.89 6.84
C PRO A 332 -37.66 -0.39 6.80
N GLN A 333 -38.69 0.42 6.83
CA GLN A 333 -38.50 1.87 6.76
C GLN A 333 -37.98 2.44 8.07
N HIS A 334 -38.47 1.90 9.18
CA HIS A 334 -38.15 2.46 10.48
C HIS A 334 -37.80 1.39 11.50
N ILE A 335 -37.01 1.78 12.49
CA ILE A 335 -36.70 0.91 13.61
C ILE A 335 -37.83 1.03 14.62
N ASN A 336 -38.34 -0.11 15.08
CA ASN A 336 -39.47 -0.13 16.00
C ASN A 336 -38.99 -0.42 17.42
N ILE A 337 -38.79 0.65 18.19
CA ILE A 337 -38.26 0.55 19.56
C ILE A 337 -39.41 0.60 20.56
N SER A 338 -39.53 -0.44 21.38
CA SER A 338 -40.63 -0.52 22.33
C SER A 338 -40.58 0.62 23.34
N ARG A 339 -41.75 1.12 23.74
CA ARG A 339 -41.80 2.16 24.75
C ARG A 339 -41.26 1.65 26.09
N ASN A 340 -41.17 0.34 26.23
CA ASN A 340 -40.59 -0.27 27.43
C ASN A 340 -39.09 -0.03 27.61
N PHE A 341 -38.44 0.44 26.55
CA PHE A 341 -37.04 0.87 26.68
C PHE A 341 -36.92 2.01 27.70
N SER A 342 -37.99 2.77 27.88
CA SER A 342 -37.96 3.88 28.82
C SER A 342 -37.84 3.37 30.26
N LYS A 343 -37.98 2.06 30.45
CA LYS A 343 -37.79 1.42 31.76
C LYS A 343 -36.32 1.18 32.09
N LEU A 344 -35.47 1.17 31.07
CA LEU A 344 -34.05 0.93 31.27
C LEU A 344 -33.35 2.14 31.89
N LEU A 345 -33.66 2.43 33.15
CA LEU A 345 -33.22 3.68 33.76
C LEU A 345 -31.71 3.83 33.93
N SER A 346 -31.00 2.71 34.06
CA SER A 346 -29.55 2.75 34.27
C SER A 346 -28.76 2.62 32.98
N LEU A 347 -29.47 2.51 31.85
CA LEU A 347 -28.83 2.28 30.56
C LEU A 347 -27.78 3.32 30.19
N ARG A 348 -26.56 2.87 29.89
CA ARG A 348 -25.47 3.77 29.52
C ARG A 348 -25.14 3.63 28.04
N ALA A 349 -25.27 2.42 27.51
CA ALA A 349 -24.89 2.16 26.13
C ALA A 349 -25.88 1.23 25.45
N LEU A 350 -26.31 1.60 24.25
CA LEU A 350 -27.22 0.76 23.47
C LEU A 350 -26.59 0.49 22.13
N HIS A 351 -26.40 -0.78 21.82
CA HIS A 351 -25.79 -1.18 20.55
C HIS A 351 -26.85 -1.80 19.68
N LEU A 352 -27.16 -1.13 18.58
CA LEU A 352 -28.18 -1.59 17.64
C LEU A 352 -27.62 -1.64 16.22
N ARG A 353 -26.44 -2.21 16.07
CA ARG A 353 -25.90 -2.45 14.75
C ARG A 353 -26.71 -3.51 14.05
N GLY A 354 -26.77 -3.44 12.72
CA GLY A 354 -27.31 -4.56 11.97
C GLY A 354 -28.76 -4.90 12.25
N TYR A 355 -29.58 -3.90 12.56
CA TYR A 355 -31.04 -4.06 12.59
C TYR A 355 -31.53 -3.94 11.14
N VAL A 356 -30.96 -2.97 10.44
CA VAL A 356 -31.23 -2.68 9.02
C VAL A 356 -32.57 -1.99 8.84
N PHE A 357 -32.50 -0.72 8.46
CA PHE A 357 -33.67 0.13 8.29
C PHE A 357 -33.29 1.42 7.56
N GLN A 358 -34.26 2.07 6.94
CA GLN A 358 -33.93 3.13 5.98
C GLN A 358 -33.80 4.52 6.58
N GLU A 359 -34.54 4.77 7.64
CA GLU A 359 -34.70 6.13 8.16
C GLU A 359 -34.92 6.20 9.67
N LEU A 360 -34.21 7.09 10.35
CA LEU A 360 -34.41 7.34 11.79
C LEU A 360 -35.18 8.63 12.01
N ARG A 361 -36.43 8.51 12.44
CA ARG A 361 -37.24 9.69 12.72
C ARG A 361 -37.12 9.97 14.20
N GLU A 362 -37.41 11.20 14.60
CA GLU A 362 -37.34 11.57 16.01
C GLU A 362 -38.30 10.75 16.88
N ASP A 363 -39.49 10.48 16.34
CA ASP A 363 -40.53 9.74 17.06
C ASP A 363 -40.05 8.33 17.43
N ASP A 364 -39.19 7.79 16.60
CA ASP A 364 -38.75 6.41 16.74
C ASP A 364 -37.90 6.20 17.99
N PHE A 365 -37.24 7.26 18.46
CA PHE A 365 -36.38 7.17 19.64
C PHE A 365 -36.92 7.82 20.91
N GLN A 366 -38.18 8.24 20.90
CA GLN A 366 -38.82 8.79 22.08
C GLN A 366 -38.58 7.98 23.36
N PRO A 367 -38.71 6.64 23.30
CA PRO A 367 -38.47 5.86 24.53
C PRO A 367 -37.04 5.99 25.08
N LEU A 368 -36.09 6.41 24.27
CA LEU A 368 -34.71 6.53 24.75
C LEU A 368 -34.38 7.92 25.35
N MET A 369 -35.22 8.90 25.08
CA MET A 369 -34.91 10.31 25.36
C MET A 369 -34.93 10.77 26.83
N GLN A 370 -35.55 9.97 27.71
CA GLN A 370 -35.58 10.34 29.12
C GLN A 370 -34.60 9.53 29.96
N LEU A 371 -33.97 8.54 29.34
CA LEU A 371 -32.94 7.76 30.02
C LEU A 371 -31.78 8.70 30.39
N PRO A 372 -31.59 8.91 31.70
CA PRO A 372 -30.65 9.93 32.20
C PRO A 372 -29.19 9.64 31.86
N ASN A 373 -28.80 8.37 31.77
CA ASN A 373 -27.38 8.05 31.55
C ASN A 373 -26.99 7.49 30.21
N LEU A 374 -27.94 7.44 29.28
CA LEU A 374 -27.63 6.93 27.95
C LEU A 374 -26.64 7.86 27.25
N SER A 375 -25.39 7.46 27.20
CA SER A 375 -24.33 8.29 26.65
C SER A 375 -23.85 7.78 25.29
N THR A 376 -24.12 6.50 25.03
CA THR A 376 -23.65 5.87 23.79
C THR A 376 -24.76 5.21 22.99
N ILE A 377 -24.92 5.64 21.74
CA ILE A 377 -25.86 5.00 20.81
C ILE A 377 -25.11 4.56 19.55
N ASN A 378 -25.17 3.27 19.27
CA ASN A 378 -24.39 2.69 18.18
C ASN A 378 -25.38 2.17 17.14
N LEU A 379 -25.47 2.86 16.02
CA LEU A 379 -26.35 2.45 14.93
C LEU A 379 -25.55 2.13 13.66
N GLY A 380 -24.34 1.62 13.86
CA GLY A 380 -23.49 1.27 12.74
C GLY A 380 -24.07 0.15 11.90
N ILE A 381 -23.76 0.14 10.61
CA ILE A 381 -24.15 -0.96 9.72
C ILE A 381 -25.65 -1.24 9.73
N ASN A 382 -26.45 -0.22 9.45
CA ASN A 382 -27.89 -0.42 9.31
C ASN A 382 -28.45 0.01 7.96
N PHE A 383 -27.56 0.42 7.06
CA PHE A 383 -27.96 0.92 5.74
C PHE A 383 -28.99 2.06 5.84
N ILE A 384 -28.82 2.90 6.86
CA ILE A 384 -29.71 4.03 7.09
C ILE A 384 -29.46 5.08 6.02
N LYS A 385 -30.53 5.56 5.39
CA LYS A 385 -30.35 6.53 4.31
C LYS A 385 -30.59 7.96 4.77
N GLN A 386 -31.34 8.12 5.86
CA GLN A 386 -31.79 9.45 6.26
C GLN A 386 -31.97 9.49 7.78
N ILE A 387 -31.58 10.60 8.41
CA ILE A 387 -31.73 10.74 9.85
C ILE A 387 -32.25 12.14 10.22
N ASP A 388 -33.25 12.20 11.08
CA ASP A 388 -33.70 13.49 11.58
C ASP A 388 -32.80 13.88 12.73
N PHE A 389 -31.67 14.52 12.40
CA PHE A 389 -30.58 14.72 13.35
C PHE A 389 -30.95 15.48 14.63
N LYS A 390 -31.99 16.30 14.58
CA LYS A 390 -32.40 17.07 15.76
C LYS A 390 -32.76 16.19 16.94
N LEU A 391 -33.09 14.94 16.67
CA LEU A 391 -33.55 14.03 17.72
C LEU A 391 -32.49 13.84 18.79
N PHE A 392 -31.23 13.82 18.39
CA PHE A 392 -30.14 13.53 19.31
C PHE A 392 -30.01 14.60 20.37
N GLN A 393 -30.35 15.82 20.00
CA GLN A 393 -30.39 16.92 20.94
C GLN A 393 -31.40 16.67 22.06
N ASN A 394 -32.44 15.89 21.77
CA ASN A 394 -33.50 15.68 22.76
C ASN A 394 -33.18 14.58 23.78
N PHE A 395 -32.04 13.92 23.64
CA PHE A 395 -31.58 13.00 24.66
C PHE A 395 -31.04 13.83 25.82
N SER A 396 -30.85 13.18 26.98
CA SER A 396 -30.41 13.89 28.17
C SER A 396 -28.90 14.13 28.20
N ASN A 397 -28.12 13.12 27.81
CA ASN A 397 -26.66 13.27 27.76
C ASN A 397 -25.89 12.33 26.81
N LEU A 398 -26.15 12.44 25.51
CA LEU A 398 -25.39 11.66 24.54
C LEU A 398 -23.94 12.16 24.49
N GLU A 399 -23.00 11.21 24.48
CA GLU A 399 -21.58 11.56 24.37
C GLU A 399 -20.97 10.94 23.12
N ILE A 400 -21.53 9.81 22.71
CA ILE A 400 -21.08 9.12 21.52
C ILE A 400 -22.28 8.80 20.63
N ILE A 401 -22.35 9.46 19.48
CA ILE A 401 -23.39 9.14 18.50
C ILE A 401 -22.72 8.43 17.33
N TYR A 402 -22.80 7.11 17.33
CA TYR A 402 -22.07 6.30 16.35
C TYR A 402 -22.96 5.87 15.20
N LEU A 403 -22.70 6.41 14.01
CA LEU A 403 -23.49 6.12 12.83
C LEU A 403 -22.62 5.67 11.67
N SER A 404 -21.39 5.24 11.98
CA SER A 404 -20.47 4.80 10.95
C SER A 404 -21.08 3.70 10.13
N GLU A 405 -20.80 3.70 8.82
CA GLU A 405 -21.12 2.57 7.94
C GLU A 405 -22.62 2.45 7.71
N ASN A 406 -23.22 3.52 7.22
CA ASN A 406 -24.59 3.48 6.79
C ASN A 406 -24.65 3.99 5.36
N ARG A 407 -25.77 4.59 4.97
CA ARG A 407 -25.90 5.15 3.62
C ARG A 407 -26.40 6.57 3.71
N ILE A 408 -25.97 7.28 4.76
CA ILE A 408 -26.41 8.65 4.96
C ILE A 408 -25.88 9.61 3.88
N SER A 409 -26.82 10.28 3.21
CA SER A 409 -26.50 11.17 2.09
C SER A 409 -26.76 12.63 2.49
N PRO A 410 -26.40 13.61 1.63
CA PRO A 410 -26.65 15.00 2.01
C PRO A 410 -28.11 15.33 2.37
N ASP A 436 -2.49 -19.44 13.46
CA ASP A 436 -3.03 -20.68 12.92
C ASP A 436 -4.56 -20.70 12.96
N PHE A 437 -5.13 -19.78 13.74
CA PHE A 437 -6.57 -19.65 13.88
C PHE A 437 -6.95 -18.17 13.85
N GLU A 438 -8.01 -17.83 13.12
CA GLU A 438 -8.36 -16.44 12.85
C GLU A 438 -9.12 -15.76 13.98
N PHE A 439 -9.64 -16.54 14.92
CA PHE A 439 -10.37 -15.97 16.05
C PHE A 439 -9.54 -16.08 17.33
N ASP A 440 -9.26 -14.92 17.93
CA ASP A 440 -8.52 -14.88 19.17
C ASP A 440 -9.39 -15.43 20.29
N PRO A 441 -8.97 -16.55 20.90
CA PRO A 441 -9.75 -17.16 21.98
C PRO A 441 -9.94 -16.25 23.18
N HIS A 442 -9.15 -15.20 23.27
CA HIS A 442 -9.20 -14.29 24.41
C HIS A 442 -9.88 -12.97 24.08
N SER A 443 -10.50 -12.88 22.91
CA SER A 443 -11.29 -11.71 22.52
C SER A 443 -12.77 -12.08 22.46
N ASN A 444 -13.64 -11.08 22.46
CA ASN A 444 -15.06 -11.33 22.19
C ASN A 444 -15.23 -11.89 20.76
N PHE A 445 -16.08 -12.89 20.63
CA PHE A 445 -16.25 -13.59 19.35
C PHE A 445 -17.31 -12.92 18.49
N TYR A 446 -18.17 -12.12 19.10
CA TYR A 446 -19.29 -11.53 18.36
C TYR A 446 -19.14 -10.05 18.04
N HIS A 447 -18.21 -9.40 18.73
CA HIS A 447 -17.88 -8.02 18.41
C HIS A 447 -16.45 -7.62 18.77
N PHE A 448 -15.86 -6.86 17.86
CA PHE A 448 -14.67 -6.05 18.12
C PHE A 448 -14.85 -5.25 19.42
N THR A 449 -13.84 -5.26 20.29
CA THR A 449 -13.94 -4.58 21.57
C THR A 449 -13.24 -3.22 21.57
N ARG A 450 -12.55 -2.93 20.48
CA ARG A 450 -11.94 -1.62 20.25
C ARG A 450 -12.97 -0.50 20.51
N PRO A 451 -12.50 0.69 20.91
CA PRO A 451 -13.51 1.71 21.26
C PRO A 451 -14.17 2.26 20.00
N LEU A 452 -15.39 2.80 20.12
CA LEU A 452 -16.16 3.22 18.95
C LEU A 452 -15.52 4.40 18.24
N ILE A 453 -15.01 5.31 19.05
CA ILE A 453 -14.39 6.54 18.58
C ILE A 453 -13.01 6.51 19.18
N LYS A 454 -12.01 6.95 18.42
CA LYS A 454 -10.67 7.12 18.97
C LYS A 454 -10.71 7.95 20.24
N PRO A 455 -10.11 7.42 21.32
CA PRO A 455 -10.09 8.10 22.61
C PRO A 455 -9.55 9.53 22.50
N GLN A 456 -8.59 9.75 21.59
CA GLN A 456 -8.03 11.11 21.40
C GLN A 456 -9.07 12.10 20.87
N CYS A 457 -10.06 11.59 20.16
CA CYS A 457 -11.15 12.41 19.66
C CYS A 457 -12.22 12.53 20.72
N ALA A 458 -12.62 11.39 21.28
CA ALA A 458 -13.65 11.36 22.32
C ALA A 458 -13.32 12.25 23.51
N ALA A 459 -12.04 12.35 23.87
CA ALA A 459 -11.65 13.12 25.06
C ALA A 459 -12.05 14.59 25.00
N TYR A 460 -12.25 15.11 23.79
CA TYR A 460 -12.60 16.53 23.65
C TYR A 460 -14.06 16.85 23.97
N GLY A 461 -14.90 15.82 23.98
CA GLY A 461 -16.31 16.02 24.25
C GLY A 461 -17.20 15.13 23.41
N LYS A 462 -18.40 15.63 23.10
CA LYS A 462 -19.39 14.84 22.37
C LYS A 462 -18.87 14.46 20.98
N ALA A 463 -19.07 13.20 20.61
CA ALA A 463 -18.53 12.71 19.35
C ALA A 463 -19.68 12.33 18.43
N LEU A 464 -19.54 12.71 17.17
CA LEU A 464 -20.49 12.30 16.16
C LEU A 464 -19.69 11.63 15.06
N ASP A 465 -19.93 10.33 14.87
CA ASP A 465 -19.15 9.58 13.91
C ASP A 465 -20.05 9.30 12.72
N LEU A 466 -19.78 9.98 11.62
CA LEU A 466 -20.51 9.75 10.36
C LEU A 466 -19.61 9.14 9.30
N SER A 467 -18.57 8.43 9.75
CA SER A 467 -17.64 7.80 8.80
C SER A 467 -18.32 6.74 7.92
N LEU A 468 -17.72 6.49 6.76
CA LEU A 468 -18.18 5.44 5.86
C LEU A 468 -19.66 5.59 5.52
N ASN A 469 -20.08 6.83 5.26
CA ASN A 469 -21.41 7.08 4.74
C ASN A 469 -21.31 7.68 3.34
N SER A 470 -22.34 8.39 2.89
CA SER A 470 -22.27 9.02 1.57
C SER A 470 -22.59 10.51 1.61
N ILE A 471 -22.06 11.18 2.63
CA ILE A 471 -22.18 12.63 2.72
C ILE A 471 -21.13 13.24 1.81
N PHE A 472 -21.35 13.16 0.50
CA PHE A 472 -20.35 13.60 -0.46
C PHE A 472 -20.35 15.13 -0.64
N PHE A 473 -21.30 15.79 -0.01
CA PHE A 473 -21.37 17.23 -0.05
C PHE A 473 -22.04 17.73 1.21
N ILE A 474 -21.38 18.62 1.94
CA ILE A 474 -21.98 19.22 3.11
C ILE A 474 -22.68 20.52 2.71
N GLY A 475 -24.00 20.50 2.67
CA GLY A 475 -24.77 21.70 2.38
C GLY A 475 -24.94 22.63 3.58
N PRO A 476 -25.58 23.78 3.35
CA PRO A 476 -25.72 24.85 4.35
C PRO A 476 -26.38 24.42 5.66
N ASN A 477 -27.18 23.35 5.65
CA ASN A 477 -27.93 22.94 6.84
C ASN A 477 -27.61 21.53 7.34
N GLN A 478 -26.49 20.94 6.91
CA GLN A 478 -26.21 19.55 7.25
C GLN A 478 -26.14 19.32 8.75
N PHE A 479 -25.60 20.29 9.48
CA PHE A 479 -25.32 20.08 10.90
C PHE A 479 -26.17 20.93 11.83
N GLU A 480 -27.34 21.32 11.36
CA GLU A 480 -28.27 22.09 12.20
C GLU A 480 -28.90 21.19 13.25
N ASN A 481 -29.22 21.78 14.41
CA ASN A 481 -29.89 21.08 15.50
C ASN A 481 -29.08 19.94 16.13
N LEU A 482 -27.76 20.00 15.99
CA LEU A 482 -26.89 19.02 16.62
C LEU A 482 -26.51 19.47 18.02
N PRO A 483 -26.11 18.51 18.87
CA PRO A 483 -25.51 18.87 20.16
C PRO A 483 -24.20 19.60 19.90
N ASP A 484 -23.58 20.16 20.94
CA ASP A 484 -22.28 20.80 20.77
C ASP A 484 -21.21 19.75 20.49
N ILE A 485 -21.05 19.39 19.22
CA ILE A 485 -20.09 18.38 18.79
C ILE A 485 -18.66 18.89 18.89
N ALA A 486 -17.80 18.14 19.59
CA ALA A 486 -16.39 18.47 19.77
C ALA A 486 -15.52 17.57 18.90
N CYS A 487 -16.04 16.38 18.61
CA CYS A 487 -15.31 15.35 17.90
C CYS A 487 -16.20 14.91 16.74
N LEU A 488 -15.74 15.13 15.51
CA LEU A 488 -16.55 14.85 14.32
C LEU A 488 -15.80 14.01 13.32
N ASN A 489 -16.36 12.84 13.00
CA ASN A 489 -15.73 11.94 12.07
C ASN A 489 -16.51 11.91 10.76
N LEU A 490 -15.91 12.43 9.71
CA LEU A 490 -16.52 12.42 8.39
C LEU A 490 -15.67 11.62 7.42
N SER A 491 -14.89 10.69 7.95
CA SER A 491 -13.99 9.87 7.14
C SER A 491 -14.76 9.07 6.09
N ALA A 492 -14.16 8.94 4.90
CA ALA A 492 -14.68 8.02 3.85
C ALA A 492 -16.14 8.25 3.50
N ASN A 493 -16.48 9.50 3.17
CA ASN A 493 -17.81 9.89 2.73
C ASN A 493 -17.81 10.32 1.26
N SER A 494 -16.74 10.00 0.54
CA SER A 494 -16.61 10.32 -0.88
C SER A 494 -16.78 11.80 -1.15
N ASN A 495 -16.39 12.63 -0.19
CA ASN A 495 -16.60 14.07 -0.32
C ASN A 495 -15.55 14.72 -1.22
N ALA A 496 -16.02 15.30 -2.33
CA ALA A 496 -15.16 15.99 -3.29
C ALA A 496 -15.34 17.51 -3.28
N GLN A 497 -16.00 18.03 -2.25
CA GLN A 497 -16.36 19.45 -2.28
C GLN A 497 -15.21 20.39 -1.97
N VAL A 498 -15.42 21.66 -2.26
CA VAL A 498 -14.48 22.71 -1.90
C VAL A 498 -14.96 23.33 -0.61
N LEU A 499 -14.37 22.91 0.51
CA LEU A 499 -14.72 23.50 1.80
C LEU A 499 -14.35 24.98 1.76
N SER A 500 -15.28 25.83 2.20
CA SER A 500 -15.18 27.27 1.94
C SER A 500 -15.26 28.12 3.20
N GLY A 501 -15.33 27.47 4.36
CA GLY A 501 -15.33 28.22 5.60
C GLY A 501 -16.72 28.54 6.14
N THR A 502 -17.73 27.83 5.63
CA THR A 502 -19.10 28.02 6.10
C THR A 502 -19.79 26.71 6.45
N GLU A 503 -19.22 25.60 5.97
CA GLU A 503 -19.88 24.31 6.13
C GLU A 503 -20.07 23.83 7.58
N PHE A 504 -19.23 24.26 8.51
CA PHE A 504 -19.34 23.78 9.90
C PHE A 504 -19.82 24.85 10.88
N SER A 505 -20.42 25.91 10.35
CA SER A 505 -20.81 27.05 11.17
C SER A 505 -21.85 26.70 12.25
N ALA A 506 -22.61 25.63 12.03
CA ALA A 506 -23.59 25.17 13.03
C ALA A 506 -22.97 24.36 14.16
N ILE A 507 -21.74 23.90 13.96
CA ILE A 507 -21.00 23.23 15.01
C ILE A 507 -19.59 23.79 15.09
N PRO A 508 -19.47 25.05 15.53
CA PRO A 508 -18.22 25.82 15.45
C PRO A 508 -17.18 25.42 16.49
N HIS A 509 -17.55 24.56 17.43
CA HIS A 509 -16.65 24.19 18.51
C HIS A 509 -16.06 22.79 18.35
N VAL A 510 -16.05 22.30 17.10
CA VAL A 510 -15.39 21.05 16.81
C VAL A 510 -13.91 21.24 17.09
N LYS A 511 -13.32 20.29 17.81
CA LYS A 511 -11.93 20.40 18.22
C LYS A 511 -11.05 19.30 17.61
N TYR A 512 -11.68 18.20 17.22
CA TYR A 512 -11.01 17.11 16.54
C TYR A 512 -11.86 16.72 15.35
N LEU A 513 -11.32 16.94 14.16
CA LEU A 513 -12.06 16.70 12.93
C LEU A 513 -11.31 15.71 12.07
N ASP A 514 -11.99 14.62 11.72
CA ASP A 514 -11.42 13.60 10.90
C ASP A 514 -12.11 13.64 9.53
N LEU A 515 -11.37 14.10 8.53
CA LEU A 515 -11.86 14.13 7.16
C LEU A 515 -11.10 13.16 6.27
N THR A 516 -10.57 12.10 6.86
CA THR A 516 -9.69 11.21 6.10
C THR A 516 -10.44 10.48 5.02
N ASN A 517 -9.69 10.04 4.01
CA ASN A 517 -10.23 9.13 3.02
C ASN A 517 -11.41 9.69 2.26
N ASN A 518 -11.36 10.98 1.95
CA ASN A 518 -12.34 11.51 1.02
C ASN A 518 -11.66 11.84 -0.31
N ARG A 519 -12.25 12.75 -1.07
CA ARG A 519 -11.58 13.23 -2.27
C ARG A 519 -11.68 14.73 -2.30
N LEU A 520 -11.34 15.34 -1.16
CA LEU A 520 -11.55 16.77 -0.98
C LEU A 520 -10.71 17.59 -1.92
N ASP A 521 -11.34 18.66 -2.39
CA ASP A 521 -10.77 19.60 -3.34
C ASP A 521 -10.36 20.81 -2.53
N PHE A 522 -9.09 20.90 -2.16
CA PHE A 522 -8.65 22.02 -1.35
C PHE A 522 -8.38 23.21 -2.23
N ASP A 523 -9.43 23.99 -2.46
CA ASP A 523 -9.38 25.04 -3.47
C ASP A 523 -9.90 26.36 -2.94
N ASN A 524 -9.86 26.53 -1.62
CA ASN A 524 -10.31 27.78 -1.01
C ASN A 524 -9.52 28.06 0.26
N ALA A 525 -9.00 29.28 0.36
CA ALA A 525 -8.11 29.65 1.45
C ALA A 525 -8.80 29.78 2.80
N SER A 526 -10.14 29.82 2.81
CA SER A 526 -10.89 29.97 4.05
C SER A 526 -11.43 28.65 4.57
N ALA A 527 -11.09 27.55 3.91
CA ALA A 527 -11.57 26.23 4.31
C ALA A 527 -11.46 26.01 5.82
N LEU A 528 -12.53 25.52 6.43
CA LEU A 528 -12.52 25.09 7.82
C LEU A 528 -12.27 26.21 8.84
N THR A 529 -12.12 27.45 8.36
CA THR A 529 -11.81 28.55 9.28
C THR A 529 -12.93 28.91 10.25
N GLU A 530 -14.11 28.33 10.07
CA GLU A 530 -15.22 28.60 10.97
C GLU A 530 -15.01 27.85 12.29
N LEU A 531 -14.12 26.86 12.26
CA LEU A 531 -13.84 26.05 13.45
C LEU A 531 -12.70 26.66 14.26
N SER A 532 -12.97 27.76 14.95
CA SER A 532 -11.90 28.52 15.59
C SER A 532 -11.24 27.79 16.75
N ASP A 533 -11.87 26.74 17.25
CA ASP A 533 -11.31 25.96 18.36
C ASP A 533 -10.64 24.68 17.88
N LEU A 534 -10.48 24.54 16.56
CA LEU A 534 -9.92 23.32 16.00
C LEU A 534 -8.51 23.05 16.53
N GLU A 535 -8.29 21.83 17.04
CA GLU A 535 -6.99 21.48 17.64
C GLU A 535 -6.31 20.34 16.88
N VAL A 536 -7.11 19.39 16.41
CA VAL A 536 -6.59 18.23 15.69
C VAL A 536 -7.33 18.11 14.36
N LEU A 537 -6.59 18.21 13.27
CA LEU A 537 -7.18 18.06 11.93
C LEU A 537 -6.53 16.91 11.17
N ASP A 538 -7.34 15.98 10.70
CA ASP A 538 -6.82 14.83 9.95
C ASP A 538 -7.34 14.85 8.51
N LEU A 539 -6.43 15.07 7.56
CA LEU A 539 -6.76 15.16 6.13
C LEU A 539 -6.09 14.04 5.32
N SER A 540 -5.63 13.01 6.01
CA SER A 540 -4.96 11.91 5.36
C SER A 540 -5.82 11.30 4.26
N TYR A 541 -5.15 10.79 3.23
CA TYR A 541 -5.80 10.10 2.13
C TYR A 541 -6.86 10.93 1.43
N ASN A 542 -6.52 12.17 1.12
CA ASN A 542 -7.34 13.00 0.23
C ASN A 542 -6.55 13.37 -1.03
N SER A 543 -5.94 12.36 -1.66
CA SER A 543 -4.97 12.58 -2.73
C SER A 543 -5.60 12.90 -4.08
N HIS A 544 -6.92 12.76 -4.18
CA HIS A 544 -7.63 12.80 -5.45
C HIS A 544 -7.28 14.01 -6.32
N TYR A 545 -7.36 15.21 -5.74
CA TYR A 545 -7.06 16.43 -6.49
C TYR A 545 -5.61 16.83 -6.41
N PHE A 546 -4.96 16.55 -5.28
CA PHE A 546 -3.55 16.84 -5.11
C PHE A 546 -2.70 16.19 -6.20
N ARG A 547 -3.11 15.01 -6.64
CA ARG A 547 -2.34 14.21 -7.60
C ARG A 547 -2.35 14.87 -8.99
N ILE A 548 -3.33 15.73 -9.24
CA ILE A 548 -3.49 16.36 -10.56
C ILE A 548 -2.83 17.73 -10.60
N ALA A 549 -1.79 17.86 -11.42
CA ALA A 549 -0.99 19.09 -11.45
C ALA A 549 -1.80 20.28 -11.93
N GLY A 550 -2.75 20.01 -12.83
CA GLY A 550 -3.40 21.07 -13.58
C GLY A 550 -4.45 21.85 -12.83
N VAL A 551 -4.99 21.27 -11.74
CA VAL A 551 -5.98 21.99 -10.94
C VAL A 551 -5.29 22.77 -9.82
N THR A 552 -5.95 23.77 -9.24
CA THR A 552 -5.33 24.53 -8.18
C THR A 552 -5.42 23.78 -6.85
N HIS A 553 -4.52 24.10 -5.92
CA HIS A 553 -4.47 23.43 -4.62
C HIS A 553 -4.12 24.48 -3.59
N HIS A 554 -4.92 24.60 -2.53
CA HIS A 554 -4.74 25.69 -1.58
C HIS A 554 -4.73 25.21 -0.14
N LEU A 555 -3.59 25.35 0.53
CA LEU A 555 -3.48 24.95 1.93
C LEU A 555 -3.32 26.13 2.89
N GLU A 556 -3.50 27.36 2.41
CA GLU A 556 -3.21 28.55 3.23
C GLU A 556 -4.09 28.66 4.48
N PHE A 557 -5.15 27.87 4.54
CA PHE A 557 -6.12 27.98 5.65
C PHE A 557 -5.52 27.51 6.98
N ILE A 558 -4.47 26.70 6.90
CA ILE A 558 -3.75 26.19 8.05
C ILE A 558 -3.34 27.31 9.02
N GLN A 559 -3.01 28.48 8.49
CA GLN A 559 -2.49 29.58 9.29
C GLN A 559 -3.54 30.28 10.13
N ASN A 560 -4.81 30.09 9.82
CA ASN A 560 -5.87 30.88 10.49
C ASN A 560 -6.33 30.35 11.84
N PHE A 561 -5.91 29.14 12.18
CA PHE A 561 -6.28 28.54 13.47
C PHE A 561 -5.32 28.95 14.60
N THR A 562 -5.90 29.36 15.71
CA THR A 562 -5.13 29.85 16.84
C THR A 562 -4.77 28.74 17.83
N ASN A 563 -5.47 27.63 17.73
CA ASN A 563 -5.15 26.52 18.64
C ASN A 563 -5.06 25.19 17.92
N LEU A 564 -4.70 25.23 16.65
CA LEU A 564 -4.48 24.00 15.90
C LEU A 564 -3.20 23.39 16.45
N LYS A 565 -3.23 22.12 16.79
CA LYS A 565 -2.06 21.51 17.43
C LYS A 565 -1.43 20.41 16.59
N VAL A 566 -2.28 19.61 15.96
CA VAL A 566 -1.86 18.42 15.24
C VAL A 566 -2.54 18.45 13.87
N LEU A 567 -1.71 18.40 12.83
CA LEU A 567 -2.22 18.35 11.46
C LEU A 567 -1.67 17.14 10.74
N ASN A 568 -2.56 16.26 10.26
CA ASN A 568 -2.12 15.12 9.49
C ASN A 568 -2.48 15.31 8.03
N LEU A 569 -1.44 15.47 7.19
CA LEU A 569 -1.61 15.60 5.75
C LEU A 569 -1.07 14.37 5.04
N SER A 570 -1.07 13.23 5.71
CA SER A 570 -0.40 12.07 5.15
C SER A 570 -1.06 11.53 3.89
N HIS A 571 -0.27 10.90 3.04
CA HIS A 571 -0.77 10.17 1.89
C HIS A 571 -1.70 11.01 1.03
N ASN A 572 -1.32 12.27 0.84
CA ASN A 572 -2.08 13.11 -0.07
C ASN A 572 -1.41 13.28 -1.44
N ASN A 573 -0.22 12.71 -1.60
CA ASN A 573 0.51 12.86 -2.86
C ASN A 573 0.72 14.32 -3.20
N ILE A 574 0.96 15.15 -2.20
CA ILE A 574 1.19 16.57 -2.47
C ILE A 574 2.55 16.75 -3.15
N TYR A 575 2.54 17.35 -4.34
CA TYR A 575 3.80 17.72 -4.99
C TYR A 575 3.74 19.12 -5.57
N THR A 576 2.57 19.73 -5.53
CA THR A 576 2.43 21.05 -6.10
C THR A 576 1.30 21.81 -5.43
N LEU A 577 1.57 23.08 -5.14
CA LEU A 577 0.59 23.98 -4.52
C LEU A 577 0.49 25.23 -5.36
N THR A 578 -0.57 26.00 -5.14
CA THR A 578 -0.85 27.18 -5.96
C THR A 578 -0.56 28.48 -5.19
N ASP A 579 0.34 29.30 -5.75
CA ASP A 579 0.63 30.64 -5.20
C ASP A 579 1.35 30.62 -3.84
N LYS A 580 0.75 30.02 -2.83
CA LYS A 580 1.40 29.96 -1.52
C LYS A 580 2.09 28.62 -1.29
N TYR A 581 3.41 28.63 -1.23
CA TYR A 581 4.14 27.37 -1.21
C TYR A 581 4.50 26.98 0.20
N ASN A 582 4.24 27.88 1.15
CA ASN A 582 4.62 27.65 2.54
C ASN A 582 3.46 27.30 3.47
N LEU A 583 3.65 26.28 4.29
CA LEU A 583 2.72 25.97 5.37
C LEU A 583 3.10 26.82 6.57
N GLU A 584 2.11 27.53 7.15
CA GLU A 584 2.39 28.44 8.25
C GLU A 584 1.41 28.25 9.42
N SER A 585 1.92 28.35 10.63
CA SER A 585 1.10 28.29 11.84
C SER A 585 1.91 28.74 13.05
N LYS A 586 1.30 29.57 13.90
CA LYS A 586 1.95 29.96 15.16
C LYS A 586 1.74 28.88 16.21
N SER A 587 0.75 28.02 15.99
CA SER A 587 0.29 27.12 17.04
C SER A 587 0.75 25.69 16.84
N LEU A 588 0.76 25.27 15.58
CA LEU A 588 0.93 23.86 15.24
C LEU A 588 2.15 23.23 15.91
N VAL A 589 1.93 22.07 16.50
CA VAL A 589 2.98 21.37 17.23
C VAL A 589 3.46 20.13 16.47
N GLU A 590 2.54 19.50 15.76
CA GLU A 590 2.86 18.25 15.06
C GLU A 590 2.36 18.24 13.62
N LEU A 591 3.26 18.01 12.67
CA LEU A 591 2.85 17.87 11.28
C LEU A 591 3.23 16.50 10.72
N VAL A 592 2.23 15.73 10.31
CA VAL A 592 2.49 14.47 9.65
C VAL A 592 2.40 14.71 8.14
N PHE A 593 3.53 14.63 7.44
CA PHE A 593 3.56 14.90 5.99
C PHE A 593 4.01 13.65 5.23
N SER A 594 3.85 12.48 5.84
CA SER A 594 4.22 11.23 5.18
C SER A 594 3.36 10.92 3.95
N GLY A 595 3.92 10.18 3.00
CA GLY A 595 3.15 9.72 1.86
C GLY A 595 2.83 10.82 0.86
N ASN A 596 3.70 11.81 0.84
CA ASN A 596 3.61 12.89 -0.14
C ASN A 596 4.85 12.86 -1.03
N ARG A 597 5.09 13.94 -1.78
CA ARG A 597 6.22 13.92 -2.72
C ARG A 597 7.23 15.04 -2.49
N LEU A 598 7.89 15.03 -1.33
CA LEU A 598 8.92 16.03 -1.05
C LEU A 598 10.10 15.88 -2.03
N ASP A 599 10.25 14.68 -2.60
CA ASP A 599 11.29 14.48 -3.62
C ASP A 599 11.08 15.45 -4.79
N ILE A 600 9.82 15.65 -5.17
CA ILE A 600 9.48 16.62 -6.22
C ILE A 600 9.48 18.06 -5.70
N LEU A 601 8.87 18.27 -4.52
CA LEU A 601 8.77 19.61 -3.93
C LEU A 601 10.14 20.21 -3.72
N TRP A 602 11.09 19.37 -3.32
CA TRP A 602 12.44 19.84 -3.01
C TRP A 602 13.44 19.45 -4.07
N ASN A 603 12.97 19.18 -5.28
CA ASN A 603 13.92 18.79 -6.33
C ASN A 603 14.95 19.89 -6.57
N ASP A 604 16.13 19.49 -7.01
CA ASP A 604 17.29 20.38 -7.03
C ASP A 604 17.10 21.63 -7.91
N ASP A 605 16.15 21.55 -8.84
CA ASP A 605 15.94 22.62 -9.80
C ASP A 605 14.79 23.58 -9.44
N ASP A 606 14.25 23.44 -8.23
CA ASP A 606 13.10 24.22 -7.78
C ASP A 606 13.36 24.81 -6.41
N ASN A 607 13.29 26.14 -6.31
CA ASN A 607 13.55 26.85 -5.05
C ASN A 607 12.28 27.22 -4.28
N ARG A 608 11.12 26.95 -4.86
CA ARG A 608 9.87 27.52 -4.37
C ARG A 608 9.40 26.94 -3.04
N TYR A 609 9.74 25.68 -2.78
CA TYR A 609 9.29 24.99 -1.57
C TYR A 609 10.40 24.82 -0.53
N ILE A 610 11.42 25.65 -0.63
CA ILE A 610 12.61 25.50 0.20
C ILE A 610 12.34 25.88 1.66
N SER A 611 11.24 26.60 1.87
CA SER A 611 10.85 27.03 3.22
C SER A 611 9.46 26.53 3.56
N ILE A 612 9.09 25.37 3.03
CA ILE A 612 7.71 24.89 3.14
C ILE A 612 7.25 24.68 4.59
N PHE A 613 8.17 24.42 5.51
CA PHE A 613 7.80 24.11 6.88
C PHE A 613 8.33 25.15 7.86
N LYS A 614 9.11 26.10 7.34
CA LYS A 614 9.76 27.10 8.20
C LYS A 614 8.76 27.95 8.97
N GLY A 615 7.58 28.17 8.40
CA GLY A 615 6.57 29.04 9.01
C GLY A 615 5.80 28.35 10.13
N LEU A 616 6.16 27.10 10.41
CA LEU A 616 5.53 26.35 11.49
C LEU A 616 6.40 26.57 12.73
N LYS A 617 6.30 27.78 13.30
CA LYS A 617 7.24 28.27 14.30
C LYS A 617 7.20 27.50 15.61
N ASN A 618 6.12 26.75 15.82
CA ASN A 618 5.90 26.12 17.11
C ASN A 618 6.07 24.62 17.00
N LEU A 619 6.42 24.17 15.80
CA LEU A 619 6.45 22.75 15.47
C LEU A 619 7.53 22.03 16.26
N THR A 620 7.21 20.84 16.77
CA THR A 620 8.18 20.05 17.52
C THR A 620 8.27 18.62 17.02
N ARG A 621 7.20 18.13 16.39
CA ARG A 621 7.22 16.82 15.78
C ARG A 621 6.88 16.89 14.29
N LEU A 622 7.77 16.35 13.46
CA LEU A 622 7.63 16.40 12.00
C LEU A 622 7.91 15.06 11.35
N ASP A 623 6.95 14.56 10.57
CA ASP A 623 7.05 13.24 9.96
C ASP A 623 7.18 13.42 8.45
N LEU A 624 8.38 13.19 7.93
CA LEU A 624 8.65 13.29 6.49
C LEU A 624 8.88 11.91 5.87
N SER A 625 8.33 10.87 6.49
CA SER A 625 8.57 9.52 5.98
C SER A 625 7.82 9.30 4.67
N LEU A 626 8.20 8.26 3.93
CA LEU A 626 7.50 7.88 2.72
C LEU A 626 7.35 9.05 1.71
N ASN A 627 8.39 9.86 1.58
CA ASN A 627 8.39 10.92 0.57
C ASN A 627 9.36 10.68 -0.59
N ARG A 628 9.83 9.44 -0.72
CA ARG A 628 10.72 9.06 -1.82
C ARG A 628 11.96 9.93 -1.91
N LEU A 629 12.41 10.43 -0.77
CA LEU A 629 13.57 11.32 -0.74
C LEU A 629 14.85 10.52 -0.96
N LYS A 630 15.67 10.96 -1.90
CA LYS A 630 16.98 10.37 -2.13
C LYS A 630 18.02 11.23 -1.41
N HIS A 631 17.65 12.49 -1.20
CA HIS A 631 18.44 13.43 -0.43
C HIS A 631 17.62 14.68 -0.14
N ILE A 632 18.00 15.41 0.89
CA ILE A 632 17.36 16.68 1.20
C ILE A 632 18.39 17.77 0.98
N PRO A 633 18.05 18.77 0.14
CA PRO A 633 18.99 19.87 -0.11
C PRO A 633 19.32 20.59 1.19
N ASN A 634 20.58 20.96 1.37
CA ASN A 634 21.02 21.56 2.64
C ASN A 634 20.12 22.71 3.08
N GLU A 635 19.79 23.56 2.12
CA GLU A 635 18.95 24.74 2.37
C GLU A 635 17.56 24.33 2.84
N ALA A 636 17.02 23.28 2.23
CA ALA A 636 15.73 22.76 2.65
C ALA A 636 15.79 22.26 4.10
N PHE A 637 16.85 21.51 4.43
CA PHE A 637 16.95 20.91 5.75
C PHE A 637 17.11 22.01 6.80
N LEU A 638 17.97 22.98 6.50
CA LEU A 638 18.25 24.07 7.43
C LEU A 638 17.03 24.98 7.62
N ASN A 639 16.07 24.88 6.70
CA ASN A 639 14.84 25.65 6.81
C ASN A 639 13.72 24.93 7.58
N LEU A 640 14.02 23.74 8.08
CA LEU A 640 13.07 23.04 8.94
C LEU A 640 12.98 23.84 10.24
N PRO A 641 11.80 23.83 10.88
CA PRO A 641 11.62 24.60 12.11
C PRO A 641 12.71 24.30 13.13
N ALA A 642 13.37 25.33 13.63
CA ALA A 642 14.41 25.18 14.65
C ALA A 642 13.86 24.66 15.98
N SER A 643 12.54 24.58 16.08
CA SER A 643 11.90 24.19 17.33
C SER A 643 11.71 22.68 17.45
N LEU A 644 12.02 21.95 16.38
CA LEU A 644 11.81 20.50 16.35
C LEU A 644 12.55 19.76 17.45
N THR A 645 11.87 18.79 18.04
CA THR A 645 12.46 17.88 19.03
C THR A 645 12.44 16.47 18.44
N GLU A 646 11.56 16.25 17.47
CA GLU A 646 11.36 14.93 16.89
C GLU A 646 11.21 15.00 15.37
N LEU A 647 12.15 14.39 14.66
CA LEU A 647 12.13 14.40 13.19
C LEU A 647 12.20 12.98 12.61
N HIS A 648 11.19 12.63 11.83
CA HIS A 648 11.15 11.35 11.13
C HIS A 648 11.37 11.53 9.63
N ILE A 649 12.39 10.87 9.10
CA ILE A 649 12.60 10.85 7.65
C ILE A 649 12.84 9.40 7.24
N ASN A 650 12.14 8.50 7.92
CA ASN A 650 12.28 7.07 7.69
C ASN A 650 11.58 6.60 6.42
N ASP A 651 11.95 5.41 5.95
CA ASP A 651 11.34 4.82 4.76
C ASP A 651 11.32 5.77 3.57
N ASN A 652 12.45 6.42 3.36
CA ASN A 652 12.68 7.13 2.11
C ASN A 652 13.77 6.35 1.39
N MET A 653 14.58 7.02 0.58
CA MET A 653 15.69 6.35 -0.09
C MET A 653 16.94 7.16 0.11
N LEU A 654 17.10 7.70 1.31
CA LEU A 654 18.22 8.59 1.59
C LEU A 654 19.54 7.85 1.41
N LYS A 655 20.42 8.43 0.59
CA LYS A 655 21.76 7.89 0.38
C LYS A 655 22.75 8.86 1.00
N PHE A 656 22.27 10.06 1.28
CA PHE A 656 23.11 11.12 1.82
C PHE A 656 22.41 11.83 2.97
N PHE A 657 23.17 12.11 4.03
CA PHE A 657 22.67 12.93 5.13
C PHE A 657 23.76 13.82 5.70
N ASN A 658 23.52 15.12 5.69
CA ASN A 658 24.51 16.08 6.18
C ASN A 658 24.34 16.25 7.68
N TRP A 659 25.19 15.55 8.44
CA TRP A 659 25.11 15.53 9.90
C TRP A 659 25.42 16.90 10.48
N THR A 660 26.19 17.69 9.75
CA THR A 660 26.58 19.03 10.18
C THR A 660 25.37 19.92 10.46
N LEU A 661 24.31 19.73 9.68
CA LEU A 661 23.13 20.59 9.76
C LEU A 661 22.37 20.44 11.08
N LEU A 662 22.70 19.41 11.85
CA LEU A 662 22.05 19.22 13.14
C LEU A 662 22.37 20.36 14.11
N GLN A 663 23.43 21.10 13.82
CA GLN A 663 23.79 22.28 14.62
C GLN A 663 22.61 23.25 14.74
N GLN A 664 21.83 23.33 13.67
CA GLN A 664 20.70 24.23 13.57
C GLN A 664 19.54 23.84 14.47
N PHE A 665 19.57 22.62 15.00
CA PHE A 665 18.42 22.10 15.74
C PHE A 665 18.79 21.69 17.16
N PRO A 666 18.97 22.70 18.04
CA PRO A 666 19.51 22.50 19.40
C PRO A 666 18.51 21.85 20.35
N ARG A 667 17.28 21.62 19.89
CA ARG A 667 16.25 20.98 20.73
C ARG A 667 15.91 19.59 20.21
N LEU A 668 16.59 19.17 19.14
CA LEU A 668 16.32 17.89 18.52
C LEU A 668 16.75 16.75 19.43
N GLU A 669 15.79 15.91 19.81
CA GLU A 669 16.02 14.81 20.73
C GLU A 669 15.95 13.46 20.03
N LEU A 670 15.17 13.40 18.95
CA LEU A 670 14.97 12.15 18.21
C LEU A 670 15.10 12.36 16.72
N LEU A 671 16.01 11.62 16.09
CA LEU A 671 16.13 11.60 14.62
C LEU A 671 15.91 10.17 14.10
N ASP A 672 14.84 9.99 13.34
CA ASP A 672 14.47 8.67 12.82
C ASP A 672 14.86 8.58 11.34
N LEU A 673 15.90 7.82 11.04
CA LEU A 673 16.36 7.67 9.65
C LEU A 673 16.29 6.21 9.18
N ARG A 674 15.39 5.43 9.80
CA ARG A 674 15.24 4.01 9.50
C ARG A 674 14.72 3.78 8.09
N GLY A 675 15.15 2.70 7.45
CA GLY A 675 14.57 2.32 6.18
C GLY A 675 14.98 3.22 5.03
N ASN A 676 16.26 3.56 5.00
CA ASN A 676 16.86 4.34 3.92
C ASN A 676 18.04 3.56 3.33
N LYS A 677 18.99 4.25 2.70
CA LYS A 677 20.13 3.61 2.06
C LYS A 677 21.44 4.29 2.44
N LEU A 678 21.49 4.79 3.67
CA LEU A 678 22.69 5.45 4.17
C LEU A 678 23.83 4.46 4.29
N LEU A 679 25.04 4.91 3.96
CA LEU A 679 26.22 4.06 4.06
C LEU A 679 27.26 4.73 4.94
N PHE A 680 26.90 5.91 5.47
CA PHE A 680 27.88 6.76 6.13
C PHE A 680 27.42 7.38 7.45
N LEU A 681 28.28 7.31 8.44
CA LEU A 681 28.07 8.02 9.69
C LEU A 681 29.19 9.03 9.90
N THR A 682 28.87 10.13 10.57
CA THR A 682 29.89 11.10 10.96
C THR A 682 30.62 10.56 12.19
N ASP A 683 31.87 10.96 12.37
CA ASP A 683 32.64 10.57 13.54
C ASP A 683 32.80 11.76 14.48
N SER A 684 31.94 12.76 14.28
CA SER A 684 32.00 14.00 15.03
C SER A 684 30.60 14.51 15.34
N LEU A 685 29.70 13.57 15.64
CA LEU A 685 28.30 13.89 15.95
C LEU A 685 28.22 14.90 17.10
N SER A 686 29.10 14.74 18.08
CA SER A 686 29.14 15.60 19.26
C SER A 686 29.36 17.07 18.89
N ASP A 687 30.13 17.30 17.83
CA ASP A 687 30.35 18.65 17.33
C ASP A 687 29.09 19.21 16.68
N PHE A 688 28.12 18.33 16.42
CA PHE A 688 26.93 18.72 15.67
C PHE A 688 25.68 18.78 16.54
N THR A 689 25.69 18.06 17.64
CA THR A 689 24.54 18.03 18.53
C THR A 689 24.91 17.64 19.95
N SER A 690 24.22 18.24 20.92
CA SER A 690 24.38 17.89 22.32
C SER A 690 23.01 17.63 22.93
N SER A 691 22.01 17.49 22.05
CA SER A 691 20.63 17.31 22.45
C SER A 691 20.04 15.99 21.98
N LEU A 692 20.60 15.41 20.92
CA LEU A 692 20.06 14.17 20.37
C LEU A 692 20.21 13.01 21.36
N ARG A 693 19.09 12.35 21.68
CA ARG A 693 19.10 11.26 22.66
C ARG A 693 18.74 9.93 22.01
N THR A 694 17.95 9.99 20.95
CA THR A 694 17.56 8.79 20.23
C THR A 694 17.88 8.95 18.75
N LEU A 695 18.68 8.03 18.22
CA LEU A 695 19.01 8.03 16.78
C LEU A 695 18.68 6.66 16.18
N LEU A 696 17.65 6.62 15.35
CA LEU A 696 17.20 5.36 14.77
C LEU A 696 17.75 5.16 13.37
N LEU A 697 18.62 4.17 13.20
CA LEU A 697 19.27 3.96 11.90
C LEU A 697 19.09 2.57 11.31
N SER A 698 18.12 1.82 11.84
CA SER A 698 17.92 0.45 11.37
C SER A 698 17.52 0.42 9.89
N HIS A 699 17.88 -0.68 9.24
CA HIS A 699 17.57 -0.87 7.82
C HIS A 699 18.19 0.21 6.94
N ASN A 700 19.50 0.36 7.06
CA ASN A 700 20.29 1.14 6.11
C ASN A 700 21.40 0.26 5.55
N ARG A 701 22.44 0.89 5.00
CA ARG A 701 23.54 0.14 4.39
C ARG A 701 24.87 0.43 5.06
N ILE A 702 24.81 0.86 6.32
CA ILE A 702 26.01 1.16 7.11
C ILE A 702 26.82 -0.11 7.31
N SER A 703 28.08 -0.08 6.86
CA SER A 703 28.93 -1.27 6.89
C SER A 703 30.16 -1.06 7.75
N HIS A 704 30.28 0.14 8.31
CA HIS A 704 31.47 0.48 9.09
C HIS A 704 31.18 1.55 10.13
N LEU A 705 31.48 1.26 11.39
CA LEU A 705 31.41 2.28 12.42
C LEU A 705 32.75 3.00 12.49
N PRO A 706 32.72 4.35 12.41
CA PRO A 706 33.94 5.16 12.38
C PRO A 706 34.70 5.10 13.71
N SER A 707 35.97 5.51 13.68
CA SER A 707 36.81 5.52 14.87
C SER A 707 36.38 6.61 15.85
N GLY A 708 36.18 6.23 17.10
CA GLY A 708 35.72 7.17 18.11
C GLY A 708 34.28 7.59 17.87
N PHE A 709 33.39 6.61 17.76
CA PHE A 709 31.99 6.88 17.49
C PHE A 709 31.15 6.97 18.76
N LEU A 710 31.16 5.91 19.56
CA LEU A 710 30.31 5.82 20.75
C LEU A 710 30.55 6.93 21.77
N SER A 711 31.82 7.18 22.10
CA SER A 711 32.16 8.18 23.10
C SER A 711 31.96 9.61 22.57
N GLU A 712 32.08 9.76 21.25
CA GLU A 712 31.78 11.02 20.58
C GLU A 712 30.34 11.39 20.90
N VAL A 713 29.44 10.73 20.17
CA VAL A 713 28.01 10.56 20.48
C VAL A 713 27.55 11.13 21.84
N SER A 714 28.02 10.52 22.92
CA SER A 714 27.83 11.01 24.30
C SER A 714 26.46 11.47 24.82
N SER A 715 25.61 12.04 23.97
CA SER A 715 24.29 12.48 24.43
C SER A 715 23.22 11.43 24.15
N LEU A 716 23.54 10.51 23.25
CA LEU A 716 22.61 9.46 22.86
C LEU A 716 22.37 8.49 24.03
N LYS A 717 21.09 8.23 24.32
CA LYS A 717 20.72 7.14 25.22
C LYS A 717 20.43 5.90 24.39
N HIS A 718 19.88 6.12 23.20
CA HIS A 718 19.40 5.04 22.36
C HIS A 718 19.93 5.18 20.94
N LEU A 719 20.76 4.21 20.53
CA LEU A 719 21.27 4.15 19.16
C LEU A 719 20.78 2.84 18.51
N ASP A 720 20.06 2.95 17.39
CA ASP A 720 19.53 1.77 16.70
C ASP A 720 20.25 1.47 15.38
N LEU A 721 21.21 0.55 15.44
CA LEU A 721 21.99 0.17 14.27
C LEU A 721 21.65 -1.21 13.73
N SER A 722 20.46 -1.71 14.06
CA SER A 722 20.05 -3.05 13.64
C SER A 722 19.80 -3.11 12.13
N SER A 723 19.90 -4.31 11.56
CA SER A 723 19.63 -4.53 10.13
C SER A 723 20.44 -3.64 9.21
N ASN A 724 21.72 -3.49 9.51
CA ASN A 724 22.63 -2.81 8.58
C ASN A 724 23.63 -3.81 8.00
N LEU A 725 24.82 -3.32 7.64
CA LEU A 725 25.83 -4.19 7.02
C LEU A 725 27.09 -4.31 7.86
N LEU A 726 26.96 -4.19 9.17
CA LEU A 726 28.13 -4.32 10.03
C LEU A 726 28.57 -5.77 10.07
N LYS A 727 29.85 -6.00 9.81
CA LYS A 727 30.44 -7.32 9.96
C LYS A 727 31.24 -7.36 11.25
N THR A 728 31.61 -6.17 11.72
CA THR A 728 32.36 -6.04 12.97
C THR A 728 32.24 -4.65 13.58
N ILE A 729 32.66 -4.55 14.83
CA ILE A 729 32.77 -3.28 15.52
C ILE A 729 34.17 -3.24 16.12
N ASN A 730 35.03 -2.35 15.60
CA ASN A 730 36.41 -2.31 16.04
C ASN A 730 36.56 -1.70 17.44
N LYS A 731 37.65 -2.07 18.12
CA LYS A 731 37.98 -1.47 19.42
C LYS A 731 37.95 0.06 19.33
N SER A 732 38.37 0.58 18.19
CA SER A 732 38.45 2.02 17.96
C SER A 732 37.08 2.66 17.95
N ALA A 733 36.07 1.93 17.50
CA ALA A 733 34.70 2.45 17.47
C ALA A 733 34.08 2.46 18.86
N LEU A 734 34.57 1.57 19.72
CA LEU A 734 34.13 1.52 21.11
C LEU A 734 34.94 2.51 21.94
N GLU A 735 36.26 2.47 21.76
CA GLU A 735 37.21 3.42 22.34
C GLU A 735 37.08 3.72 23.84
N THR A 736 35.88 4.16 24.25
CA THR A 736 35.61 4.62 25.61
C THR A 736 36.48 5.82 26.00
N LYS A 737 36.49 6.83 25.15
CA LYS A 737 37.15 8.09 25.47
C LYS A 737 36.50 8.67 26.72
N THR A 738 35.25 9.07 26.58
CA THR A 738 34.44 9.51 27.72
C THR A 738 33.46 8.41 28.11
N THR A 739 32.84 8.56 29.28
CA THR A 739 31.86 7.58 29.75
C THR A 739 30.50 7.78 29.08
N THR A 740 30.10 6.81 28.27
CA THR A 740 28.89 6.91 27.46
C THR A 740 27.61 7.17 28.27
N LYS A 741 26.62 7.75 27.60
CA LYS A 741 25.31 7.98 28.21
C LYS A 741 24.30 7.04 27.56
N LEU A 742 24.84 6.06 26.84
CA LEU A 742 24.06 5.13 26.05
C LEU A 742 23.48 4.01 26.92
N SER A 743 22.17 3.80 26.80
CA SER A 743 21.51 2.78 27.63
C SER A 743 20.91 1.67 26.78
N MET A 744 20.82 1.89 25.47
CA MET A 744 20.33 0.85 24.56
C MET A 744 20.97 0.91 23.17
N LEU A 745 21.57 -0.21 22.77
CA LEU A 745 22.21 -0.34 21.47
C LEU A 745 21.59 -1.52 20.73
N GLU A 746 20.91 -1.25 19.63
CA GLU A 746 20.30 -2.30 18.83
C GLU A 746 21.24 -2.71 17.69
N LEU A 747 21.51 -4.02 17.60
CA LEU A 747 22.48 -4.51 16.61
C LEU A 747 22.06 -5.78 15.86
N HIS A 748 20.86 -6.29 16.13
CA HIS A 748 20.41 -7.50 15.47
C HIS A 748 20.18 -7.29 13.96
N GLY A 749 20.45 -8.33 13.17
CA GLY A 749 20.21 -8.24 11.73
C GLY A 749 21.42 -7.76 10.95
N ASN A 750 22.54 -7.60 11.65
CA ASN A 750 23.81 -7.29 10.99
C ASN A 750 24.58 -8.57 10.69
N PRO A 751 25.26 -8.61 9.53
CA PRO A 751 26.04 -9.79 9.16
C PRO A 751 27.38 -9.83 9.88
N PHE A 752 27.37 -10.20 11.17
CA PHE A 752 28.61 -10.23 11.93
C PHE A 752 29.53 -11.39 11.53
N GLU A 753 30.81 -11.09 11.44
CA GLU A 753 31.82 -12.10 11.11
C GLU A 753 32.39 -12.69 12.38
N CYS A 754 32.00 -13.92 12.70
CA CYS A 754 32.45 -14.56 13.93
C CYS A 754 33.77 -15.29 13.75
N THR A 755 34.84 -14.51 13.79
CA THR A 755 36.19 -15.00 13.78
C THR A 755 36.89 -14.31 14.95
N CYS A 756 38.20 -14.14 14.85
CA CYS A 756 38.95 -13.38 15.86
C CYS A 756 38.39 -11.95 15.98
N ASP A 757 37.94 -11.42 14.86
CA ASP A 757 37.52 -10.02 14.76
C ASP A 757 36.37 -9.60 15.69
N ILE A 758 35.54 -10.54 16.11
CA ILE A 758 34.36 -10.22 16.90
C ILE A 758 34.64 -10.13 18.41
N GLY A 759 35.85 -10.52 18.79
CA GLY A 759 36.23 -10.60 20.20
C GLY A 759 36.20 -9.28 20.96
N ASP A 760 36.61 -8.21 20.30
CA ASP A 760 36.67 -6.89 20.94
C ASP A 760 35.30 -6.36 21.35
N PHE A 761 34.28 -6.73 20.58
CA PHE A 761 32.92 -6.29 20.86
C PHE A 761 32.25 -7.15 21.94
N ARG A 762 32.54 -8.45 21.94
CA ARG A 762 32.05 -9.35 22.97
C ARG A 762 32.57 -8.93 24.33
N ARG A 763 33.83 -8.52 24.36
CA ARG A 763 34.46 -8.03 25.57
C ARG A 763 33.89 -6.66 25.94
N TRP A 764 33.36 -5.96 24.96
CA TRP A 764 32.69 -4.69 25.21
C TRP A 764 31.29 -4.93 25.76
N MET A 765 30.63 -5.96 25.24
CA MET A 765 29.31 -6.36 25.73
C MET A 765 29.34 -6.71 27.22
N ASP A 766 30.46 -7.28 27.66
CA ASP A 766 30.60 -7.71 29.05
C ASP A 766 30.73 -6.53 30.02
N GLU A 767 31.63 -5.61 29.73
CA GLU A 767 31.93 -4.50 30.64
C GLU A 767 30.76 -3.56 30.83
N HIS A 768 30.04 -3.30 29.75
CA HIS A 768 28.96 -2.33 29.78
C HIS A 768 27.60 -3.03 29.89
N LEU A 769 27.27 -3.48 31.09
CA LEU A 769 26.00 -4.16 31.33
C LEU A 769 24.87 -3.14 31.40
N ASN A 770 25.24 -1.86 31.46
CA ASN A 770 24.27 -0.78 31.45
C ASN A 770 23.80 -0.42 30.04
N VAL A 771 24.49 -0.96 29.04
CA VAL A 771 24.00 -0.82 27.67
C VAL A 771 23.23 -2.08 27.28
N LYS A 772 21.90 -1.97 27.29
CA LYS A 772 21.06 -3.09 26.88
C LYS A 772 21.14 -3.39 25.38
N ILE A 773 21.52 -4.62 25.04
CA ILE A 773 21.47 -5.06 23.66
C ILE A 773 20.26 -5.98 23.46
N PRO A 774 19.17 -5.43 22.91
CA PRO A 774 17.97 -6.25 22.69
C PRO A 774 18.25 -7.42 21.72
N ARG A 775 17.44 -8.47 21.79
CA ARG A 775 17.46 -9.54 20.79
C ARG A 775 18.82 -10.17 20.53
N LEU A 776 19.54 -10.50 21.60
CA LEU A 776 20.85 -11.13 21.49
C LEU A 776 20.84 -12.40 20.65
N VAL A 777 19.72 -13.12 20.69
CA VAL A 777 19.55 -14.34 19.91
C VAL A 777 19.52 -14.04 18.42
N ASP A 778 19.19 -12.79 18.08
CA ASP A 778 19.15 -12.35 16.69
C ASP A 778 20.37 -11.50 16.32
N VAL A 779 21.24 -11.27 17.30
CA VAL A 779 22.55 -10.67 17.03
C VAL A 779 23.48 -11.81 16.64
N ILE A 780 23.52 -12.09 15.35
CA ILE A 780 23.95 -13.39 14.83
C ILE A 780 25.19 -13.30 13.93
N CYS A 781 26.01 -14.36 13.94
CA CYS A 781 27.11 -14.47 12.99
C CYS A 781 26.56 -14.89 11.64
N ALA A 782 26.85 -14.10 10.60
CA ALA A 782 26.46 -14.49 9.25
C ALA A 782 27.57 -15.28 8.58
N SER A 783 28.74 -15.30 9.21
CA SER A 783 29.94 -15.91 8.63
C SER A 783 30.97 -16.14 9.73
N PRO A 784 31.88 -17.13 9.53
CA PRO A 784 32.01 -18.04 8.38
C PRO A 784 30.88 -19.05 8.32
N GLY A 785 30.92 -19.91 7.29
CA GLY A 785 29.87 -20.88 7.08
C GLY A 785 29.57 -21.79 8.26
N ASP A 786 30.62 -22.20 8.97
CA ASP A 786 30.45 -23.16 10.06
C ASP A 786 29.77 -22.60 11.31
N GLN A 787 29.47 -21.30 11.32
CA GLN A 787 28.85 -20.67 12.49
C GLN A 787 27.56 -19.96 12.12
N ARG A 788 27.28 -19.90 10.83
CA ARG A 788 26.13 -19.16 10.29
C ARG A 788 24.81 -19.49 11.00
N GLY A 789 24.20 -18.49 11.61
CA GLY A 789 22.96 -18.70 12.34
C GLY A 789 23.14 -18.64 13.85
N LYS A 790 24.39 -18.77 14.30
CA LYS A 790 24.72 -18.75 15.73
C LYS A 790 24.74 -17.33 16.29
N SER A 791 24.16 -17.15 17.48
CA SER A 791 24.23 -15.87 18.18
C SER A 791 25.66 -15.57 18.63
N ILE A 792 26.10 -14.33 18.46
CA ILE A 792 27.48 -13.95 18.73
C ILE A 792 27.87 -14.00 20.21
N VAL A 793 26.89 -13.89 21.10
CA VAL A 793 27.14 -13.92 22.53
C VAL A 793 27.49 -15.34 22.97
N SER A 794 27.16 -16.30 22.11
CA SER A 794 27.54 -17.69 22.31
C SER A 794 28.80 -17.99 21.51
N LEU A 795 29.97 -17.76 22.09
CA LEU A 795 31.21 -17.94 21.35
C LEU A 795 32.43 -18.14 22.25
N SER B 9 34.17 -18.27 -23.67
CA SER B 9 34.16 -17.53 -22.41
C SER B 9 32.75 -17.18 -21.96
N ARG B 10 32.58 -16.98 -20.65
CA ARG B 10 31.34 -16.46 -20.12
C ARG B 10 31.44 -14.94 -20.13
N SER B 11 30.46 -14.26 -20.74
CA SER B 11 30.51 -12.81 -20.89
C SER B 11 30.37 -12.08 -19.56
N TYR B 12 31.17 -11.02 -19.39
CA TYR B 12 31.29 -10.30 -18.12
C TYR B 12 32.14 -9.07 -18.31
N PRO B 13 31.76 -7.93 -17.71
CA PRO B 13 30.62 -7.76 -16.81
C PRO B 13 29.32 -7.46 -17.55
N CYS B 14 29.35 -7.49 -18.87
CA CYS B 14 28.18 -7.13 -19.65
C CYS B 14 27.38 -8.35 -20.09
N ASP B 15 26.12 -8.13 -20.46
CA ASP B 15 25.35 -9.15 -21.18
C ASP B 15 25.38 -8.79 -22.66
N GLU B 16 25.79 -9.74 -23.50
CA GLU B 16 25.86 -9.51 -24.93
C GLU B 16 24.73 -10.22 -25.66
N LYS B 17 24.38 -9.72 -26.84
CA LYS B 17 23.35 -10.34 -27.67
C LYS B 17 23.49 -9.90 -29.12
N LYS B 18 22.61 -10.40 -29.97
CA LYS B 18 22.57 -9.98 -31.36
C LYS B 18 21.19 -9.43 -31.67
N GLN B 19 21.12 -8.15 -32.02
CA GLN B 19 19.84 -7.52 -32.35
C GLN B 19 19.80 -7.12 -33.82
N VAL B 23 25.35 -6.89 -32.84
CA VAL B 23 25.91 -7.38 -31.59
C VAL B 23 26.05 -6.26 -30.57
N ILE B 24 25.14 -6.23 -29.60
CA ILE B 24 25.11 -5.19 -28.59
C ILE B 24 25.51 -5.72 -27.20
N ALA B 25 26.41 -5.02 -26.54
CA ALA B 25 26.79 -5.37 -25.18
C ALA B 25 26.06 -4.47 -24.21
N GLU B 26 25.21 -5.08 -23.39
CA GLU B 26 24.48 -4.36 -22.36
C GLU B 26 25.32 -4.31 -21.09
N CYS B 27 25.70 -3.10 -20.68
CA CYS B 27 26.66 -2.95 -19.58
C CYS B 27 26.19 -1.81 -18.68
N SER B 28 24.90 -1.51 -18.77
CA SER B 28 24.36 -0.39 -18.01
C SER B 28 24.10 -0.80 -16.56
N ASN B 29 24.33 0.14 -15.65
CA ASN B 29 23.96 -0.02 -14.25
C ASN B 29 24.68 -1.14 -13.50
N ARG B 30 25.97 -1.33 -13.78
CA ARG B 30 26.73 -2.41 -13.16
C ARG B 30 27.87 -1.95 -12.25
N ARG B 31 27.75 -0.73 -11.71
CA ARG B 31 28.72 -0.19 -10.77
C ARG B 31 30.15 -0.14 -11.32
N LEU B 32 30.25 -0.05 -12.65
CA LEU B 32 31.55 0.00 -13.29
C LEU B 32 32.27 1.31 -12.97
N GLN B 33 33.58 1.22 -12.80
CA GLN B 33 34.39 2.38 -12.43
C GLN B 33 35.16 2.85 -13.65
N GLU B 34 35.08 2.07 -14.72
CA GLU B 34 35.76 2.39 -15.97
C GLU B 34 35.14 1.59 -17.10
N VAL B 35 35.50 1.95 -18.33
CA VAL B 35 35.04 1.22 -19.51
C VAL B 35 35.66 -0.17 -19.53
N PRO B 36 34.80 -1.20 -19.51
CA PRO B 36 35.19 -2.61 -19.54
C PRO B 36 36.11 -2.91 -20.73
N GLN B 37 37.09 -3.78 -20.52
CA GLN B 37 37.96 -4.24 -21.60
C GLN B 37 37.58 -5.65 -21.96
N THR B 38 36.82 -6.27 -21.06
CA THR B 38 36.36 -7.64 -21.17
C THR B 38 35.12 -7.78 -22.06
N VAL B 39 35.00 -6.91 -23.06
CA VAL B 39 33.85 -6.93 -23.96
C VAL B 39 34.18 -7.65 -25.27
N GLY B 40 33.23 -8.43 -25.78
CA GLY B 40 33.42 -9.20 -27.00
C GLY B 40 33.92 -8.41 -28.19
N LYS B 41 34.71 -9.07 -29.04
CA LYS B 41 35.36 -8.41 -30.16
C LYS B 41 34.40 -8.16 -31.33
N TYR B 42 33.19 -8.68 -31.23
CA TYR B 42 32.19 -8.47 -32.27
C TYR B 42 31.16 -7.42 -31.85
N VAL B 43 31.35 -6.88 -30.65
CA VAL B 43 30.48 -5.84 -30.12
C VAL B 43 30.57 -4.56 -30.95
N THR B 44 29.42 -3.99 -31.28
CA THR B 44 29.35 -2.80 -32.12
C THR B 44 28.61 -1.69 -31.39
N GLU B 45 27.78 -2.08 -30.43
CA GLU B 45 27.03 -1.13 -29.61
C GLU B 45 27.23 -1.41 -28.13
N LEU B 46 27.60 -0.37 -27.40
CA LEU B 46 28.03 -0.50 -26.01
C LEU B 46 27.26 0.48 -25.12
N ASP B 47 26.38 -0.08 -24.27
CA ASP B 47 25.58 0.72 -23.35
C ASP B 47 26.24 0.71 -21.97
N LEU B 48 26.83 1.84 -21.61
CA LEU B 48 27.56 1.97 -20.35
C LEU B 48 26.88 2.97 -19.42
N SER B 49 25.63 3.28 -19.70
CA SER B 49 24.89 4.26 -18.91
C SER B 49 24.73 3.80 -17.47
N ASP B 50 24.49 4.76 -16.57
CA ASP B 50 24.19 4.47 -15.17
C ASP B 50 25.29 3.73 -14.42
N ASN B 51 26.54 3.99 -14.80
CA ASN B 51 27.68 3.43 -14.10
C ASN B 51 28.43 4.52 -13.31
N PHE B 52 29.62 4.20 -12.82
CA PHE B 52 30.38 5.15 -12.02
C PHE B 52 31.64 5.58 -12.77
N ILE B 53 31.61 5.42 -14.09
CA ILE B 53 32.72 5.81 -14.94
C ILE B 53 32.96 7.32 -14.84
N THR B 54 34.22 7.72 -14.64
CA THR B 54 34.53 9.12 -14.36
C THR B 54 35.56 9.74 -15.31
N HIS B 55 36.36 8.90 -15.96
CA HIS B 55 37.31 9.38 -16.97
C HIS B 55 37.11 8.69 -18.31
N ILE B 56 37.48 9.37 -19.40
CA ILE B 56 37.46 8.79 -20.73
C ILE B 56 38.71 9.25 -21.48
N THR B 57 39.54 8.29 -21.90
CA THR B 57 40.75 8.61 -22.65
C THR B 57 40.70 7.90 -23.99
N ASN B 58 41.68 8.18 -24.84
CA ASN B 58 41.79 7.51 -26.14
C ASN B 58 42.09 6.03 -25.97
N GLU B 59 42.38 5.62 -24.73
CA GLU B 59 42.70 4.23 -24.41
C GLU B 59 41.47 3.47 -23.91
N SER B 60 40.44 4.20 -23.48
CA SER B 60 39.23 3.58 -22.93
C SER B 60 38.56 2.59 -23.89
N PHE B 61 38.68 2.86 -25.19
CA PHE B 61 38.00 2.04 -26.20
C PHE B 61 38.96 1.45 -27.23
N GLN B 62 40.26 1.48 -26.94
CA GLN B 62 41.28 0.97 -27.85
C GLN B 62 40.97 -0.44 -28.34
N GLY B 63 40.42 -1.27 -27.47
CA GLY B 63 40.03 -2.61 -27.87
C GLY B 63 38.82 -2.62 -28.79
N LEU B 64 38.05 -1.54 -28.75
CA LEU B 64 36.74 -1.51 -29.40
C LEU B 64 36.65 -0.49 -30.53
N GLN B 65 37.44 -0.70 -31.58
CA GLN B 65 37.52 0.24 -32.69
C GLN B 65 36.38 0.05 -33.71
N ASN B 66 35.55 -0.96 -33.50
CA ASN B 66 34.44 -1.21 -34.41
C ASN B 66 33.11 -0.74 -33.83
N LEU B 67 33.16 -0.09 -32.68
CA LEU B 67 31.96 0.44 -32.07
C LEU B 67 31.26 1.46 -32.97
N THR B 68 29.95 1.31 -33.10
CA THR B 68 29.14 2.24 -33.88
C THR B 68 28.25 3.08 -32.97
N LYS B 69 27.94 2.53 -31.79
CA LYS B 69 27.09 3.21 -30.82
C LYS B 69 27.61 3.04 -29.39
N ILE B 70 27.75 4.17 -28.69
CA ILE B 70 28.11 4.14 -27.28
C ILE B 70 27.11 4.98 -26.50
N ASN B 71 26.67 4.48 -25.37
CA ASN B 71 25.78 5.19 -24.47
C ASN B 71 26.46 5.41 -23.13
N LEU B 72 26.86 6.66 -22.86
CA LEU B 72 27.55 7.00 -21.63
C LEU B 72 26.72 7.92 -20.73
N ASN B 73 25.40 7.85 -20.86
CA ASN B 73 24.51 8.65 -20.03
C ASN B 73 24.63 8.33 -18.54
N HIS B 74 24.45 9.33 -17.68
CA HIS B 74 24.41 9.12 -16.24
C HIS B 74 25.68 8.45 -15.71
N ASN B 75 26.83 8.95 -16.17
CA ASN B 75 28.14 8.58 -15.65
C ASN B 75 28.86 9.83 -15.14
N PRO B 76 29.29 9.83 -13.86
CA PRO B 76 29.01 8.78 -12.88
C PRO B 76 27.59 8.89 -12.37
N ASN B 77 26.97 7.77 -12.00
CA ASN B 77 25.58 7.76 -11.56
C ASN B 77 25.35 8.54 -10.27
N VAL B 78 25.77 9.80 -10.27
CA VAL B 78 25.72 10.69 -9.11
C VAL B 78 26.60 10.18 -7.97
N GLY B 91 31.90 14.21 -11.73
CA GLY B 91 31.79 14.78 -13.08
C GLY B 91 32.58 13.95 -14.10
N LEU B 92 31.98 13.70 -15.26
CA LEU B 92 32.65 12.92 -16.29
C LEU B 92 33.73 13.74 -16.99
N ASN B 93 34.96 13.24 -16.95
CA ASN B 93 36.11 13.90 -17.56
C ASN B 93 36.51 13.16 -18.83
N ILE B 94 36.27 13.78 -19.99
CA ILE B 94 36.67 13.19 -21.26
C ILE B 94 37.86 13.94 -21.85
N THR B 95 38.93 13.22 -22.14
CA THR B 95 40.11 13.82 -22.75
C THR B 95 39.80 14.24 -24.18
N ASP B 96 40.56 15.22 -24.68
CA ASP B 96 40.44 15.64 -26.08
C ASP B 96 40.70 14.47 -27.02
N GLY B 97 39.82 14.27 -27.99
CA GLY B 97 40.00 13.22 -28.97
C GLY B 97 39.95 11.81 -28.40
N ALA B 98 39.20 11.63 -27.32
CA ALA B 98 39.04 10.31 -26.72
C ALA B 98 38.41 9.33 -27.72
N PHE B 99 37.39 9.80 -28.43
CA PHE B 99 36.62 8.97 -29.35
C PHE B 99 37.12 9.04 -30.79
N LEU B 100 38.23 9.74 -31.01
CA LEU B 100 38.66 10.09 -32.36
C LEU B 100 39.07 8.89 -33.22
N ASN B 101 39.53 7.82 -32.57
CA ASN B 101 39.95 6.62 -33.29
C ASN B 101 38.81 5.65 -33.57
N LEU B 102 37.60 6.01 -33.11
CA LEU B 102 36.42 5.21 -33.37
C LEU B 102 35.83 5.56 -34.73
N LYS B 103 36.36 4.91 -35.77
CA LYS B 103 36.06 5.25 -37.16
C LYS B 103 34.62 4.92 -37.57
N ASN B 104 34.01 3.98 -36.85
CA ASN B 104 32.65 3.55 -37.15
C ASN B 104 31.58 4.21 -36.25
N LEU B 105 32.00 5.15 -35.42
CA LEU B 105 31.12 5.66 -34.39
C LEU B 105 30.11 6.68 -34.91
N ARG B 106 28.85 6.29 -34.98
CA ARG B 106 27.77 7.15 -35.46
C ARG B 106 26.96 7.75 -34.32
N GLU B 107 26.78 6.99 -33.26
CA GLU B 107 25.94 7.46 -32.17
C GLU B 107 26.66 7.56 -30.83
N LEU B 108 26.57 8.73 -30.22
CA LEU B 108 27.20 8.97 -28.93
C LEU B 108 26.26 9.71 -28.01
N LEU B 109 25.86 9.04 -26.93
CA LEU B 109 24.97 9.62 -25.95
C LEU B 109 25.76 9.99 -24.71
N LEU B 110 25.72 11.27 -24.35
CA LEU B 110 26.47 11.77 -23.22
C LEU B 110 25.55 12.60 -22.35
N GLU B 111 24.36 12.07 -22.11
CA GLU B 111 23.37 12.79 -21.32
C GLU B 111 23.71 12.71 -19.82
N ASP B 112 23.37 13.77 -19.09
CA ASP B 112 23.45 13.76 -17.62
C ASP B 112 24.84 13.38 -17.12
N ASN B 113 25.86 14.03 -17.67
CA ASN B 113 27.23 13.72 -17.32
C ASN B 113 27.97 14.90 -16.74
N GLN B 114 27.21 15.93 -16.34
CA GLN B 114 27.77 17.16 -15.79
C GLN B 114 28.89 17.71 -16.65
N LEU B 115 28.75 17.60 -17.97
CA LEU B 115 29.77 18.14 -18.86
C LEU B 115 29.70 19.65 -18.76
N PRO B 116 30.87 20.30 -18.64
CA PRO B 116 30.92 21.77 -18.59
C PRO B 116 31.11 22.34 -19.99
N GLN B 117 31.54 21.50 -20.93
CA GLN B 117 31.75 21.89 -22.32
C GLN B 117 31.41 20.72 -23.25
N ILE B 118 31.19 21.02 -24.52
CA ILE B 118 31.16 19.98 -25.53
C ILE B 118 32.56 19.38 -25.59
N PRO B 119 32.67 18.04 -25.55
CA PRO B 119 33.99 17.38 -25.65
C PRO B 119 34.72 17.74 -26.95
N SER B 120 36.00 18.10 -26.83
CA SER B 120 36.78 18.47 -28.00
C SER B 120 37.21 17.21 -28.76
N GLY B 121 37.41 17.36 -30.06
CA GLY B 121 37.87 16.24 -30.89
C GLY B 121 36.89 15.08 -30.97
N LEU B 122 35.61 15.37 -31.09
CA LEU B 122 34.63 14.34 -31.43
C LEU B 122 34.89 13.86 -32.86
N PRO B 123 34.58 12.58 -33.15
CA PRO B 123 34.85 12.04 -34.49
C PRO B 123 33.83 12.49 -35.53
N GLU B 124 34.30 12.77 -36.74
CA GLU B 124 33.46 13.27 -37.82
C GLU B 124 32.44 12.25 -38.32
N SER B 125 32.62 10.99 -37.92
CA SER B 125 31.70 9.92 -38.29
C SER B 125 30.34 10.05 -37.59
N LEU B 126 30.29 10.89 -36.56
CA LEU B 126 29.07 11.04 -35.75
C LEU B 126 27.88 11.53 -36.59
N THR B 127 26.75 10.82 -36.49
CA THR B 127 25.51 11.25 -37.11
C THR B 127 24.46 11.56 -36.05
N GLU B 128 24.66 11.01 -34.86
CA GLU B 128 23.81 11.37 -33.72
C GLU B 128 24.63 11.67 -32.48
N LEU B 129 24.32 12.80 -31.86
CA LEU B 129 25.04 13.26 -30.67
C LEU B 129 24.05 13.89 -29.70
N SER B 130 24.11 13.46 -28.44
CA SER B 130 23.20 13.97 -27.43
C SER B 130 23.98 14.43 -26.21
N LEU B 131 23.71 15.66 -25.79
CA LEU B 131 24.41 16.26 -24.66
C LEU B 131 23.38 16.80 -23.70
N ILE B 132 22.20 16.19 -23.72
CA ILE B 132 21.08 16.58 -22.86
C ILE B 132 21.48 16.52 -21.40
N GLN B 133 20.98 17.48 -20.61
CA GLN B 133 21.16 17.50 -19.17
C GLN B 133 22.62 17.54 -18.74
N ASN B 134 23.35 18.50 -19.30
CA ASN B 134 24.71 18.77 -18.87
C ASN B 134 24.82 20.24 -18.47
N ASN B 135 26.02 20.75 -18.28
CA ASN B 135 26.20 22.14 -17.88
C ASN B 135 26.89 22.93 -18.97
N ILE B 136 26.43 22.73 -20.20
CA ILE B 136 27.04 23.32 -21.39
C ILE B 136 26.34 24.62 -21.80
N TYR B 137 27.04 25.74 -21.62
CA TYR B 137 26.43 27.05 -21.84
C TYR B 137 27.02 27.72 -23.07
N ASN B 138 27.98 27.02 -23.68
CA ASN B 138 28.70 27.54 -24.84
C ASN B 138 28.66 26.55 -26.00
N ILE B 139 27.83 26.82 -27.00
CA ILE B 139 27.81 25.98 -28.19
C ILE B 139 28.78 26.57 -29.21
N THR B 140 29.88 25.85 -29.46
CA THR B 140 31.02 26.40 -30.19
C THR B 140 31.36 25.65 -31.48
N LYS B 141 31.99 26.36 -32.42
CA LYS B 141 32.43 25.77 -33.67
C LYS B 141 33.47 24.69 -33.45
N GLU B 142 34.32 24.87 -32.45
CA GLU B 142 35.36 23.86 -32.18
C GLU B 142 34.72 22.55 -31.74
N GLY B 143 33.58 22.64 -31.06
CA GLY B 143 32.89 21.46 -30.60
C GLY B 143 32.10 20.77 -31.69
N ILE B 144 31.35 21.56 -32.46
CA ILE B 144 30.26 21.02 -33.28
C ILE B 144 30.49 21.10 -34.78
N SER B 145 31.01 22.24 -35.24
CA SER B 145 30.99 22.58 -36.68
C SER B 145 31.67 21.59 -37.60
N ARG B 146 32.67 20.88 -37.11
CA ARG B 146 33.38 19.90 -37.92
C ARG B 146 32.68 18.54 -37.96
N LEU B 147 31.54 18.43 -37.29
CA LEU B 147 30.78 17.18 -37.29
C LEU B 147 29.73 17.22 -38.41
N ILE B 148 30.23 17.27 -39.64
CA ILE B 148 29.39 17.53 -40.81
C ILE B 148 28.44 16.39 -41.17
N ASN B 149 28.62 15.25 -40.53
CA ASN B 149 27.76 14.09 -40.76
C ASN B 149 26.60 14.03 -39.76
N LEU B 150 26.57 14.97 -38.81
CA LEU B 150 25.53 15.01 -37.79
C LEU B 150 24.12 15.10 -38.40
N LYS B 151 23.26 14.17 -38.02
CA LYS B 151 21.86 14.15 -38.46
C LYS B 151 20.96 14.60 -37.31
N ASN B 152 21.26 14.13 -36.10
CA ASN B 152 20.49 14.49 -34.92
C ASN B 152 21.41 15.05 -33.83
N LEU B 153 21.14 16.27 -33.40
CA LEU B 153 21.93 16.92 -32.37
C LEU B 153 21.03 17.38 -31.23
N TYR B 154 21.19 16.77 -30.06
CA TYR B 154 20.38 17.14 -28.90
C TYR B 154 21.23 17.90 -27.88
N LEU B 155 20.85 19.13 -27.60
CA LEU B 155 21.59 19.98 -26.67
C LEU B 155 20.64 20.51 -25.60
N ALA B 156 19.50 19.86 -25.45
CA ALA B 156 18.45 20.36 -24.58
C ALA B 156 18.79 20.22 -23.09
N TRP B 157 18.15 21.07 -22.29
CA TRP B 157 18.11 20.93 -20.84
C TRP B 157 19.47 21.14 -20.20
N ASN B 158 20.18 22.17 -20.63
CA ASN B 158 21.42 22.53 -19.95
C ASN B 158 21.26 23.70 -18.98
N CYS B 159 20.24 24.54 -19.21
CA CYS B 159 19.97 25.67 -18.31
C CYS B 159 18.47 25.99 -18.27
N TYR B 160 17.84 25.79 -17.12
CA TYR B 160 16.38 25.84 -17.01
C TYR B 160 15.99 25.98 -15.54
N PHE B 161 14.72 26.31 -15.30
CA PHE B 161 14.15 26.40 -13.95
C PHE B 161 15.03 27.18 -12.98
N ASN B 162 15.23 26.65 -11.77
CA ASN B 162 16.04 27.34 -10.78
C ASN B 162 17.48 26.83 -10.73
N LYS B 163 17.92 26.22 -11.83
CA LYS B 163 19.28 25.74 -11.93
C LYS B 163 20.26 26.90 -11.97
N VAL B 164 21.30 26.82 -11.14
CA VAL B 164 22.40 27.78 -11.24
C VAL B 164 23.11 27.51 -12.56
N CYS B 165 22.89 28.39 -13.52
CA CYS B 165 23.49 28.27 -14.85
C CYS B 165 23.58 29.62 -15.52
N GLU B 166 24.19 29.67 -16.71
CA GLU B 166 24.30 30.93 -17.42
C GLU B 166 23.54 30.88 -18.72
N LYS B 167 23.31 32.05 -19.31
CA LYS B 167 22.70 32.14 -20.62
C LYS B 167 23.51 31.35 -21.64
N THR B 168 22.84 30.76 -22.61
CA THR B 168 23.54 29.91 -23.57
C THR B 168 24.12 30.74 -24.69
N ASN B 169 25.44 30.67 -24.85
CA ASN B 169 26.08 31.32 -25.98
C ASN B 169 26.21 30.39 -27.18
N ILE B 170 25.38 30.62 -28.18
CA ILE B 170 25.53 29.92 -29.44
C ILE B 170 26.40 30.76 -30.37
N GLU B 171 27.57 30.23 -30.72
CA GLU B 171 28.52 30.92 -31.58
C GLU B 171 27.91 31.06 -32.97
N ASP B 172 28.06 32.24 -33.58
CA ASP B 172 27.36 32.54 -34.82
C ASP B 172 27.77 31.61 -35.96
N GLY B 173 26.78 30.92 -36.52
CA GLY B 173 27.02 30.06 -37.68
C GLY B 173 27.46 28.65 -37.31
N VAL B 174 27.41 28.33 -36.02
CA VAL B 174 27.93 27.04 -35.55
C VAL B 174 27.29 25.83 -36.23
N PHE B 175 26.01 25.91 -36.54
CA PHE B 175 25.29 24.79 -37.15
C PHE B 175 25.27 24.85 -38.68
N GLU B 176 25.62 26.00 -39.25
CA GLU B 176 25.49 26.18 -40.69
C GLU B 176 26.34 25.20 -41.51
N THR B 177 27.39 24.67 -40.91
CA THR B 177 28.23 23.68 -41.57
C THR B 177 27.62 22.29 -41.51
N LEU B 178 26.56 22.15 -40.72
CA LEU B 178 25.89 20.87 -40.56
C LEU B 178 24.80 20.69 -41.60
N THR B 179 25.20 20.46 -42.86
CA THR B 179 24.26 20.46 -43.97
C THR B 179 23.51 19.15 -44.15
N ASN B 180 23.67 18.24 -43.21
CA ASN B 180 22.87 17.04 -43.17
C ASN B 180 22.08 16.96 -41.88
N LEU B 181 22.11 18.04 -41.11
CA LEU B 181 21.39 18.12 -39.83
C LEU B 181 19.89 18.11 -40.09
N GLU B 182 19.20 17.14 -39.53
CA GLU B 182 17.75 17.01 -39.71
C GLU B 182 16.99 17.27 -38.43
N LEU B 183 17.65 17.05 -37.30
CA LEU B 183 17.02 17.29 -35.99
C LEU B 183 17.93 18.12 -35.10
N LEU B 184 17.38 19.20 -34.56
CA LEU B 184 18.12 20.05 -33.64
C LEU B 184 17.23 20.35 -32.45
N SER B 185 17.69 19.99 -31.26
CA SER B 185 16.95 20.30 -30.05
C SER B 185 17.78 21.24 -29.18
N LEU B 186 17.21 22.39 -28.86
CA LEU B 186 17.89 23.35 -28.00
C LEU B 186 16.97 23.72 -26.85
N SER B 187 15.93 22.93 -26.63
CA SER B 187 14.93 23.26 -25.63
C SER B 187 15.53 23.33 -24.22
N PHE B 188 14.91 24.12 -23.35
CA PHE B 188 15.36 24.23 -21.95
C PHE B 188 16.81 24.71 -21.80
N ASN B 189 17.07 25.83 -22.45
CA ASN B 189 18.31 26.60 -22.36
C ASN B 189 17.84 28.03 -22.52
N SER B 190 18.54 29.00 -21.94
CA SER B 190 18.11 30.38 -22.18
C SER B 190 18.82 30.95 -23.41
N LEU B 191 18.10 30.98 -24.53
CA LEU B 191 18.67 31.43 -25.81
C LEU B 191 18.36 32.89 -26.10
N SER B 192 17.15 33.31 -25.71
CA SER B 192 16.63 34.66 -25.95
C SER B 192 16.23 34.95 -27.40
N HIS B 193 16.92 34.34 -28.35
CA HIS B 193 16.60 34.52 -29.77
C HIS B 193 16.85 33.23 -30.54
N VAL B 194 16.02 32.97 -31.56
CA VAL B 194 16.28 31.85 -32.45
C VAL B 194 17.64 32.08 -33.06
N PRO B 195 18.54 31.09 -32.93
CA PRO B 195 19.87 31.19 -33.53
C PRO B 195 19.77 31.33 -35.04
N PRO B 196 20.55 32.24 -35.64
CA PRO B 196 20.52 32.40 -37.10
C PRO B 196 21.40 31.35 -37.77
N LYS B 197 21.43 31.38 -39.11
CA LYS B 197 22.28 30.49 -39.88
C LYS B 197 22.06 29.02 -39.56
N LEU B 198 20.80 28.62 -39.54
CA LEU B 198 20.47 27.23 -39.31
C LEU B 198 20.51 26.57 -40.66
N PRO B 199 20.92 25.29 -40.71
CA PRO B 199 21.05 24.59 -42.00
C PRO B 199 19.69 24.27 -42.63
N SER B 200 19.61 24.35 -43.96
CA SER B 200 18.35 24.19 -44.69
C SER B 200 17.79 22.78 -44.63
N SER B 201 18.65 21.83 -44.30
CA SER B 201 18.28 20.42 -44.20
C SER B 201 17.37 20.08 -43.01
N LEU B 202 17.20 21.02 -42.07
CA LEU B 202 16.45 20.74 -40.85
C LEU B 202 15.03 20.25 -41.12
N ARG B 203 14.63 19.21 -40.41
CA ARG B 203 13.29 18.69 -40.51
C ARG B 203 12.55 18.89 -39.20
N LYS B 204 13.30 18.83 -38.10
CA LYS B 204 12.73 19.02 -36.76
C LYS B 204 13.54 20.00 -35.93
N LEU B 205 12.88 21.08 -35.50
CA LEU B 205 13.53 22.10 -34.67
C LEU B 205 12.81 22.26 -33.35
N PHE B 206 13.50 21.94 -32.25
CA PHE B 206 12.90 22.03 -30.92
C PHE B 206 13.48 23.22 -30.15
N LEU B 207 12.65 24.18 -29.85
CA LEU B 207 13.13 25.39 -29.19
C LEU B 207 12.26 25.70 -27.98
N SER B 208 11.79 24.65 -27.31
CA SER B 208 10.86 24.85 -26.21
C SER B 208 11.57 25.48 -25.03
N ASN B 209 10.88 26.34 -24.31
CA ASN B 209 11.41 26.90 -23.06
C ASN B 209 12.81 27.48 -23.22
N THR B 210 12.96 28.35 -24.23
CA THR B 210 14.25 28.95 -24.54
C THR B 210 14.27 30.45 -24.28
N GLN B 211 13.22 30.96 -23.63
CA GLN B 211 13.11 32.37 -23.29
C GLN B 211 13.17 33.26 -24.53
N ILE B 212 12.65 32.73 -25.63
CA ILE B 212 12.51 33.50 -26.85
C ILE B 212 11.16 34.21 -26.79
N LYS B 213 11.18 35.54 -26.86
CA LYS B 213 9.97 36.34 -26.75
C LYS B 213 9.44 36.74 -28.11
N TYR B 214 10.33 36.77 -29.09
CA TYR B 214 9.96 37.28 -30.40
C TYR B 214 10.45 36.38 -31.52
N ILE B 215 9.54 36.07 -32.44
CA ILE B 215 9.88 35.31 -33.64
C ILE B 215 9.74 36.22 -34.86
N SER B 216 10.85 36.46 -35.56
CA SER B 216 10.82 37.38 -36.69
C SER B 216 10.69 36.65 -38.02
N GLU B 217 10.51 37.42 -39.09
CA GLU B 217 10.39 36.85 -40.43
C GLU B 217 11.66 36.10 -40.83
N GLU B 218 12.80 36.52 -40.31
CA GLU B 218 14.09 35.93 -40.69
C GLU B 218 14.40 34.61 -40.01
N ASP B 219 13.85 34.41 -38.81
CA ASP B 219 14.25 33.29 -37.94
C ASP B 219 14.18 31.91 -38.59
N PHE B 220 13.09 31.65 -39.29
CA PHE B 220 12.87 30.34 -39.90
C PHE B 220 12.78 30.43 -41.43
N LYS B 221 13.36 31.48 -42.00
CA LYS B 221 13.15 31.81 -43.42
C LYS B 221 13.58 30.74 -44.43
N GLY B 222 14.73 30.10 -44.20
CA GLY B 222 15.23 29.14 -45.16
C GLY B 222 14.98 27.68 -44.79
N LEU B 223 14.09 27.43 -43.83
CA LEU B 223 13.85 26.07 -43.36
C LEU B 223 12.69 25.40 -44.10
N ILE B 224 12.89 25.16 -45.39
CA ILE B 224 11.83 24.67 -46.26
C ILE B 224 11.54 23.17 -46.16
N ASN B 225 12.42 22.42 -45.50
CA ASN B 225 12.17 21.00 -45.25
C ASN B 225 11.66 20.69 -43.83
N LEU B 226 11.45 21.75 -43.05
CA LEU B 226 10.99 21.63 -41.67
C LEU B 226 9.61 20.95 -41.59
N THR B 227 9.49 19.90 -40.80
CA THR B 227 8.21 19.24 -40.59
C THR B 227 7.73 19.42 -39.15
N LEU B 228 8.65 19.75 -38.26
CA LEU B 228 8.27 20.01 -36.85
C LEU B 228 8.92 21.29 -36.33
N LEU B 229 8.11 22.11 -35.68
CA LEU B 229 8.60 23.31 -35.02
C LEU B 229 8.04 23.33 -33.60
N ASP B 230 8.92 23.34 -32.60
CA ASP B 230 8.46 23.38 -31.22
C ASP B 230 8.89 24.70 -30.58
N LEU B 231 7.93 25.60 -30.36
CA LEU B 231 8.24 26.90 -29.73
C LEU B 231 7.57 27.06 -28.37
N SER B 232 7.15 25.93 -27.80
CA SER B 232 6.39 25.93 -26.56
C SER B 232 7.18 26.50 -25.37
N GLY B 233 6.47 27.05 -24.38
CA GLY B 233 7.10 27.48 -23.14
C GLY B 233 7.85 28.80 -23.23
N ASN B 234 7.66 29.49 -24.34
CA ASN B 234 8.26 30.81 -24.54
C ASN B 234 7.17 31.85 -24.32
N CYS B 235 7.43 32.78 -23.41
CA CYS B 235 6.36 33.55 -22.74
C CYS B 235 5.33 32.59 -22.13
N PRO B 236 5.76 31.76 -21.16
CA PRO B 236 4.88 30.73 -20.62
C PRO B 236 3.68 31.30 -19.84
N ARG B 237 2.62 30.51 -19.78
CA ARG B 237 1.52 30.76 -18.87
C ARG B 237 1.95 30.18 -17.54
N CYS B 238 2.17 31.03 -16.54
CA CYS B 238 2.81 30.55 -15.31
C CYS B 238 1.88 30.17 -14.16
N PHE B 239 0.61 30.56 -14.25
CA PHE B 239 -0.31 30.33 -13.13
C PHE B 239 -0.48 28.85 -12.84
N ASN B 240 -0.34 28.48 -11.56
CA ASN B 240 -0.44 27.09 -11.14
C ASN B 240 0.57 26.14 -11.78
N ALA B 241 1.70 26.69 -12.25
CA ALA B 241 2.73 25.87 -12.86
C ALA B 241 3.38 24.91 -11.86
N PRO B 242 3.55 23.64 -12.25
CA PRO B 242 4.23 22.66 -11.39
C PRO B 242 5.76 22.68 -11.55
N PHE B 243 6.31 23.86 -11.87
CA PHE B 243 7.75 24.07 -12.02
C PHE B 243 8.01 25.57 -11.88
N PRO B 244 9.27 25.96 -11.59
CA PRO B 244 9.56 27.40 -11.56
C PRO B 244 9.37 27.98 -12.94
N CYS B 245 8.48 28.96 -13.04
CA CYS B 245 8.01 29.47 -14.31
C CYS B 245 8.23 30.98 -14.32
N VAL B 246 8.84 31.47 -15.39
CA VAL B 246 9.12 32.89 -15.55
C VAL B 246 8.42 33.41 -16.80
N PRO B 247 7.33 34.16 -16.62
CA PRO B 247 6.54 34.65 -17.75
C PRO B 247 7.21 35.86 -18.39
N CYS B 248 6.86 36.16 -19.64
CA CYS B 248 7.25 37.43 -20.23
C CYS B 248 6.64 38.59 -19.45
N ASP B 249 7.17 39.80 -19.63
CA ASP B 249 6.68 40.99 -18.91
C ASP B 249 5.17 41.17 -19.00
N GLY B 250 4.52 41.31 -17.85
CA GLY B 250 3.07 41.47 -17.81
C GLY B 250 2.32 40.20 -18.16
N GLY B 251 3.00 39.06 -18.11
CA GLY B 251 2.42 37.82 -18.58
C GLY B 251 2.12 37.92 -20.07
N ALA B 252 2.93 38.69 -20.78
CA ALA B 252 2.72 38.90 -22.22
C ALA B 252 2.73 37.63 -23.07
N SER B 253 2.04 37.71 -24.21
CA SER B 253 2.02 36.65 -25.22
C SER B 253 3.36 36.62 -25.93
N ILE B 254 3.72 35.47 -26.49
CA ILE B 254 4.86 35.42 -27.40
C ILE B 254 4.46 36.30 -28.60
N ASN B 255 5.44 36.90 -29.26
CA ASN B 255 5.16 37.79 -30.39
C ASN B 255 5.70 37.18 -31.68
N ILE B 256 4.78 36.70 -32.52
CA ILE B 256 5.15 36.00 -33.74
C ILE B 256 4.83 36.81 -35.00
N ASP B 257 5.86 37.20 -35.73
CA ASP B 257 5.68 37.95 -36.97
C ASP B 257 4.67 37.24 -37.88
N ARG B 258 3.82 38.02 -38.54
CA ARG B 258 2.86 37.51 -39.51
C ARG B 258 3.53 36.53 -40.50
N PHE B 259 4.77 36.82 -40.87
CA PHE B 259 5.45 36.03 -41.89
C PHE B 259 6.46 35.03 -41.33
N ALA B 260 6.45 34.84 -40.02
CA ALA B 260 7.44 33.99 -39.37
C ALA B 260 7.46 32.58 -39.95
N PHE B 261 6.30 32.10 -40.38
CA PHE B 261 6.16 30.72 -40.86
C PHE B 261 5.94 30.64 -42.36
N GLN B 262 6.29 31.68 -43.10
CA GLN B 262 5.86 31.81 -44.50
C GLN B 262 6.37 30.68 -45.40
N ASN B 263 7.63 30.28 -45.22
CA ASN B 263 8.21 29.24 -46.03
C ASN B 263 8.24 27.89 -45.34
N LEU B 264 7.45 27.72 -44.30
CA LEU B 264 7.36 26.45 -43.58
C LEU B 264 6.28 25.56 -44.20
N THR B 265 6.34 25.40 -45.53
CA THR B 265 5.26 24.71 -46.26
C THR B 265 5.16 23.24 -45.89
N GLN B 266 6.27 22.66 -45.44
CA GLN B 266 6.31 21.23 -45.10
C GLN B 266 5.89 20.90 -43.66
N LEU B 267 5.53 21.92 -42.89
CA LEU B 267 5.25 21.71 -41.46
C LEU B 267 4.06 20.78 -41.19
N ARG B 268 4.29 19.70 -40.43
CA ARG B 268 3.24 18.79 -39.97
C ARG B 268 2.94 18.98 -38.48
N TYR B 269 3.96 19.32 -37.69
CA TYR B 269 3.77 19.54 -36.25
C TYR B 269 4.15 20.95 -35.81
N LEU B 270 3.26 21.60 -35.09
CA LEU B 270 3.50 22.94 -34.55
C LEU B 270 3.12 22.93 -33.08
N ASN B 271 4.10 23.15 -32.21
CA ASN B 271 3.80 23.16 -30.77
C ASN B 271 3.94 24.57 -30.25
N LEU B 272 2.80 25.19 -29.94
CA LEU B 272 2.84 26.54 -29.40
C LEU B 272 2.28 26.55 -27.97
N SER B 273 2.40 25.42 -27.29
CA SER B 273 1.89 25.30 -25.91
C SER B 273 2.54 26.31 -25.01
N SER B 274 1.74 26.91 -24.14
CA SER B 274 2.28 27.76 -23.08
C SER B 274 3.14 28.83 -23.70
N THR B 275 2.54 29.58 -24.62
CA THR B 275 3.17 30.78 -25.14
C THR B 275 2.29 31.99 -24.84
N SER B 276 1.40 31.81 -23.88
CA SER B 276 0.49 32.87 -23.42
C SER B 276 -0.30 33.53 -24.55
N LEU B 277 -0.69 32.73 -25.54
CA LEU B 277 -1.40 33.26 -26.71
C LEU B 277 -2.84 33.61 -26.36
N ARG B 278 -3.28 34.79 -26.77
CA ARG B 278 -4.69 35.16 -26.66
C ARG B 278 -5.33 35.12 -28.04
N LYS B 279 -4.51 35.30 -29.07
CA LYS B 279 -5.01 35.43 -30.43
C LYS B 279 -4.17 34.62 -31.39
N ILE B 280 -4.84 33.85 -32.24
CA ILE B 280 -4.13 33.11 -33.27
C ILE B 280 -4.29 33.85 -34.59
N ASN B 281 -3.18 34.28 -35.17
CA ASN B 281 -3.23 34.93 -36.47
C ASN B 281 -3.44 33.86 -37.52
N ALA B 282 -4.60 33.88 -38.17
CA ALA B 282 -4.92 32.89 -39.18
C ALA B 282 -3.88 32.85 -40.27
N ALA B 283 -3.21 33.99 -40.49
CA ALA B 283 -2.21 34.08 -41.56
C ALA B 283 -0.97 33.21 -41.31
N TRP B 284 -0.73 32.81 -40.07
CA TRP B 284 0.40 31.96 -39.73
C TRP B 284 0.37 30.65 -40.51
N PHE B 285 -0.84 30.21 -40.87
CA PHE B 285 -1.05 28.90 -41.47
C PHE B 285 -1.33 28.94 -42.97
N LYS B 286 -1.28 30.13 -43.57
CA LYS B 286 -1.68 30.28 -44.97
C LYS B 286 -0.85 29.42 -45.90
N ASN B 287 0.42 29.24 -45.58
CA ASN B 287 1.31 28.43 -46.42
C ASN B 287 1.70 27.13 -45.76
N MET B 288 0.84 26.65 -44.86
CA MET B 288 1.10 25.45 -44.07
C MET B 288 0.03 24.39 -44.38
N PRO B 289 -0.04 23.94 -45.64
CA PRO B 289 -1.22 23.13 -45.99
C PRO B 289 -1.17 21.69 -45.50
N HIS B 290 -0.05 21.27 -44.92
CA HIS B 290 0.10 19.89 -44.46
C HIS B 290 0.01 19.78 -42.95
N LEU B 291 -0.32 20.88 -42.28
CA LEU B 291 -0.31 20.89 -40.81
C LEU B 291 -1.22 19.80 -40.28
N LYS B 292 -0.63 18.86 -39.55
CA LYS B 292 -1.34 17.68 -39.10
C LYS B 292 -1.65 17.74 -37.60
N VAL B 293 -0.71 18.26 -36.81
CA VAL B 293 -0.85 18.31 -35.36
C VAL B 293 -0.54 19.71 -34.83
N LEU B 294 -1.51 20.30 -34.13
CA LEU B 294 -1.37 21.65 -33.61
C LEU B 294 -1.59 21.67 -32.10
N ASP B 295 -0.54 22.04 -31.37
CA ASP B 295 -0.56 21.99 -29.91
C ASP B 295 -0.63 23.40 -29.34
N LEU B 296 -1.74 23.71 -28.68
CA LEU B 296 -2.00 25.04 -28.18
C LEU B 296 -2.43 24.97 -26.73
N GLU B 297 -1.91 23.99 -26.00
CA GLU B 297 -2.25 23.85 -24.59
C GLU B 297 -1.71 25.01 -23.78
N PHE B 298 -2.29 25.27 -22.62
CA PHE B 298 -1.76 26.26 -21.69
C PHE B 298 -1.58 27.65 -22.30
N ASN B 299 -2.56 28.04 -23.10
CA ASN B 299 -2.62 29.43 -23.51
C ASN B 299 -3.82 30.13 -22.91
N TYR B 300 -4.28 31.20 -23.54
CA TYR B 300 -5.46 31.92 -23.06
C TYR B 300 -6.46 32.00 -24.18
N LEU B 301 -6.84 30.84 -24.73
CA LEU B 301 -7.54 30.79 -26.01
C LEU B 301 -9.07 30.56 -25.98
N VAL B 302 -9.68 30.67 -24.80
CA VAL B 302 -11.14 30.55 -24.70
C VAL B 302 -11.85 31.45 -25.72
N GLY B 303 -11.37 32.67 -25.88
CA GLY B 303 -11.93 33.58 -26.86
C GLY B 303 -11.73 33.13 -28.29
N GLU B 304 -10.53 32.65 -28.60
CA GLU B 304 -10.25 32.10 -29.91
C GLU B 304 -11.05 30.84 -30.17
N ILE B 305 -11.26 30.03 -29.14
CA ILE B 305 -12.03 28.80 -29.31
C ILE B 305 -13.46 29.13 -29.69
N ALA B 306 -13.98 30.22 -29.11
CA ALA B 306 -15.34 30.66 -29.43
C ALA B 306 -15.43 31.27 -30.83
N SER B 307 -14.32 31.80 -31.33
CA SER B 307 -14.35 32.53 -32.61
C SER B 307 -13.46 31.87 -33.67
N GLY B 308 -12.15 31.97 -33.47
CA GLY B 308 -11.17 31.23 -34.25
C GLY B 308 -11.26 31.22 -35.76
N ALA B 309 -10.78 32.29 -36.40
CA ALA B 309 -10.70 32.32 -37.85
C ALA B 309 -9.61 31.37 -38.32
N PHE B 310 -8.67 31.05 -37.43
CA PHE B 310 -7.53 30.22 -37.82
C PHE B 310 -7.96 28.79 -38.12
N LEU B 311 -9.13 28.39 -37.62
CA LEU B 311 -9.66 27.06 -37.86
C LEU B 311 -9.95 26.82 -39.35
N THR B 312 -10.23 27.90 -40.07
CA THR B 312 -10.56 27.80 -41.50
C THR B 312 -9.31 27.57 -42.34
N MET B 313 -8.16 27.57 -41.70
CA MET B 313 -6.88 27.44 -42.41
C MET B 313 -6.28 26.04 -42.25
N LEU B 314 -7.02 25.15 -41.61
CA LEU B 314 -6.45 23.86 -41.21
C LEU B 314 -7.26 22.63 -41.67
N PRO B 315 -7.49 22.49 -42.98
CA PRO B 315 -8.33 21.38 -43.45
C PRO B 315 -7.67 20.01 -43.35
N ARG B 316 -6.36 19.95 -43.16
CA ARG B 316 -5.68 18.65 -43.03
C ARG B 316 -5.31 18.29 -41.58
N LEU B 317 -5.58 19.22 -40.66
CA LEU B 317 -5.26 18.99 -39.25
C LEU B 317 -5.95 17.75 -38.71
N GLU B 318 -5.20 16.86 -38.07
CA GLU B 318 -5.73 15.62 -37.51
C GLU B 318 -5.83 15.62 -35.98
N ILE B 319 -4.97 16.39 -35.33
CA ILE B 319 -4.97 16.50 -33.86
C ILE B 319 -4.88 17.96 -33.45
N LEU B 320 -5.78 18.39 -32.58
CA LEU B 320 -5.82 19.77 -32.07
C LEU B 320 -5.90 19.69 -30.56
N ASP B 321 -4.86 20.14 -29.87
CA ASP B 321 -4.87 20.12 -28.42
C ASP B 321 -5.02 21.54 -27.89
N LEU B 322 -6.16 21.80 -27.24
CA LEU B 322 -6.46 23.13 -26.71
C LEU B 322 -6.69 23.00 -25.20
N SER B 323 -5.99 22.06 -24.59
CA SER B 323 -6.22 21.79 -23.17
C SER B 323 -5.63 22.89 -22.33
N PHE B 324 -6.25 23.11 -21.17
CA PHE B 324 -5.74 24.01 -20.16
C PHE B 324 -5.64 25.46 -20.63
N ASN B 325 -6.72 25.92 -21.26
CA ASN B 325 -6.85 27.31 -21.64
C ASN B 325 -7.83 28.05 -20.73
N TYR B 326 -8.23 27.39 -19.65
CA TYR B 326 -9.23 27.93 -18.72
C TYR B 326 -8.93 29.34 -18.29
N ILE B 327 -9.98 30.11 -18.10
CA ILE B 327 -9.86 31.43 -17.51
C ILE B 327 -9.81 31.25 -16.00
N LYS B 328 -8.71 31.67 -15.40
CA LYS B 328 -8.53 31.56 -13.96
C LYS B 328 -9.73 32.16 -13.22
N GLY B 329 -10.20 31.49 -12.17
CA GLY B 329 -11.33 31.99 -11.39
C GLY B 329 -12.67 31.82 -12.07
N SER B 330 -12.68 31.31 -13.29
CA SER B 330 -13.94 31.17 -14.03
C SER B 330 -14.55 29.77 -13.89
N TYR B 331 -15.87 29.68 -14.03
CA TYR B 331 -16.60 28.41 -14.06
C TYR B 331 -17.83 28.60 -14.94
N PRO B 332 -17.62 28.84 -16.24
CA PRO B 332 -18.77 29.16 -17.08
C PRO B 332 -19.76 28.00 -17.17
N GLN B 333 -21.00 28.33 -17.49
CA GLN B 333 -22.06 27.35 -17.61
C GLN B 333 -21.78 26.38 -18.75
N HIS B 334 -21.32 26.90 -19.89
CA HIS B 334 -21.19 26.06 -21.07
C HIS B 334 -19.86 26.28 -21.78
N ILE B 335 -19.45 25.30 -22.59
CA ILE B 335 -18.30 25.51 -23.46
C ILE B 335 -18.80 26.19 -24.72
N ASN B 336 -18.03 27.17 -25.22
CA ASN B 336 -18.38 27.87 -26.44
C ASN B 336 -17.47 27.45 -27.58
N ILE B 337 -17.98 26.58 -28.45
CA ILE B 337 -17.24 26.05 -29.59
C ILE B 337 -17.63 26.83 -30.84
N SER B 338 -16.65 27.45 -31.50
CA SER B 338 -16.89 28.19 -32.76
C SER B 338 -17.49 27.29 -33.82
N ARG B 339 -18.39 27.83 -34.65
CA ARG B 339 -18.90 27.08 -35.80
C ARG B 339 -17.77 26.69 -36.74
N ASN B 340 -16.68 27.45 -36.71
CA ASN B 340 -15.54 27.18 -37.59
C ASN B 340 -14.82 25.87 -37.30
N PHE B 341 -15.13 25.24 -36.18
CA PHE B 341 -14.62 23.89 -35.92
C PHE B 341 -15.14 22.94 -37.01
N SER B 342 -16.26 23.27 -37.63
CA SER B 342 -16.84 22.45 -38.68
C SER B 342 -15.97 22.42 -39.95
N LYS B 343 -14.98 23.31 -39.99
CA LYS B 343 -14.05 23.41 -41.11
C LYS B 343 -12.84 22.48 -40.94
N LEU B 344 -12.73 21.85 -39.78
CA LEU B 344 -11.60 20.96 -39.51
C LEU B 344 -11.89 19.59 -40.08
N LEU B 345 -11.99 19.49 -41.40
CA LEU B 345 -12.51 18.29 -42.07
C LEU B 345 -11.73 17.01 -41.75
N SER B 346 -10.43 17.13 -41.52
CA SER B 346 -9.60 15.95 -41.27
C SER B 346 -9.43 15.64 -39.76
N LEU B 347 -10.14 16.35 -38.90
CA LEU B 347 -9.87 16.23 -37.46
C LEU B 347 -10.16 14.82 -36.94
N ARG B 348 -9.17 14.23 -36.24
CA ARG B 348 -9.30 12.87 -35.71
C ARG B 348 -9.41 12.88 -34.19
N ALA B 349 -8.67 13.77 -33.55
CA ALA B 349 -8.71 13.89 -32.10
C ALA B 349 -8.80 15.35 -31.69
N LEU B 350 -9.66 15.64 -30.73
CA LEU B 350 -9.82 16.97 -30.18
C LEU B 350 -9.63 16.88 -28.67
N HIS B 351 -8.60 17.56 -28.16
CA HIS B 351 -8.32 17.53 -26.74
C HIS B 351 -8.69 18.87 -26.12
N LEU B 352 -9.66 18.84 -25.20
CA LEU B 352 -10.16 20.04 -24.54
C LEU B 352 -10.27 19.79 -23.03
N ARG B 353 -9.18 19.35 -22.43
CA ARG B 353 -9.08 19.28 -20.98
C ARG B 353 -8.91 20.66 -20.41
N GLY B 354 -9.30 20.85 -19.15
CA GLY B 354 -9.02 22.09 -18.46
C GLY B 354 -9.50 23.36 -19.12
N TYR B 355 -10.63 23.29 -19.82
CA TYR B 355 -11.36 24.47 -20.26
C TYR B 355 -12.17 24.96 -19.05
N VAL B 356 -12.71 23.99 -18.32
CA VAL B 356 -13.57 24.22 -17.14
C VAL B 356 -14.94 24.83 -17.47
N PHE B 357 -15.98 24.00 -17.45
CA PHE B 357 -17.33 24.49 -17.65
C PHE B 357 -18.34 23.58 -16.92
N GLN B 358 -19.53 24.09 -16.61
CA GLN B 358 -20.44 23.33 -15.74
C GLN B 358 -21.23 22.20 -16.44
N GLU B 359 -21.60 22.43 -17.68
CA GLU B 359 -22.57 21.54 -18.33
C GLU B 359 -22.30 21.42 -19.82
N LEU B 360 -22.39 20.20 -20.35
CA LEU B 360 -22.26 19.99 -21.78
C LEU B 360 -23.63 19.73 -22.39
N ARG B 361 -24.07 20.61 -23.26
CA ARG B 361 -25.36 20.45 -23.95
C ARG B 361 -25.14 19.99 -25.38
N GLU B 362 -26.19 19.43 -26.00
CA GLU B 362 -26.06 18.89 -27.35
C GLU B 362 -25.71 19.95 -28.39
N ASP B 363 -26.31 21.14 -28.25
CA ASP B 363 -26.09 22.20 -29.22
C ASP B 363 -24.67 22.74 -29.15
N ASP B 364 -24.07 22.69 -27.96
CA ASP B 364 -22.71 23.21 -27.81
C ASP B 364 -21.66 22.43 -28.63
N PHE B 365 -21.94 21.19 -28.98
CA PHE B 365 -21.04 20.41 -29.84
C PHE B 365 -21.48 20.26 -31.31
N GLN B 366 -22.50 21.01 -31.70
CA GLN B 366 -22.99 20.99 -33.09
C GLN B 366 -21.89 21.10 -34.16
N PRO B 367 -20.92 22.04 -33.98
CA PRO B 367 -19.93 22.16 -35.06
C PRO B 367 -18.99 20.96 -35.22
N LEU B 368 -19.01 20.02 -34.28
CA LEU B 368 -18.10 18.88 -34.35
C LEU B 368 -18.78 17.68 -35.00
N MET B 369 -20.11 17.73 -35.04
CA MET B 369 -20.92 16.55 -35.36
C MET B 369 -20.89 16.06 -36.80
N GLN B 370 -20.48 16.91 -37.73
CA GLN B 370 -20.40 16.46 -39.12
C GLN B 370 -18.97 16.09 -39.51
N LEU B 371 -18.04 16.26 -38.59
CA LEU B 371 -16.64 15.91 -38.84
C LEU B 371 -16.49 14.39 -38.98
N PRO B 372 -16.18 13.91 -40.20
CA PRO B 372 -16.29 12.48 -40.52
C PRO B 372 -15.28 11.59 -39.80
N ASN B 373 -14.11 12.12 -39.47
CA ASN B 373 -13.08 11.27 -38.86
C ASN B 373 -12.77 11.53 -37.40
N LEU B 374 -13.54 12.42 -36.76
CA LEU B 374 -13.30 12.73 -35.36
C LEU B 374 -13.62 11.51 -34.51
N SER B 375 -12.58 10.80 -34.06
CA SER B 375 -12.76 9.55 -33.34
C SER B 375 -12.58 9.74 -31.83
N THR B 376 -11.83 10.77 -31.44
CA THR B 376 -11.52 11.00 -30.02
C THR B 376 -11.90 12.42 -29.59
N ILE B 377 -12.70 12.51 -28.53
CA ILE B 377 -12.97 13.76 -27.86
C ILE B 377 -12.49 13.62 -26.42
N ASN B 378 -11.65 14.55 -25.99
CA ASN B 378 -11.06 14.50 -24.67
C ASN B 378 -11.54 15.68 -23.82
N LEU B 379 -12.43 15.39 -22.88
CA LEU B 379 -12.96 16.43 -21.99
C LEU B 379 -12.60 16.18 -20.53
N GLY B 380 -11.48 15.52 -20.32
CA GLY B 380 -11.03 15.30 -18.95
C GLY B 380 -10.78 16.58 -18.18
N ILE B 381 -10.91 16.51 -16.86
CA ILE B 381 -10.55 17.62 -16.00
C ILE B 381 -11.23 18.93 -16.39
N ASN B 382 -12.56 18.91 -16.50
CA ASN B 382 -13.30 20.12 -16.81
C ASN B 382 -14.29 20.50 -15.71
N PHE B 383 -14.37 19.66 -14.67
CA PHE B 383 -15.31 19.89 -13.59
C PHE B 383 -16.72 19.97 -14.11
N ILE B 384 -17.03 19.15 -15.11
CA ILE B 384 -18.36 19.10 -15.72
C ILE B 384 -19.34 18.41 -14.79
N LYS B 385 -20.45 19.08 -14.51
CA LYS B 385 -21.45 18.52 -13.60
C LYS B 385 -22.50 17.66 -14.30
N GLN B 386 -22.80 17.98 -15.57
CA GLN B 386 -23.87 17.32 -16.30
C GLN B 386 -23.59 17.29 -17.80
N ILE B 387 -23.99 16.20 -18.44
CA ILE B 387 -23.83 16.03 -19.88
C ILE B 387 -25.11 15.50 -20.47
N ASP B 388 -25.54 16.04 -21.61
CA ASP B 388 -26.61 15.42 -22.36
C ASP B 388 -26.01 14.33 -23.25
N PHE B 389 -25.95 13.11 -22.71
CA PHE B 389 -25.21 12.03 -23.35
C PHE B 389 -25.67 11.66 -24.76
N LYS B 390 -26.93 11.94 -25.08
CA LYS B 390 -27.47 11.63 -26.41
C LYS B 390 -26.70 12.32 -27.53
N LEU B 391 -25.94 13.35 -27.19
CA LEU B 391 -25.22 14.13 -28.20
C LEU B 391 -24.16 13.29 -28.93
N PHE B 392 -23.54 12.37 -28.19
CA PHE B 392 -22.44 11.61 -28.75
C PHE B 392 -22.88 10.70 -29.90
N GLN B 393 -24.14 10.30 -29.88
CA GLN B 393 -24.77 9.53 -30.94
C GLN B 393 -24.76 10.28 -32.26
N ASN B 394 -24.84 11.61 -32.17
CA ASN B 394 -24.98 12.44 -33.36
C ASN B 394 -23.67 12.69 -34.09
N PHE B 395 -22.57 12.30 -33.48
CA PHE B 395 -21.30 12.28 -34.19
C PHE B 395 -21.35 11.13 -35.18
N SER B 396 -20.41 11.10 -36.11
CA SER B 396 -20.48 10.05 -37.14
C SER B 396 -19.58 8.87 -36.80
N ASN B 397 -18.58 9.09 -35.95
CA ASN B 397 -17.51 8.13 -35.81
C ASN B 397 -16.72 8.17 -34.50
N LEU B 398 -17.36 8.62 -33.42
CA LEU B 398 -16.70 8.66 -32.12
C LEU B 398 -16.31 7.26 -31.67
N GLU B 399 -15.06 7.09 -31.25
CA GLU B 399 -14.62 5.77 -30.77
C GLU B 399 -14.10 5.89 -29.36
N ILE B 400 -13.64 7.08 -29.01
CA ILE B 400 -13.20 7.37 -27.65
C ILE B 400 -13.89 8.61 -27.09
N ILE B 401 -14.77 8.37 -26.12
CA ILE B 401 -15.40 9.46 -25.38
C ILE B 401 -14.75 9.50 -23.99
N TYR B 402 -13.79 10.43 -23.82
CA TYR B 402 -13.02 10.52 -22.60
C TYR B 402 -13.52 11.65 -21.69
N LEU B 403 -14.18 11.26 -20.61
CA LEU B 403 -14.81 12.21 -19.72
C LEU B 403 -14.31 11.99 -18.30
N SER B 404 -13.12 11.42 -18.19
CA SER B 404 -12.50 11.15 -16.91
C SER B 404 -12.22 12.43 -16.12
N GLU B 405 -12.37 12.36 -14.79
CA GLU B 405 -12.04 13.47 -13.90
C GLU B 405 -12.93 14.69 -14.10
N ASN B 406 -14.22 14.51 -13.96
CA ASN B 406 -15.16 15.62 -13.98
C ASN B 406 -16.01 15.55 -12.73
N ARG B 407 -17.23 16.06 -12.80
CA ARG B 407 -18.14 16.02 -11.66
C ARG B 407 -19.45 15.38 -12.06
N ILE B 408 -19.41 14.52 -13.08
CA ILE B 408 -20.62 13.84 -13.52
C ILE B 408 -21.27 13.05 -12.37
N SER B 409 -22.54 13.34 -12.07
CA SER B 409 -23.27 12.69 -10.98
C SER B 409 -24.58 12.13 -11.52
N PRO B 410 -25.36 11.42 -10.68
CA PRO B 410 -26.66 10.97 -11.19
C PRO B 410 -27.69 12.12 -11.27
N PHE B 437 16.39 14.79 -11.77
CA PHE B 437 15.46 15.72 -12.41
C PHE B 437 14.04 15.14 -12.53
N GLU B 438 13.05 16.00 -12.30
CA GLU B 438 11.64 15.61 -12.25
C GLU B 438 11.03 15.23 -13.60
N PHE B 439 11.40 15.98 -14.64
CA PHE B 439 10.78 15.79 -15.95
C PHE B 439 11.67 14.99 -16.90
N ASP B 440 11.09 13.98 -17.55
CA ASP B 440 11.81 13.22 -18.54
C ASP B 440 12.04 14.09 -19.77
N PRO B 441 13.32 14.40 -20.05
CA PRO B 441 13.66 15.24 -21.19
C PRO B 441 13.23 14.63 -22.53
N HIS B 442 12.89 13.36 -22.52
CA HIS B 442 12.51 12.65 -23.75
C HIS B 442 11.01 12.42 -23.89
N SER B 443 10.20 13.07 -23.06
CA SER B 443 8.76 13.03 -23.28
C SER B 443 8.14 14.41 -23.38
N ASN B 444 6.89 14.44 -23.82
CA ASN B 444 6.12 15.66 -23.91
C ASN B 444 6.09 16.32 -22.53
N PHE B 445 6.31 17.63 -22.47
CA PHE B 445 6.37 18.35 -21.21
C PHE B 445 5.00 18.81 -20.76
N TYR B 446 4.06 18.88 -21.70
CA TYR B 446 2.77 19.50 -21.37
C TYR B 446 1.64 18.51 -21.06
N HIS B 447 1.80 17.26 -21.49
CA HIS B 447 0.83 16.22 -21.19
C HIS B 447 1.48 14.83 -21.18
N PHE B 448 0.84 13.89 -20.50
CA PHE B 448 1.21 12.48 -20.59
C PHE B 448 0.97 11.98 -22.03
N THR B 449 1.70 10.96 -22.45
CA THR B 449 1.59 10.49 -23.84
C THR B 449 0.94 9.11 -23.96
N ARG B 450 0.64 8.49 -22.83
CA ARG B 450 -0.02 7.19 -22.85
C ARG B 450 -1.43 7.29 -23.47
N PRO B 451 -1.95 6.16 -23.99
CA PRO B 451 -3.31 6.14 -24.53
C PRO B 451 -4.32 6.61 -23.49
N LEU B 452 -5.39 7.26 -23.95
CA LEU B 452 -6.43 7.74 -23.02
C LEU B 452 -7.11 6.56 -22.36
N ILE B 453 -7.37 5.54 -23.17
CA ILE B 453 -8.02 4.32 -22.73
C ILE B 453 -7.00 3.20 -22.86
N LYS B 454 -6.98 2.27 -21.90
CA LYS B 454 -6.18 1.06 -22.04
C LYS B 454 -6.46 0.41 -23.40
N PRO B 455 -5.40 0.12 -24.17
CA PRO B 455 -5.53 -0.52 -25.49
C PRO B 455 -6.30 -1.82 -25.41
N GLN B 456 -6.18 -2.53 -24.29
CA GLN B 456 -6.88 -3.81 -24.15
C GLN B 456 -8.40 -3.62 -24.13
N CYS B 457 -8.83 -2.47 -23.61
CA CYS B 457 -10.25 -2.08 -23.59
C CYS B 457 -10.69 -1.50 -24.93
N ALA B 458 -9.99 -0.47 -25.39
CA ALA B 458 -10.27 0.16 -26.69
C ALA B 458 -10.36 -0.83 -27.84
N ALA B 459 -9.58 -1.91 -27.75
CA ALA B 459 -9.56 -2.94 -28.80
C ALA B 459 -10.93 -3.53 -29.09
N TYR B 460 -11.84 -3.52 -28.13
CA TYR B 460 -13.16 -4.13 -28.33
C TYR B 460 -14.15 -3.25 -29.09
N GLY B 461 -13.89 -1.94 -29.14
CA GLY B 461 -14.78 -1.05 -29.87
C GLY B 461 -14.92 0.31 -29.22
N LYS B 462 -16.11 0.89 -29.35
CA LYS B 462 -16.36 2.24 -28.83
C LYS B 462 -16.15 2.31 -27.32
N ALA B 463 -15.42 3.33 -26.88
CA ALA B 463 -15.05 3.46 -25.49
C ALA B 463 -15.63 4.72 -24.86
N LEU B 464 -16.15 4.55 -23.65
CA LEU B 464 -16.68 5.64 -22.86
C LEU B 464 -15.99 5.60 -21.49
N ASP B 465 -15.17 6.60 -21.21
CA ASP B 465 -14.44 6.66 -19.96
C ASP B 465 -15.05 7.70 -19.03
N LEU B 466 -15.74 7.24 -18.00
CA LEU B 466 -16.40 8.11 -17.04
C LEU B 466 -15.72 7.96 -15.69
N SER B 467 -14.47 7.54 -15.70
CA SER B 467 -13.73 7.32 -14.44
C SER B 467 -13.49 8.60 -13.68
N LEU B 468 -13.36 8.48 -12.35
CA LEU B 468 -13.05 9.63 -11.52
C LEU B 468 -14.12 10.71 -11.65
N ASN B 469 -15.37 10.29 -11.60
CA ASN B 469 -16.49 11.22 -11.52
C ASN B 469 -17.27 10.91 -10.25
N SER B 470 -18.54 11.27 -10.21
CA SER B 470 -19.38 11.02 -9.03
C SER B 470 -20.66 10.27 -9.35
N ILE B 471 -20.59 9.33 -10.29
CA ILE B 471 -21.75 8.52 -10.59
C ILE B 471 -21.89 7.45 -9.51
N PHE B 472 -22.31 7.87 -8.33
CA PHE B 472 -22.38 6.98 -7.16
C PHE B 472 -23.54 6.01 -7.24
N PHE B 473 -24.43 6.24 -8.20
CA PHE B 473 -25.58 5.38 -8.41
C PHE B 473 -25.97 5.40 -9.87
N ILE B 474 -26.15 4.21 -10.45
CA ILE B 474 -26.63 4.11 -11.82
C ILE B 474 -28.12 3.79 -11.78
N GLY B 475 -28.93 4.74 -12.21
CA GLY B 475 -30.37 4.54 -12.32
C GLY B 475 -30.70 4.00 -13.70
N PRO B 476 -32.00 3.80 -13.98
CA PRO B 476 -32.49 3.16 -15.22
C PRO B 476 -32.22 3.93 -16.52
N ASN B 477 -31.92 5.23 -16.45
CA ASN B 477 -31.75 6.02 -17.67
C ASN B 477 -30.33 6.54 -17.90
N GLN B 478 -29.40 6.20 -17.01
CA GLN B 478 -28.04 6.73 -17.06
C GLN B 478 -27.34 6.53 -18.41
N PHE B 479 -27.59 5.39 -19.06
CA PHE B 479 -26.89 5.09 -20.31
C PHE B 479 -27.82 5.00 -21.51
N GLU B 480 -28.97 5.66 -21.42
CA GLU B 480 -29.93 5.72 -22.51
C GLU B 480 -29.31 6.57 -23.63
N ASN B 481 -29.65 6.24 -24.87
CA ASN B 481 -29.25 7.05 -26.03
C ASN B 481 -27.74 7.12 -26.29
N LEU B 482 -26.99 6.18 -25.74
CA LEU B 482 -25.56 6.09 -26.02
C LEU B 482 -25.32 5.31 -27.31
N PRO B 483 -24.11 5.44 -27.88
CA PRO B 483 -23.74 4.54 -28.99
C PRO B 483 -23.54 3.13 -28.46
N ASP B 484 -23.09 2.21 -29.32
CA ASP B 484 -22.85 0.84 -28.89
C ASP B 484 -21.51 0.72 -28.16
N ILE B 485 -21.52 0.94 -26.86
CA ILE B 485 -20.30 0.92 -26.08
C ILE B 485 -19.77 -0.49 -25.88
N ALA B 486 -18.48 -0.69 -26.16
CA ALA B 486 -17.84 -2.00 -26.01
C ALA B 486 -16.96 -2.00 -24.77
N CYS B 487 -16.44 -0.81 -24.46
CA CYS B 487 -15.45 -0.60 -23.41
C CYS B 487 -15.96 0.49 -22.51
N LEU B 488 -16.14 0.18 -21.22
CA LEU B 488 -16.77 1.16 -20.34
C LEU B 488 -15.99 1.34 -19.04
N ASN B 489 -15.58 2.57 -18.75
CA ASN B 489 -14.82 2.83 -17.55
C ASN B 489 -15.63 3.62 -16.53
N LEU B 490 -15.95 2.95 -15.42
CA LEU B 490 -16.67 3.61 -14.33
C LEU B 490 -15.85 3.57 -13.07
N SER B 491 -14.54 3.45 -13.22
CA SER B 491 -13.63 3.38 -12.07
C SER B 491 -13.76 4.65 -11.23
N ALA B 492 -13.63 4.50 -9.90
CA ALA B 492 -13.52 5.67 -9.02
C ALA B 492 -14.70 6.60 -9.10
N ASN B 493 -15.89 6.03 -9.00
CA ASN B 493 -17.11 6.83 -8.98
C ASN B 493 -17.85 6.79 -7.65
N SER B 494 -17.16 6.37 -6.58
CA SER B 494 -17.78 6.28 -5.26
C SER B 494 -19.09 5.50 -5.29
N ASN B 495 -19.17 4.49 -6.14
CA ASN B 495 -20.43 3.79 -6.33
C ASN B 495 -20.63 2.70 -5.28
N ALA B 496 -21.67 2.85 -4.49
CA ALA B 496 -21.94 1.93 -3.40
C ALA B 496 -23.23 1.16 -3.63
N GLN B 497 -23.69 1.10 -4.88
CA GLN B 497 -25.00 0.49 -5.13
C GLN B 497 -24.96 -1.04 -5.24
N VAL B 498 -26.12 -1.64 -5.15
CA VAL B 498 -26.31 -3.07 -5.43
C VAL B 498 -26.70 -3.24 -6.89
N LEU B 499 -25.75 -3.66 -7.72
CA LEU B 499 -26.04 -4.01 -9.11
C LEU B 499 -26.94 -5.24 -9.10
N SER B 500 -27.93 -5.26 -9.99
CA SER B 500 -29.04 -6.21 -9.88
C SER B 500 -29.42 -6.80 -11.23
N GLY B 501 -28.67 -6.42 -12.27
CA GLY B 501 -28.85 -7.04 -13.57
C GLY B 501 -29.67 -6.23 -14.54
N THR B 502 -29.88 -4.95 -14.23
CA THR B 502 -30.68 -4.08 -15.10
C THR B 502 -29.96 -2.78 -15.43
N GLU B 503 -28.92 -2.47 -14.69
CA GLU B 503 -28.27 -1.16 -14.79
C GLU B 503 -27.61 -0.88 -16.14
N PHE B 504 -27.23 -1.93 -16.87
CA PHE B 504 -26.49 -1.73 -18.12
C PHE B 504 -27.26 -2.19 -19.35
N SER B 505 -28.58 -2.31 -19.20
CA SER B 505 -29.44 -2.87 -20.25
C SER B 505 -29.44 -2.03 -21.52
N ALA B 506 -29.10 -0.74 -21.40
CA ALA B 506 -29.12 0.17 -22.55
C ALA B 506 -27.85 0.02 -23.37
N ILE B 507 -26.78 -0.47 -22.74
CA ILE B 507 -25.55 -0.78 -23.46
C ILE B 507 -25.20 -2.24 -23.22
N PRO B 508 -26.05 -3.16 -23.71
CA PRO B 508 -25.92 -4.57 -23.36
C PRO B 508 -24.70 -5.24 -23.98
N HIS B 509 -23.97 -4.52 -24.83
CA HIS B 509 -22.84 -5.11 -25.55
C HIS B 509 -21.47 -4.71 -25.02
N VAL B 510 -21.39 -4.23 -23.78
CA VAL B 510 -20.09 -3.95 -23.18
C VAL B 510 -19.28 -5.25 -23.16
N LYS B 511 -18.03 -5.17 -23.60
CA LYS B 511 -17.12 -6.33 -23.66
C LYS B 511 -16.08 -6.24 -22.54
N TYR B 512 -15.73 -5.00 -22.20
CA TYR B 512 -14.72 -4.69 -21.19
C TYR B 512 -15.30 -3.67 -20.25
N LEU B 513 -15.41 -4.04 -18.97
CA LEU B 513 -16.04 -3.21 -17.97
C LEU B 513 -15.13 -3.02 -16.77
N ASP B 514 -14.79 -1.76 -16.50
CA ASP B 514 -13.89 -1.42 -15.43
C ASP B 514 -14.72 -0.76 -14.35
N LEU B 515 -14.84 -1.42 -13.21
CA LEU B 515 -15.57 -0.87 -12.08
C LEU B 515 -14.65 -0.73 -10.89
N THR B 516 -13.36 -0.68 -11.14
CA THR B 516 -12.38 -0.60 -10.06
C THR B 516 -12.61 0.59 -9.14
N ASN B 517 -12.17 0.45 -7.88
CA ASN B 517 -12.02 1.58 -7.00
C ASN B 517 -13.35 2.29 -6.77
N ASN B 518 -14.39 1.50 -6.56
CA ASN B 518 -15.64 2.05 -6.12
C ASN B 518 -15.88 1.48 -4.73
N ARG B 519 -17.13 1.40 -4.31
CA ARG B 519 -17.45 0.77 -3.02
C ARG B 519 -18.65 -0.13 -3.24
N LEU B 520 -18.60 -0.91 -4.30
CA LEU B 520 -19.74 -1.69 -4.75
C LEU B 520 -20.17 -2.72 -3.72
N ASP B 521 -21.48 -2.85 -3.58
CA ASP B 521 -22.08 -3.74 -2.62
C ASP B 521 -22.63 -4.94 -3.38
N PHE B 522 -21.80 -5.96 -3.52
CA PHE B 522 -22.20 -7.14 -4.28
C PHE B 522 -23.19 -7.98 -3.52
N ASP B 523 -24.46 -7.60 -3.63
CA ASP B 523 -25.50 -8.20 -2.83
C ASP B 523 -26.66 -8.71 -3.68
N ASN B 524 -26.39 -9.01 -4.95
CA ASN B 524 -27.41 -9.57 -5.83
C ASN B 524 -26.84 -10.56 -6.86
N ALA B 525 -27.34 -11.79 -6.80
CA ALA B 525 -26.86 -12.87 -7.67
C ALA B 525 -26.97 -12.57 -9.16
N SER B 526 -27.73 -11.52 -9.52
CA SER B 526 -27.99 -11.22 -10.93
C SER B 526 -27.17 -10.06 -11.44
N ALA B 527 -26.28 -9.55 -10.59
CA ALA B 527 -25.45 -8.40 -10.94
C ALA B 527 -24.78 -8.58 -12.30
N LEU B 528 -24.83 -7.53 -13.12
CA LEU B 528 -24.11 -7.48 -14.40
C LEU B 528 -24.50 -8.56 -15.43
N THR B 529 -25.49 -9.39 -15.12
CA THR B 529 -25.86 -10.48 -16.02
C THR B 529 -26.53 -10.01 -17.30
N GLU B 530 -26.78 -8.71 -17.41
CA GLU B 530 -27.37 -8.17 -18.63
C GLU B 530 -26.27 -7.97 -19.67
N LEU B 531 -25.01 -8.13 -19.25
CA LEU B 531 -23.89 -7.94 -20.15
C LEU B 531 -23.44 -9.27 -20.73
N SER B 532 -24.27 -9.83 -21.62
CA SER B 532 -24.09 -11.20 -22.13
C SER B 532 -22.76 -11.40 -22.84
N ASP B 533 -22.18 -10.32 -23.34
CA ASP B 533 -20.98 -10.40 -24.17
C ASP B 533 -19.74 -10.07 -23.37
N LEU B 534 -19.89 -9.96 -22.06
CA LEU B 534 -18.78 -9.48 -21.23
C LEU B 534 -17.61 -10.43 -21.35
N GLU B 535 -16.43 -9.86 -21.56
CA GLU B 535 -15.22 -10.70 -21.67
C GLU B 535 -14.20 -10.36 -20.60
N VAL B 536 -14.16 -9.08 -20.21
CA VAL B 536 -13.24 -8.60 -19.19
C VAL B 536 -13.99 -7.79 -18.16
N LEU B 537 -13.85 -8.18 -16.89
CA LEU B 537 -14.52 -7.52 -15.79
C LEU B 537 -13.51 -7.19 -14.68
N ASP B 538 -13.33 -5.91 -14.41
CA ASP B 538 -12.34 -5.51 -13.41
C ASP B 538 -13.07 -4.91 -12.20
N LEU B 539 -13.11 -5.68 -11.12
CA LEU B 539 -13.76 -5.26 -9.89
C LEU B 539 -12.76 -4.95 -8.78
N SER B 540 -11.50 -4.69 -9.15
CA SER B 540 -10.45 -4.43 -8.17
C SER B 540 -10.76 -3.25 -7.28
N TYR B 541 -10.33 -3.35 -6.02
CA TYR B 541 -10.42 -2.22 -5.11
C TYR B 541 -11.86 -1.83 -4.82
N ASN B 542 -12.69 -2.83 -4.60
CA ASN B 542 -14.05 -2.62 -4.10
C ASN B 542 -14.19 -3.30 -2.74
N SER B 543 -13.29 -2.98 -1.82
CA SER B 543 -13.21 -3.71 -0.56
C SER B 543 -14.26 -3.28 0.45
N HIS B 544 -14.90 -2.14 0.19
CA HIS B 544 -15.71 -1.43 1.20
C HIS B 544 -16.68 -2.34 1.93
N TYR B 545 -17.45 -3.12 1.17
CA TYR B 545 -18.40 -4.03 1.77
C TYR B 545 -17.84 -5.41 2.07
N PHE B 546 -16.93 -5.89 1.22
CA PHE B 546 -16.32 -7.21 1.45
C PHE B 546 -15.64 -7.31 2.81
N ARG B 547 -15.11 -6.19 3.30
CA ARG B 547 -14.34 -6.19 4.55
C ARG B 547 -15.21 -6.33 5.81
N ILE B 548 -16.51 -6.08 5.65
CA ILE B 548 -17.49 -6.21 6.72
C ILE B 548 -18.12 -7.61 6.73
N ALA B 549 -17.87 -8.37 7.80
CA ALA B 549 -18.31 -9.76 7.89
C ALA B 549 -19.83 -9.88 7.96
N GLY B 550 -20.44 -8.92 8.63
CA GLY B 550 -21.86 -8.98 8.95
C GLY B 550 -22.81 -8.64 7.82
N VAL B 551 -22.31 -8.04 6.74
CA VAL B 551 -23.17 -7.84 5.58
C VAL B 551 -23.07 -9.05 4.67
N THR B 552 -24.07 -9.24 3.82
CA THR B 552 -24.01 -10.34 2.87
C THR B 552 -23.17 -9.93 1.67
N HIS B 553 -22.56 -10.92 1.02
CA HIS B 553 -21.73 -10.71 -0.16
C HIS B 553 -22.06 -11.80 -1.13
N HIS B 554 -22.34 -11.43 -2.37
CA HIS B 554 -22.74 -12.42 -3.37
C HIS B 554 -21.91 -12.29 -4.65
N LEU B 555 -21.30 -13.39 -5.06
CA LEU B 555 -20.42 -13.42 -6.22
C LEU B 555 -20.92 -14.43 -7.26
N GLU B 556 -22.14 -14.95 -7.08
CA GLU B 556 -22.68 -16.02 -7.93
C GLU B 556 -22.81 -15.64 -9.39
N PHE B 557 -22.86 -14.34 -9.66
CA PHE B 557 -23.16 -13.83 -11.00
C PHE B 557 -22.09 -14.19 -12.03
N ILE B 558 -20.88 -14.44 -11.54
CA ILE B 558 -19.76 -14.83 -12.39
C ILE B 558 -20.10 -16.02 -13.30
N GLN B 559 -20.96 -16.91 -12.82
CA GLN B 559 -21.29 -18.12 -13.57
C GLN B 559 -22.16 -17.88 -14.81
N ASN B 560 -22.87 -16.76 -14.84
CA ASN B 560 -23.86 -16.52 -15.89
C ASN B 560 -23.26 -16.02 -17.21
N PHE B 561 -21.95 -15.78 -17.22
CA PHE B 561 -21.30 -15.26 -18.43
C PHE B 561 -20.71 -16.39 -19.31
N THR B 562 -21.12 -16.46 -20.57
CA THR B 562 -20.64 -17.52 -21.45
C THR B 562 -19.33 -17.18 -22.17
N ASN B 563 -18.93 -15.91 -22.15
CA ASN B 563 -17.66 -15.52 -22.78
C ASN B 563 -16.76 -14.67 -21.88
N LEU B 564 -17.00 -14.74 -20.57
CA LEU B 564 -16.13 -14.04 -19.65
C LEU B 564 -14.79 -14.74 -19.66
N LYS B 565 -13.72 -13.97 -19.94
CA LYS B 565 -12.38 -14.55 -20.02
C LYS B 565 -11.49 -14.12 -18.86
N VAL B 566 -11.54 -12.84 -18.54
CA VAL B 566 -10.66 -12.23 -17.55
C VAL B 566 -11.45 -11.51 -16.48
N LEU B 567 -11.22 -11.91 -15.23
CA LEU B 567 -11.89 -11.33 -14.08
C LEU B 567 -10.85 -10.93 -13.05
N ASN B 568 -10.85 -9.66 -12.66
CA ASN B 568 -9.93 -9.20 -11.63
C ASN B 568 -10.72 -8.88 -10.34
N LEU B 569 -10.50 -9.68 -9.30
CA LEU B 569 -11.12 -9.43 -8.00
C LEU B 569 -10.10 -8.99 -6.98
N SER B 570 -9.06 -8.29 -7.44
CA SER B 570 -7.93 -7.97 -6.56
C SER B 570 -8.23 -6.90 -5.54
N HIS B 571 -7.50 -6.98 -4.43
CA HIS B 571 -7.57 -6.02 -3.34
C HIS B 571 -9.00 -5.74 -2.92
N ASN B 572 -9.80 -6.79 -2.82
CA ASN B 572 -11.16 -6.64 -2.32
C ASN B 572 -11.28 -7.11 -0.88
N ASN B 573 -10.18 -7.59 -0.32
CA ASN B 573 -10.16 -8.06 1.06
C ASN B 573 -11.25 -9.11 1.29
N ILE B 574 -11.47 -9.95 0.30
CA ILE B 574 -12.50 -10.97 0.40
C ILE B 574 -12.08 -12.04 1.40
N TYR B 575 -12.91 -12.28 2.41
CA TYR B 575 -12.64 -13.37 3.34
C TYR B 575 -13.89 -14.14 3.72
N THR B 576 -15.05 -13.66 3.27
CA THR B 576 -16.30 -14.34 3.58
C THR B 576 -17.37 -14.05 2.53
N LEU B 577 -18.06 -15.10 2.11
CA LEU B 577 -19.13 -14.98 1.11
C LEU B 577 -20.42 -15.58 1.66
N THR B 578 -21.55 -15.16 1.10
CA THR B 578 -22.86 -15.64 1.55
C THR B 578 -23.37 -16.81 0.71
N ASP B 579 -23.84 -17.86 1.38
CA ASP B 579 -24.52 -19.00 0.73
C ASP B 579 -23.63 -19.77 -0.24
N LYS B 580 -23.10 -19.09 -1.26
CA LYS B 580 -22.27 -19.79 -2.24
C LYS B 580 -20.79 -19.47 -2.03
N TYR B 581 -20.00 -20.53 -1.79
CA TYR B 581 -18.61 -20.37 -1.41
C TYR B 581 -17.66 -20.61 -2.58
N ASN B 582 -18.23 -20.98 -3.72
CA ASN B 582 -17.45 -21.34 -4.89
C ASN B 582 -17.62 -20.37 -6.03
N LEU B 583 -16.49 -20.05 -6.67
CA LEU B 583 -16.53 -19.27 -7.92
C LEU B 583 -16.64 -20.29 -9.04
N GLU B 584 -17.52 -20.03 -10.00
CA GLU B 584 -17.75 -20.98 -11.07
C GLU B 584 -17.88 -20.26 -12.42
N SER B 585 -17.36 -20.88 -13.46
CA SER B 585 -17.46 -20.34 -14.84
C SER B 585 -16.89 -21.33 -15.81
N LYS B 586 -17.62 -21.59 -16.90
CA LYS B 586 -17.15 -22.50 -17.92
C LYS B 586 -16.12 -21.82 -18.79
N SER B 587 -16.17 -20.49 -18.84
CA SER B 587 -15.39 -19.74 -19.82
C SER B 587 -14.13 -19.09 -19.29
N LEU B 588 -14.11 -18.72 -18.00
CA LEU B 588 -13.03 -17.90 -17.46
C LEU B 588 -11.65 -18.51 -17.69
N VAL B 589 -10.69 -17.69 -18.10
CA VAL B 589 -9.35 -18.21 -18.37
C VAL B 589 -8.33 -17.61 -17.40
N GLU B 590 -8.62 -16.41 -16.92
CA GLU B 590 -7.73 -15.72 -15.98
C GLU B 590 -8.49 -15.10 -14.83
N LEU B 591 -8.06 -15.42 -13.61
CA LEU B 591 -8.61 -14.83 -12.40
C LEU B 591 -7.51 -14.18 -11.58
N VAL B 592 -7.70 -12.91 -11.27
CA VAL B 592 -6.81 -12.20 -10.39
C VAL B 592 -7.48 -12.12 -9.02
N PHE B 593 -6.92 -12.82 -8.04
CA PHE B 593 -7.50 -12.85 -6.70
C PHE B 593 -6.54 -12.28 -5.65
N SER B 594 -5.56 -11.53 -6.13
CA SER B 594 -4.56 -10.92 -5.26
C SER B 594 -5.13 -9.87 -4.29
N GLY B 595 -4.54 -9.75 -3.11
CA GLY B 595 -4.96 -8.72 -2.18
C GLY B 595 -6.27 -9.08 -1.54
N ASN B 596 -6.53 -10.37 -1.42
CA ASN B 596 -7.70 -10.82 -0.68
C ASN B 596 -7.25 -11.56 0.58
N ARG B 597 -8.12 -12.39 1.17
CA ARG B 597 -7.74 -13.07 2.40
C ARG B 597 -7.92 -14.59 2.31
N LEU B 598 -7.21 -15.22 1.38
CA LEU B 598 -7.22 -16.67 1.30
C LEU B 598 -6.70 -17.30 2.59
N ASP B 599 -5.88 -16.60 3.35
CA ASP B 599 -5.43 -17.16 4.62
C ASP B 599 -6.64 -17.44 5.51
N ILE B 600 -7.63 -16.54 5.49
CA ILE B 600 -8.87 -16.76 6.24
C ILE B 600 -9.79 -17.77 5.56
N LEU B 601 -10.02 -17.58 4.26
CA LEU B 601 -10.88 -18.48 3.48
C LEU B 601 -10.44 -19.94 3.58
N TRP B 602 -9.13 -20.16 3.49
CA TRP B 602 -8.58 -21.51 3.57
C TRP B 602 -8.08 -21.86 4.95
N ASN B 603 -8.61 -21.20 5.97
CA ASN B 603 -8.25 -21.56 7.34
C ASN B 603 -8.46 -23.04 7.64
N ASP B 604 -7.52 -23.62 8.39
CA ASP B 604 -7.51 -25.06 8.67
C ASP B 604 -8.78 -25.61 9.30
N ASP B 605 -9.57 -24.74 9.92
CA ASP B 605 -10.75 -25.20 10.64
C ASP B 605 -12.04 -24.99 9.85
N ASP B 606 -11.91 -24.69 8.56
CA ASP B 606 -13.06 -24.34 7.74
C ASP B 606 -12.97 -24.97 6.36
N ASN B 607 -13.89 -25.89 6.06
CA ASN B 607 -13.87 -26.58 4.78
C ASN B 607 -14.73 -25.93 3.71
N ARG B 608 -15.34 -24.79 4.03
CA ARG B 608 -16.33 -24.21 3.13
C ARG B 608 -15.79 -23.68 1.80
N TYR B 609 -14.59 -23.11 1.82
CA TYR B 609 -13.99 -22.55 0.60
C TYR B 609 -12.93 -23.45 0.00
N ILE B 610 -12.99 -24.70 0.38
CA ILE B 610 -11.95 -25.63 -0.01
C ILE B 610 -11.92 -25.86 -1.53
N SER B 611 -13.07 -25.66 -2.19
CA SER B 611 -13.17 -25.80 -3.65
C SER B 611 -13.44 -24.47 -4.33
N ILE B 612 -13.04 -23.38 -3.69
CA ILE B 612 -13.39 -22.03 -4.14
C ILE B 612 -13.14 -21.75 -5.64
N PHE B 613 -12.08 -22.32 -6.21
CA PHE B 613 -11.72 -22.06 -7.62
C PHE B 613 -11.95 -23.27 -8.55
N LYS B 614 -12.29 -24.41 -7.95
CA LYS B 614 -12.52 -25.67 -8.69
C LYS B 614 -13.47 -25.51 -9.87
N GLY B 615 -14.51 -24.70 -9.72
CA GLY B 615 -15.51 -24.54 -10.76
C GLY B 615 -15.10 -23.59 -11.89
N LEU B 616 -13.90 -23.05 -11.80
CA LEU B 616 -13.34 -22.26 -12.88
C LEU B 616 -12.64 -23.26 -13.79
N LYS B 617 -13.44 -24.00 -14.55
CA LYS B 617 -13.00 -25.19 -15.29
C LYS B 617 -12.07 -24.93 -16.48
N ASN B 618 -11.98 -23.68 -16.89
CA ASN B 618 -11.24 -23.33 -18.10
C ASN B 618 -9.98 -22.51 -17.78
N LEU B 619 -9.76 -22.26 -16.49
CA LEU B 619 -8.74 -21.33 -16.03
C LEU B 619 -7.34 -21.81 -16.37
N THR B 620 -6.52 -20.92 -16.93
CA THR B 620 -5.11 -21.24 -17.19
C THR B 620 -4.19 -20.28 -16.43
N ARG B 621 -4.75 -19.18 -15.95
CA ARG B 621 -3.97 -18.21 -15.17
C ARG B 621 -4.68 -17.78 -13.89
N LEU B 622 -4.00 -17.99 -12.76
CA LEU B 622 -4.54 -17.69 -11.43
C LEU B 622 -3.52 -16.90 -10.62
N ASP B 623 -3.93 -15.75 -10.09
CA ASP B 623 -3.02 -14.92 -9.30
C ASP B 623 -3.47 -14.96 -7.83
N LEU B 624 -2.68 -15.62 -6.99
CA LEU B 624 -3.01 -15.68 -5.55
C LEU B 624 -2.04 -14.88 -4.70
N SER B 625 -1.43 -13.87 -5.29
CA SER B 625 -0.45 -13.08 -4.57
C SER B 625 -1.08 -12.25 -3.47
N LEU B 626 -0.28 -11.89 -2.47
CA LEU B 626 -0.73 -10.97 -1.44
C LEU B 626 -2.03 -11.41 -0.76
N ASN B 627 -2.10 -12.68 -0.39
CA ASN B 627 -3.25 -13.16 0.36
C ASN B 627 -2.84 -13.59 1.78
N ARG B 628 -1.68 -13.09 2.21
CA ARG B 628 -1.16 -13.39 3.55
C ARG B 628 -1.12 -14.88 3.87
N LEU B 629 -0.95 -15.70 2.85
CA LEU B 629 -0.92 -17.15 3.04
C LEU B 629 0.38 -17.61 3.70
N LYS B 630 0.24 -18.32 4.83
CA LYS B 630 1.39 -18.94 5.49
C LYS B 630 1.56 -20.38 5.00
N HIS B 631 0.44 -21.01 4.68
CA HIS B 631 0.43 -22.31 4.00
C HIS B 631 -0.95 -22.54 3.37
N ILE B 632 -0.96 -23.29 2.27
CA ILE B 632 -2.20 -23.71 1.63
C ILE B 632 -2.48 -25.17 1.99
N PRO B 633 -3.71 -25.46 2.45
CA PRO B 633 -4.05 -26.86 2.78
C PRO B 633 -3.95 -27.72 1.53
N ASN B 634 -3.43 -28.93 1.68
CA ASN B 634 -3.22 -29.81 0.54
C ASN B 634 -4.46 -29.99 -0.32
N GLU B 635 -5.60 -30.15 0.35
CA GLU B 635 -6.88 -30.39 -0.32
C GLU B 635 -7.30 -29.17 -1.13
N ALA B 636 -7.03 -27.99 -0.59
CA ALA B 636 -7.32 -26.74 -1.27
C ALA B 636 -6.46 -26.58 -2.53
N PHE B 637 -5.16 -26.88 -2.41
CA PHE B 637 -4.26 -26.75 -3.54
C PHE B 637 -4.69 -27.71 -4.64
N LEU B 638 -5.06 -28.92 -4.22
CA LEU B 638 -5.47 -29.96 -5.16
C LEU B 638 -6.83 -29.66 -5.80
N ASN B 639 -7.56 -28.70 -5.25
CA ASN B 639 -8.82 -28.28 -5.85
C ASN B 639 -8.69 -27.09 -6.79
N LEU B 640 -7.48 -26.58 -6.95
CA LEU B 640 -7.22 -25.57 -7.97
C LEU B 640 -7.46 -26.26 -9.33
N PRO B 641 -7.92 -25.49 -10.32
CA PRO B 641 -8.29 -26.04 -11.64
C PRO B 641 -7.11 -26.74 -12.31
N ALA B 642 -7.28 -27.99 -12.71
CA ALA B 642 -6.24 -28.79 -13.36
C ALA B 642 -5.77 -28.20 -14.68
N SER B 643 -6.51 -27.21 -15.19
CA SER B 643 -6.19 -26.61 -16.46
C SER B 643 -5.14 -25.50 -16.31
N LEU B 644 -4.72 -25.21 -15.08
CA LEU B 644 -3.77 -24.11 -14.87
C LEU B 644 -2.45 -24.26 -15.66
N THR B 645 -2.01 -23.18 -16.27
CA THR B 645 -0.70 -23.15 -16.91
C THR B 645 0.20 -22.15 -16.17
N GLU B 646 -0.44 -21.22 -15.48
CA GLU B 646 0.27 -20.15 -14.78
C GLU B 646 -0.29 -19.94 -13.37
N LEU B 647 0.55 -20.13 -12.36
CA LEU B 647 0.11 -19.95 -10.99
C LEU B 647 1.05 -19.04 -10.20
N HIS B 648 0.53 -17.89 -9.78
CA HIS B 648 1.29 -16.97 -8.97
C HIS B 648 0.81 -17.01 -7.53
N ILE B 649 1.72 -17.37 -6.64
CA ILE B 649 1.45 -17.26 -5.21
C ILE B 649 2.54 -16.42 -4.54
N ASN B 650 3.01 -15.41 -5.27
CA ASN B 650 4.09 -14.57 -4.79
C ASN B 650 3.64 -13.60 -3.70
N ASP B 651 4.61 -13.13 -2.92
CA ASP B 651 4.33 -12.10 -1.94
C ASP B 651 3.27 -12.51 -0.94
N ASN B 652 3.36 -13.76 -0.51
CA ASN B 652 2.60 -14.21 0.65
C ASN B 652 3.61 -14.39 1.78
N MET B 653 3.34 -15.32 2.69
CA MET B 653 4.29 -15.59 3.77
C MET B 653 4.41 -17.09 3.90
N LEU B 654 4.40 -17.73 2.75
CA LEU B 654 4.47 -19.19 2.67
C LEU B 654 5.78 -19.70 3.24
N LYS B 655 5.68 -20.63 4.20
CA LYS B 655 6.84 -21.27 4.80
C LYS B 655 6.87 -22.72 4.34
N PHE B 656 5.75 -23.17 3.80
CA PHE B 656 5.62 -24.53 3.33
C PHE B 656 5.05 -24.55 1.91
N PHE B 657 5.57 -25.44 1.08
CA PHE B 657 4.97 -25.74 -0.21
C PHE B 657 5.11 -27.23 -0.49
N ASN B 658 4.00 -27.89 -0.76
CA ASN B 658 4.03 -29.32 -1.06
C ASN B 658 4.31 -29.54 -2.56
N TRP B 659 5.56 -29.89 -2.89
CA TRP B 659 5.93 -30.02 -4.29
C TRP B 659 5.30 -31.22 -4.98
N THR B 660 4.89 -32.19 -4.19
CA THR B 660 4.24 -33.40 -4.70
C THR B 660 2.92 -33.08 -5.42
N LEU B 661 2.26 -32.00 -5.01
CA LEU B 661 0.93 -31.70 -5.53
C LEU B 661 0.97 -31.24 -6.98
N LEU B 662 2.16 -30.83 -7.45
CA LEU B 662 2.36 -30.44 -8.83
C LEU B 662 1.97 -31.55 -9.81
N GLN B 663 1.87 -32.77 -9.30
CA GLN B 663 1.41 -33.93 -10.05
C GLN B 663 0.04 -33.73 -10.68
N GLN B 664 -0.88 -33.08 -9.98
CA GLN B 664 -2.23 -32.93 -10.50
C GLN B 664 -2.35 -31.76 -11.47
N PHE B 665 -1.22 -31.16 -11.84
CA PHE B 665 -1.25 -30.04 -12.76
C PHE B 665 -0.33 -30.22 -13.97
N PRO B 666 -0.71 -31.14 -14.88
CA PRO B 666 0.12 -31.56 -16.04
C PRO B 666 0.37 -30.47 -17.07
N ARG B 667 -0.37 -29.36 -17.02
CA ARG B 667 -0.19 -28.27 -17.97
C ARG B 667 0.54 -27.07 -17.38
N LEU B 668 0.89 -27.15 -16.10
CA LEU B 668 1.54 -26.03 -15.41
C LEU B 668 2.91 -25.70 -15.97
N GLU B 669 3.08 -24.48 -16.47
CA GLU B 669 4.34 -24.06 -17.10
C GLU B 669 5.11 -23.10 -16.22
N LEU B 670 4.38 -22.21 -15.55
CA LEU B 670 5.00 -21.19 -14.71
C LEU B 670 4.48 -21.27 -13.27
N LEU B 671 5.40 -21.44 -12.32
CA LEU B 671 5.06 -21.38 -10.91
C LEU B 671 5.84 -20.25 -10.24
N ASP B 672 5.11 -19.28 -9.71
CA ASP B 672 5.69 -18.09 -9.10
C ASP B 672 5.49 -18.09 -7.59
N LEU B 673 6.58 -18.25 -6.84
CA LEU B 673 6.54 -18.33 -5.39
C LEU B 673 7.44 -17.27 -4.77
N ARG B 674 7.79 -16.26 -5.56
CA ARG B 674 8.67 -15.19 -5.12
C ARG B 674 8.12 -14.48 -3.87
N GLY B 675 9.01 -14.01 -3.01
CA GLY B 675 8.60 -13.14 -1.91
C GLY B 675 7.79 -13.87 -0.87
N ASN B 676 8.24 -15.06 -0.51
CA ASN B 676 7.65 -15.80 0.60
C ASN B 676 8.71 -16.06 1.67
N LYS B 677 8.58 -17.16 2.39
CA LYS B 677 9.55 -17.52 3.43
C LYS B 677 9.91 -19.00 3.33
N LEU B 678 9.98 -19.51 2.11
CA LEU B 678 10.27 -20.92 1.88
C LEU B 678 11.72 -21.25 2.24
N LEU B 679 11.96 -22.47 2.75
CA LEU B 679 13.30 -22.87 3.14
C LEU B 679 13.72 -24.12 2.38
N PHE B 680 12.74 -24.96 2.08
CA PHE B 680 12.99 -26.28 1.53
C PHE B 680 12.62 -26.31 0.06
N LEU B 681 13.49 -26.92 -0.74
CA LEU B 681 13.21 -27.18 -2.14
C LEU B 681 13.12 -28.69 -2.28
N THR B 682 12.25 -29.16 -3.16
CA THR B 682 12.15 -30.61 -3.40
C THR B 682 13.45 -31.09 -4.02
N ASP B 683 13.73 -32.39 -3.91
CA ASP B 683 14.94 -32.94 -4.49
C ASP B 683 14.56 -33.87 -5.63
N SER B 684 13.28 -33.87 -5.97
CA SER B 684 12.76 -34.70 -7.04
C SER B 684 11.57 -34.04 -7.73
N LEU B 685 11.81 -32.86 -8.28
CA LEU B 685 10.78 -32.08 -8.96
C LEU B 685 10.31 -32.76 -10.26
N SER B 686 11.22 -33.40 -10.96
CA SER B 686 10.87 -34.03 -12.24
C SER B 686 10.03 -35.27 -12.04
N ASP B 687 10.01 -35.78 -10.82
CA ASP B 687 9.11 -36.86 -10.49
C ASP B 687 7.69 -36.28 -10.42
N PHE B 688 7.62 -34.96 -10.25
CA PHE B 688 6.36 -34.31 -9.94
C PHE B 688 5.83 -33.45 -11.07
N THR B 689 6.70 -33.12 -12.02
CA THR B 689 6.29 -32.32 -13.16
C THR B 689 7.17 -32.52 -14.39
N SER B 690 6.55 -32.46 -15.56
CA SER B 690 7.25 -32.58 -16.83
C SER B 690 7.06 -31.30 -17.61
N SER B 691 6.11 -30.48 -17.15
CA SER B 691 5.64 -29.33 -17.92
C SER B 691 6.25 -28.01 -17.45
N LEU B 692 6.57 -27.94 -16.15
CA LEU B 692 7.09 -26.72 -15.53
C LEU B 692 8.32 -26.19 -16.28
N ARG B 693 8.21 -24.96 -16.80
CA ARG B 693 9.29 -24.38 -17.58
C ARG B 693 10.00 -23.25 -16.82
N THR B 694 9.21 -22.53 -16.02
CA THR B 694 9.71 -21.40 -15.24
C THR B 694 9.34 -21.58 -13.77
N LEU B 695 10.33 -21.43 -12.88
CA LEU B 695 10.09 -21.50 -11.44
C LEU B 695 10.72 -20.30 -10.75
N LEU B 696 9.90 -19.46 -10.14
CA LEU B 696 10.41 -18.23 -9.57
C LEU B 696 10.42 -18.35 -8.04
N LEU B 697 11.61 -18.27 -7.46
CA LEU B 697 11.76 -18.48 -6.01
C LEU B 697 12.51 -17.34 -5.34
N SER B 698 12.72 -16.25 -6.08
CA SER B 698 13.50 -15.13 -5.56
C SER B 698 12.87 -14.54 -4.31
N HIS B 699 13.71 -14.00 -3.43
CA HIS B 699 13.27 -13.46 -2.15
C HIS B 699 12.52 -14.52 -1.35
N ASN B 700 13.18 -15.65 -1.13
CA ASN B 700 12.75 -16.62 -0.13
C ASN B 700 13.86 -16.85 0.87
N ARG B 701 13.80 -17.97 1.59
CA ARG B 701 14.81 -18.25 2.61
C ARG B 701 15.48 -19.60 2.37
N ILE B 702 15.60 -19.98 1.11
CA ILE B 702 16.30 -21.23 0.75
C ILE B 702 17.79 -21.04 1.00
N SER B 703 18.40 -21.97 1.72
CA SER B 703 19.80 -21.84 2.12
C SER B 703 20.62 -23.04 1.70
N HIS B 704 19.95 -24.00 1.06
CA HIS B 704 20.60 -25.22 0.61
C HIS B 704 19.91 -25.78 -0.63
N LEU B 705 20.70 -26.17 -1.62
CA LEU B 705 20.17 -26.85 -2.81
C LEU B 705 20.50 -28.34 -2.70
N PRO B 706 19.48 -29.20 -2.89
CA PRO B 706 19.65 -30.66 -2.70
C PRO B 706 20.50 -31.31 -3.79
N SER B 707 21.07 -32.48 -3.49
CA SER B 707 21.99 -33.16 -4.38
C SER B 707 21.48 -33.44 -5.78
N GLY B 708 20.22 -33.81 -5.91
CA GLY B 708 19.71 -34.18 -7.22
C GLY B 708 19.14 -33.01 -7.98
N PHE B 709 19.02 -31.88 -7.28
CA PHE B 709 18.23 -30.72 -7.72
C PHE B 709 18.24 -30.37 -9.20
N LEU B 710 19.31 -29.71 -9.64
CA LEU B 710 19.44 -29.23 -11.02
C LEU B 710 19.23 -30.34 -12.05
N SER B 711 19.68 -31.55 -11.71
CA SER B 711 19.62 -32.67 -12.64
C SER B 711 18.22 -33.23 -12.82
N GLU B 712 17.44 -33.25 -11.74
CA GLU B 712 16.11 -33.84 -11.78
C GLU B 712 15.32 -33.30 -12.93
N VAL B 713 15.07 -31.99 -12.88
CA VAL B 713 14.16 -31.33 -13.81
C VAL B 713 14.72 -31.01 -15.20
N SER B 714 14.40 -31.87 -16.16
CA SER B 714 14.69 -31.57 -17.56
C SER B 714 13.62 -30.65 -18.14
N SER B 715 12.68 -30.23 -17.30
CA SER B 715 11.58 -29.39 -17.76
C SER B 715 11.92 -27.90 -17.64
N LEU B 716 12.63 -27.55 -16.57
CA LEU B 716 12.89 -26.16 -16.20
C LEU B 716 13.80 -25.41 -17.17
N LYS B 717 13.29 -24.35 -17.79
CA LYS B 717 14.07 -23.49 -18.67
C LYS B 717 14.63 -22.31 -17.90
N HIS B 718 13.87 -21.85 -16.92
CA HIS B 718 14.19 -20.64 -16.19
C HIS B 718 14.08 -20.93 -14.68
N LEU B 719 15.18 -20.80 -13.96
CA LEU B 719 15.17 -20.95 -12.51
C LEU B 719 15.65 -19.67 -11.83
N ASP B 720 14.81 -19.09 -10.99
CA ASP B 720 15.14 -17.87 -10.26
C ASP B 720 15.35 -18.13 -8.77
N LEU B 721 16.62 -18.18 -8.35
CA LEU B 721 16.96 -18.37 -6.94
C LEU B 721 17.60 -17.14 -6.32
N SER B 722 17.43 -15.99 -6.97
CA SER B 722 18.05 -14.76 -6.49
C SER B 722 17.50 -14.33 -5.13
N SER B 723 18.32 -13.62 -4.35
CA SER B 723 17.89 -13.07 -3.07
C SER B 723 17.33 -14.13 -2.14
N ASN B 724 18.02 -15.27 -2.08
CA ASN B 724 17.73 -16.29 -1.10
C ASN B 724 18.90 -16.33 -0.13
N LEU B 725 19.04 -17.40 0.64
CA LEU B 725 20.10 -17.47 1.65
C LEU B 725 21.21 -18.48 1.32
N LEU B 726 21.50 -18.64 0.04
CA LEU B 726 22.57 -19.55 -0.39
C LEU B 726 23.95 -18.97 -0.10
N LYS B 727 24.83 -19.76 0.51
CA LYS B 727 26.20 -19.32 0.76
C LYS B 727 27.16 -20.08 -0.13
N THR B 728 26.67 -21.19 -0.69
CA THR B 728 27.43 -21.94 -1.67
C THR B 728 26.50 -22.83 -2.47
N ILE B 729 27.02 -23.37 -3.58
CA ILE B 729 26.34 -24.42 -4.30
C ILE B 729 27.33 -25.54 -4.60
N ASN B 730 27.08 -26.71 -4.03
CA ASN B 730 28.01 -27.83 -4.15
C ASN B 730 27.99 -28.45 -5.54
N LYS B 731 29.08 -29.09 -5.91
CA LYS B 731 29.19 -29.83 -7.18
C LYS B 731 27.97 -30.73 -7.39
N SER B 732 27.62 -31.46 -6.34
CA SER B 732 26.51 -32.41 -6.36
C SER B 732 25.21 -31.84 -6.93
N ALA B 733 24.81 -30.67 -6.46
CA ALA B 733 23.51 -30.11 -6.83
C ALA B 733 23.46 -29.60 -8.27
N LEU B 734 24.49 -29.88 -9.06
CA LEU B 734 24.66 -29.20 -10.35
C LEU B 734 24.15 -29.92 -11.62
N GLU B 735 24.42 -31.21 -11.77
CA GLU B 735 23.91 -31.98 -12.90
C GLU B 735 24.17 -33.47 -12.77
N THR B 736 23.44 -34.26 -13.56
CA THR B 736 23.72 -35.68 -13.76
C THR B 736 23.95 -35.92 -15.23
N LYS B 737 24.15 -34.84 -15.96
CA LYS B 737 24.17 -34.88 -17.42
C LYS B 737 22.85 -35.46 -17.94
N THR B 738 21.89 -34.59 -18.20
CA THR B 738 20.60 -35.03 -18.72
C THR B 738 20.17 -34.14 -19.87
N THR B 739 18.94 -34.33 -20.34
CA THR B 739 18.37 -33.47 -21.37
C THR B 739 17.91 -32.15 -20.76
N THR B 740 18.80 -31.52 -19.99
CA THR B 740 18.46 -30.31 -19.23
C THR B 740 18.15 -29.13 -20.13
N LYS B 741 16.96 -28.55 -19.95
CA LYS B 741 16.53 -27.44 -20.78
C LYS B 741 16.84 -26.09 -20.15
N LEU B 742 17.48 -26.12 -18.99
CA LEU B 742 17.83 -24.92 -18.24
C LEU B 742 18.66 -23.94 -19.08
N SER B 743 18.14 -22.73 -19.24
CA SER B 743 18.81 -21.73 -20.06
C SER B 743 19.05 -20.44 -19.27
N MET B 744 18.36 -20.29 -18.14
CA MET B 744 18.61 -19.13 -17.28
C MET B 744 18.53 -19.46 -15.79
N LEU B 745 19.60 -19.13 -15.08
CA LEU B 745 19.68 -19.33 -13.63
C LEU B 745 20.03 -18.00 -12.98
N GLU B 746 19.14 -17.53 -12.11
CA GLU B 746 19.36 -16.27 -11.40
C GLU B 746 19.82 -16.54 -9.97
N LEU B 747 20.93 -15.93 -9.60
CA LEU B 747 21.55 -16.23 -8.31
C LEU B 747 22.04 -14.98 -7.58
N HIS B 748 21.89 -13.82 -8.21
CA HIS B 748 22.36 -12.58 -7.59
C HIS B 748 21.64 -12.37 -6.26
N GLY B 749 22.27 -11.65 -5.34
CA GLY B 749 21.64 -11.34 -4.08
C GLY B 749 21.77 -12.41 -3.01
N ASN B 750 22.44 -13.51 -3.34
CA ASN B 750 22.72 -14.56 -2.37
C ASN B 750 24.03 -14.31 -1.62
N PRO B 751 24.03 -14.60 -0.31
CA PRO B 751 25.20 -14.35 0.56
C PRO B 751 26.29 -15.38 0.36
N PHE B 752 26.91 -15.40 -0.81
CA PHE B 752 27.89 -16.43 -1.11
C PHE B 752 29.16 -16.35 -0.26
N GLU B 753 29.57 -17.51 0.24
CA GLU B 753 30.84 -17.64 0.95
C GLU B 753 31.94 -17.91 -0.05
N CYS B 754 32.78 -16.90 -0.28
CA CYS B 754 33.86 -17.03 -1.25
C CYS B 754 35.12 -17.62 -0.63
N THR B 755 35.09 -18.93 -0.46
CA THR B 755 36.25 -19.74 -0.14
C THR B 755 36.33 -20.77 -1.24
N CYS B 756 37.12 -21.83 -1.03
CA CYS B 756 37.26 -22.89 -2.01
C CYS B 756 35.93 -23.62 -2.25
N ASP B 757 35.04 -23.56 -1.28
CA ASP B 757 33.71 -24.15 -1.37
C ASP B 757 32.90 -23.56 -2.52
N ILE B 758 33.31 -22.37 -2.95
CA ILE B 758 32.68 -21.69 -4.09
C ILE B 758 33.28 -22.21 -5.40
N GLY B 759 34.32 -23.04 -5.27
CA GLY B 759 35.09 -23.52 -6.40
C GLY B 759 34.34 -24.37 -7.42
N ASP B 760 33.52 -25.30 -6.94
CA ASP B 760 32.75 -26.15 -7.83
C ASP B 760 31.82 -25.32 -8.72
N PHE B 761 31.18 -24.32 -8.11
CA PHE B 761 30.26 -23.48 -8.85
C PHE B 761 30.95 -22.63 -9.91
N ARG B 762 32.12 -22.07 -9.60
CA ARG B 762 32.91 -21.34 -10.59
C ARG B 762 33.21 -22.25 -11.77
N ARG B 763 33.64 -23.48 -11.45
CA ARG B 763 33.93 -24.46 -12.47
C ARG B 763 32.68 -24.79 -13.27
N TRP B 764 31.56 -25.03 -12.58
CA TRP B 764 30.29 -25.28 -13.25
C TRP B 764 29.92 -24.19 -14.25
N MET B 765 30.02 -22.93 -13.82
CA MET B 765 29.74 -21.79 -14.71
C MET B 765 30.62 -21.81 -15.95
N ASP B 766 31.93 -22.01 -15.75
CA ASP B 766 32.87 -21.97 -16.86
C ASP B 766 32.66 -23.15 -17.81
N GLU B 767 32.16 -24.26 -17.28
CA GLU B 767 31.91 -25.45 -18.10
C GLU B 767 30.45 -25.58 -18.52
N HIS B 768 29.63 -24.56 -18.25
CA HIS B 768 28.23 -24.56 -18.67
C HIS B 768 27.82 -23.18 -19.21
N LEU B 769 28.28 -22.85 -20.41
CA LEU B 769 28.06 -21.52 -20.97
C LEU B 769 26.67 -21.34 -21.56
N ASN B 770 26.00 -22.43 -21.90
CA ASN B 770 24.63 -22.36 -22.41
C ASN B 770 23.63 -21.96 -21.33
N VAL B 771 24.08 -21.93 -20.08
CA VAL B 771 23.24 -21.45 -18.99
C VAL B 771 23.60 -20.01 -18.69
N LYS B 772 22.70 -19.10 -19.03
CA LYS B 772 22.91 -17.68 -18.75
C LYS B 772 22.61 -17.35 -17.30
N ILE B 773 23.53 -16.65 -16.65
CA ILE B 773 23.28 -16.12 -15.30
C ILE B 773 23.33 -14.60 -15.35
N PRO B 774 22.15 -13.95 -15.25
CA PRO B 774 22.01 -12.49 -15.35
C PRO B 774 22.62 -11.79 -14.15
N ARG B 775 22.92 -10.50 -14.30
CA ARG B 775 23.40 -9.67 -13.19
C ARG B 775 24.52 -10.36 -12.43
N LEU B 776 25.44 -10.92 -13.20
CA LEU B 776 26.55 -11.70 -12.65
C LEU B 776 27.45 -10.83 -11.80
N VAL B 777 27.44 -9.52 -12.04
CA VAL B 777 28.21 -8.60 -11.21
C VAL B 777 27.55 -8.47 -9.84
N ASP B 778 26.28 -8.84 -9.76
CA ASP B 778 25.56 -8.84 -8.49
C ASP B 778 25.54 -10.21 -7.82
N VAL B 779 26.26 -11.16 -8.41
CA VAL B 779 26.50 -12.45 -7.76
C VAL B 779 27.77 -12.30 -6.93
N ILE B 780 27.59 -12.00 -5.65
CA ILE B 780 28.64 -11.39 -4.85
C ILE B 780 28.98 -12.17 -3.57
N CYS B 781 30.25 -12.14 -3.18
CA CYS B 781 30.68 -12.70 -1.91
C CYS B 781 30.18 -11.82 -0.77
N ALA B 782 29.48 -12.43 0.19
CA ALA B 782 29.15 -11.73 1.42
C ALA B 782 30.26 -11.95 2.43
N SER B 783 31.06 -12.98 2.21
CA SER B 783 32.10 -13.37 3.13
C SER B 783 33.24 -14.06 2.38
N PRO B 784 34.43 -14.15 2.99
CA PRO B 784 34.84 -13.52 4.26
C PRO B 784 35.14 -12.03 4.09
N GLY B 785 35.40 -11.35 5.21
CA GLY B 785 35.54 -9.91 5.27
C GLY B 785 36.32 -9.20 4.18
N ASP B 786 37.48 -9.73 3.83
CA ASP B 786 38.33 -9.10 2.82
C ASP B 786 37.86 -9.36 1.40
N GLN B 787 36.98 -10.34 1.23
CA GLN B 787 36.47 -10.70 -0.09
C GLN B 787 35.09 -10.13 -0.35
N ARG B 788 34.45 -9.61 0.68
CA ARG B 788 33.04 -9.25 0.57
C ARG B 788 32.83 -7.99 -0.28
N GLY B 789 31.73 -8.00 -1.03
CA GLY B 789 31.45 -6.95 -1.98
C GLY B 789 32.01 -7.28 -3.35
N LYS B 790 32.92 -8.25 -3.40
CA LYS B 790 33.50 -8.66 -4.68
C LYS B 790 32.57 -9.61 -5.40
N SER B 791 32.35 -9.36 -6.69
CA SER B 791 31.69 -10.33 -7.56
C SER B 791 32.43 -11.65 -7.47
N ILE B 792 31.70 -12.76 -7.36
CA ILE B 792 32.36 -14.07 -7.19
C ILE B 792 33.22 -14.44 -8.40
N VAL B 793 32.88 -13.88 -9.56
CA VAL B 793 33.64 -14.15 -10.79
C VAL B 793 35.03 -13.50 -10.75
N SER B 794 35.17 -12.43 -9.97
CA SER B 794 36.42 -11.68 -9.90
C SER B 794 37.43 -12.20 -8.87
N LEU B 795 37.22 -13.39 -8.33
CA LEU B 795 38.08 -13.92 -7.27
C LEU B 795 39.16 -14.87 -7.78
#